data_5UKE
#
_entry.id   5UKE
#
_entity_poly.entity_id   1
_entity_poly.type   'polypeptide(L)'
_entity_poly.pdbx_seq_one_letter_code
;SEFGSMAGNCGARGALSAHTLLFDLPPALLGELCAVLDSCDGALGWRGLAERLSSSWLDVDHIEKEVDQGKSGTRELLWS
WAQKNKTIGDLLQVLQEMGHRRAIHLITNYGAVLSPSEKSYQEG
;
_entity_poly.pdbx_strand_id   A
#
# COMPACT_ATOMS: atom_id res chain seq x y z
N SER A 1 0.54 -24.75 6.58
CA SER A 1 -0.24 -23.51 6.87
C SER A 1 -0.44 -22.67 5.61
N GLU A 2 0.14 -23.15 4.51
CA GLU A 2 0.03 -22.45 3.23
C GLU A 2 -1.38 -22.60 2.65
N PHE A 3 -1.90 -21.50 2.10
CA PHE A 3 -3.24 -21.48 1.50
C PHE A 3 -4.32 -21.89 2.51
N GLY A 4 -4.11 -21.55 3.77
CA GLY A 4 -5.08 -21.87 4.81
C GLY A 4 -6.16 -20.84 4.93
N SER A 5 -7.07 -21.04 5.89
CA SER A 5 -8.17 -20.09 6.09
C SER A 5 -8.08 -19.47 7.48
N MET A 6 -8.36 -18.17 7.56
CA MET A 6 -8.32 -17.44 8.82
C MET A 6 -9.19 -16.19 8.75
N ALA A 7 -9.51 -15.61 9.89
CA ALA A 7 -10.35 -14.41 9.94
C ALA A 7 -9.70 -13.31 10.76
N GLY A 8 -9.91 -12.07 10.33
CA GLY A 8 -9.35 -10.92 11.02
C GLY A 8 -9.12 -9.75 10.09
N ASN A 9 -10.17 -9.34 9.39
CA ASN A 9 -10.09 -8.24 8.45
C ASN A 9 -10.63 -6.94 9.06
N CYS A 10 -9.75 -5.96 9.24
CA CYS A 10 -10.14 -4.66 9.80
C CYS A 10 -9.28 -3.54 9.24
N GLY A 11 -9.75 -2.31 9.38
CA GLY A 11 -9.00 -1.16 8.88
C GLY A 11 -9.76 0.14 9.10
N ALA A 12 -9.17 1.25 8.69
CA ALA A 12 -9.81 2.55 8.85
C ALA A 12 -9.44 3.50 7.72
N ARG A 13 -10.40 4.35 7.33
CA ARG A 13 -10.18 5.33 6.27
C ARG A 13 -11.22 6.45 6.41
N GLY A 14 -10.83 7.67 6.05
CA GLY A 14 -11.76 8.78 6.16
C GLY A 14 -11.19 10.08 5.60
N ALA A 15 -11.96 11.16 5.74
CA ALA A 15 -11.54 12.48 5.26
C ALA A 15 -10.26 12.94 5.96
N LEU A 16 -10.18 12.67 7.26
CA LEU A 16 -9.02 13.05 8.04
C LEU A 16 -8.04 11.87 8.08
N SER A 17 -6.75 12.18 7.98
CA SER A 17 -5.74 11.13 7.98
C SER A 17 -5.35 10.73 9.40
N ALA A 18 -5.77 9.52 9.79
CA ALA A 18 -5.47 9.00 11.12
C ALA A 18 -4.16 8.21 11.10
N HIS A 19 -3.64 8.00 9.89
CA HIS A 19 -2.42 7.24 9.69
C HIS A 19 -1.24 8.17 9.40
N THR A 20 -1.35 9.43 9.79
CA THR A 20 -0.28 10.39 9.53
C THR A 20 0.93 10.19 10.45
N LEU A 21 2.06 9.79 9.86
CA LEU A 21 3.32 9.59 10.57
C LEU A 21 4.49 9.63 9.57
N LEU A 22 5.70 9.83 10.08
CA LEU A 22 6.89 9.92 9.22
C LEU A 22 7.21 8.62 8.46
N PHE A 23 7.23 7.49 9.16
CA PHE A 23 7.55 6.20 8.53
C PHE A 23 6.33 5.61 7.84
N ASP A 24 5.17 5.80 8.46
CA ASP A 24 3.91 5.31 7.93
C ASP A 24 3.04 6.48 7.51
N LEU A 25 3.44 7.12 6.41
CA LEU A 25 2.73 8.29 5.85
C LEU A 25 1.21 8.08 5.82
N PRO A 26 0.44 9.18 5.79
CA PRO A 26 -1.04 9.20 5.77
C PRO A 26 -1.69 8.09 4.90
N PRO A 27 -3.02 7.86 5.08
CA PRO A 27 -3.78 6.84 4.36
C PRO A 27 -3.60 6.86 2.84
N ALA A 28 -2.94 7.88 2.31
CA ALA A 28 -2.72 7.97 0.88
C ALA A 28 -2.00 6.73 0.36
N LEU A 29 -1.09 6.17 1.16
CA LEU A 29 -0.37 4.97 0.74
C LEU A 29 -0.83 3.72 1.51
N LEU A 30 -0.35 3.55 2.74
CA LEU A 30 -0.68 2.36 3.54
C LEU A 30 -2.18 2.24 3.84
N GLY A 31 -2.81 3.32 4.32
CA GLY A 31 -4.22 3.26 4.66
C GLY A 31 -5.15 2.88 3.52
N GLU A 32 -5.02 3.57 2.40
CA GLU A 32 -5.87 3.32 1.24
C GLU A 32 -5.51 2.01 0.51
N LEU A 33 -4.22 1.75 0.32
CA LEU A 33 -3.81 0.55 -0.40
C LEU A 33 -4.16 -0.73 0.37
N CYS A 34 -4.00 -0.73 1.69
CA CYS A 34 -4.31 -1.92 2.47
C CYS A 34 -5.82 -2.14 2.62
N ALA A 35 -6.58 -1.05 2.67
CA ALA A 35 -8.04 -1.14 2.85
C ALA A 35 -8.79 -1.35 1.53
N VAL A 36 -8.59 -0.45 0.57
CA VAL A 36 -9.28 -0.50 -0.71
C VAL A 36 -8.91 -1.75 -1.53
N LEU A 37 -7.62 -2.07 -1.61
CA LEU A 37 -7.18 -3.22 -2.39
C LEU A 37 -7.56 -4.53 -1.69
N ASP A 38 -7.85 -4.46 -0.40
CA ASP A 38 -8.25 -5.64 0.37
C ASP A 38 -9.52 -6.26 -0.21
N SER A 39 -10.43 -5.40 -0.66
CA SER A 39 -11.70 -5.85 -1.24
C SER A 39 -11.53 -6.20 -2.72
N CYS A 40 -10.31 -6.12 -3.22
CA CYS A 40 -10.00 -6.41 -4.61
C CYS A 40 -10.31 -7.87 -4.97
N ASP A 41 -10.83 -8.05 -6.18
CA ASP A 41 -11.17 -9.37 -6.67
C ASP A 41 -10.65 -9.54 -8.09
N GLY A 42 -9.39 -9.16 -8.29
CA GLY A 42 -8.76 -9.25 -9.59
C GLY A 42 -8.84 -7.98 -10.40
N ALA A 43 -9.68 -7.04 -9.96
CA ALA A 43 -9.84 -5.75 -10.66
C ALA A 43 -8.55 -4.94 -10.65
N LEU A 44 -7.89 -4.92 -9.49
CA LEU A 44 -6.63 -4.20 -9.35
C LEU A 44 -5.49 -5.17 -9.06
N GLY A 45 -5.86 -6.33 -8.50
CA GLY A 45 -4.89 -7.34 -8.15
C GLY A 45 -4.18 -7.02 -6.84
N TRP A 46 -4.50 -7.77 -5.78
CA TRP A 46 -3.86 -7.56 -4.47
C TRP A 46 -2.33 -7.59 -4.60
N ARG A 47 -1.82 -8.59 -5.31
CA ARG A 47 -0.38 -8.71 -5.55
C ARG A 47 0.08 -7.85 -6.71
N GLY A 48 -0.82 -7.08 -7.32
CA GLY A 48 -0.43 -6.27 -8.47
C GLY A 48 0.70 -5.31 -8.18
N LEU A 49 0.63 -4.63 -7.04
CA LEU A 49 1.68 -3.68 -6.67
C LEU A 49 2.96 -4.42 -6.24
N ALA A 50 2.79 -5.47 -5.42
CA ALA A 50 3.91 -6.27 -4.92
C ALA A 50 4.64 -7.00 -6.05
N GLU A 51 3.86 -7.52 -7.00
CA GLU A 51 4.39 -8.27 -8.12
C GLU A 51 5.35 -7.42 -8.96
N ARG A 52 4.95 -6.16 -9.19
CA ARG A 52 5.78 -5.23 -9.96
C ARG A 52 7.12 -4.97 -9.29
N LEU A 53 7.11 -4.80 -7.97
CA LEU A 53 8.36 -4.55 -7.26
C LEU A 53 9.24 -5.79 -7.26
N SER A 54 8.62 -6.97 -7.09
CA SER A 54 9.32 -8.26 -7.09
C SER A 54 10.38 -8.33 -5.98
N SER A 55 9.97 -8.04 -4.75
CA SER A 55 10.89 -8.06 -3.61
C SER A 55 11.42 -9.48 -3.34
N SER A 56 10.56 -10.48 -3.52
CA SER A 56 10.95 -11.87 -3.31
C SER A 56 10.04 -12.81 -4.09
N TRP A 57 10.60 -13.92 -4.57
CA TRP A 57 9.84 -14.91 -5.34
C TRP A 57 8.85 -15.67 -4.44
N LEU A 58 9.20 -15.84 -3.17
CA LEU A 58 8.34 -16.55 -2.23
C LEU A 58 7.35 -15.62 -1.55
N ASP A 59 7.40 -14.33 -1.91
CA ASP A 59 6.51 -13.32 -1.34
C ASP A 59 5.05 -13.63 -1.63
N VAL A 60 4.78 -14.13 -2.85
CA VAL A 60 3.41 -14.45 -3.26
C VAL A 60 2.74 -15.51 -2.38
N ASP A 61 3.54 -16.38 -1.77
CA ASP A 61 3.01 -17.42 -0.89
C ASP A 61 2.32 -16.80 0.32
N HIS A 62 2.99 -15.81 0.93
CA HIS A 62 2.46 -15.13 2.09
C HIS A 62 1.36 -14.13 1.71
N ILE A 63 1.35 -13.71 0.43
CA ILE A 63 0.34 -12.76 -0.05
C ILE A 63 -1.08 -13.33 0.14
N GLU A 64 -1.24 -14.61 -0.17
CA GLU A 64 -2.53 -15.27 -0.01
C GLU A 64 -2.91 -15.37 1.47
N LYS A 65 -1.91 -15.57 2.32
CA LYS A 65 -2.11 -15.73 3.76
C LYS A 65 -2.72 -14.51 4.49
N GLU A 66 -2.18 -13.31 4.28
CA GLU A 66 -2.72 -12.12 4.98
C GLU A 66 -3.83 -11.41 4.22
N VAL A 67 -4.18 -11.87 3.01
CA VAL A 67 -5.24 -11.24 2.23
C VAL A 67 -6.55 -11.15 3.04
N ASP A 68 -6.80 -12.14 3.91
CA ASP A 68 -7.99 -12.15 4.75
C ASP A 68 -7.74 -11.42 6.07
N GLN A 69 -6.49 -10.99 6.28
CA GLN A 69 -6.09 -10.31 7.50
C GLN A 69 -5.87 -8.81 7.28
N GLY A 70 -6.49 -8.26 6.24
CA GLY A 70 -6.33 -6.84 5.98
C GLY A 70 -5.38 -6.52 4.83
N LYS A 71 -5.14 -7.53 3.96
CA LYS A 71 -4.30 -7.40 2.76
C LYS A 71 -2.87 -7.88 3.01
N SER A 72 -2.30 -8.52 2.00
CA SER A 72 -0.93 -9.01 2.06
C SER A 72 -0.17 -8.59 0.81
N GLY A 73 -0.89 -8.38 -0.28
CA GLY A 73 -0.23 -7.97 -1.50
C GLY A 73 0.56 -6.70 -1.32
N THR A 74 -0.12 -5.60 -1.02
CA THR A 74 0.54 -4.33 -0.80
C THR A 74 0.96 -4.16 0.66
N ARG A 75 0.10 -4.61 1.58
CA ARG A 75 0.36 -4.47 3.02
C ARG A 75 1.64 -5.15 3.45
N GLU A 76 1.83 -6.40 3.03
CA GLU A 76 3.02 -7.16 3.38
C GLU A 76 4.27 -6.50 2.80
N LEU A 77 4.16 -6.02 1.57
CA LEU A 77 5.27 -5.36 0.90
C LEU A 77 5.72 -4.12 1.68
N LEU A 78 4.75 -3.31 2.08
CA LEU A 78 5.04 -2.09 2.84
C LEU A 78 5.51 -2.44 4.26
N TRP A 79 4.89 -3.46 4.84
CA TRP A 79 5.20 -3.92 6.20
C TRP A 79 6.52 -4.71 6.28
N SER A 80 7.13 -5.00 5.14
CA SER A 80 8.37 -5.78 5.09
C SER A 80 9.50 -5.14 5.89
N TRP A 81 9.63 -3.82 5.83
CA TRP A 81 10.70 -3.15 6.56
C TRP A 81 10.24 -2.83 8.00
N ALA A 82 9.64 -1.66 8.19
CA ALA A 82 9.14 -1.26 9.49
C ALA A 82 7.61 -1.32 9.48
N GLN A 83 7.00 -0.23 9.03
CA GLN A 83 5.56 -0.16 8.90
C GLN A 83 5.22 -0.03 7.42
N LYS A 84 5.81 0.98 6.79
CA LYS A 84 5.66 1.17 5.35
C LYS A 84 7.03 1.42 4.72
N ASN A 85 7.83 2.28 5.38
CA ASN A 85 9.20 2.62 4.95
C ASN A 85 9.24 2.98 3.46
N LYS A 86 8.20 3.62 2.99
CA LYS A 86 8.09 4.01 1.59
C LYS A 86 7.50 5.40 1.47
N THR A 87 7.51 5.96 0.28
CA THR A 87 6.95 7.27 0.07
C THR A 87 5.84 7.20 -0.98
N ILE A 88 4.95 8.18 -0.95
CA ILE A 88 3.83 8.24 -1.88
C ILE A 88 4.32 8.30 -3.33
N GLY A 89 5.40 9.05 -3.57
CA GLY A 89 5.96 9.15 -4.90
C GLY A 89 6.47 7.82 -5.45
N ASP A 90 7.09 7.03 -4.58
CA ASP A 90 7.63 5.71 -4.96
C ASP A 90 6.53 4.75 -5.40
N LEU A 91 5.45 4.69 -4.63
CA LEU A 91 4.33 3.80 -4.95
C LEU A 91 3.45 4.38 -6.06
N LEU A 92 3.49 5.71 -6.23
CA LEU A 92 2.69 6.38 -7.25
C LEU A 92 3.06 5.88 -8.64
N GLN A 93 4.35 5.68 -8.87
CA GLN A 93 4.84 5.18 -10.15
C GLN A 93 4.27 3.78 -10.43
N VAL A 94 4.25 2.95 -9.39
CA VAL A 94 3.71 1.60 -9.49
C VAL A 94 2.19 1.64 -9.69
N LEU A 95 1.54 2.54 -8.94
CA LEU A 95 0.08 2.72 -9.02
C LEU A 95 -0.34 3.11 -10.43
N GLN A 96 0.44 3.99 -11.06
CA GLN A 96 0.16 4.44 -12.42
C GLN A 96 0.24 3.28 -13.41
N GLU A 97 1.23 2.41 -13.23
CA GLU A 97 1.42 1.26 -14.12
C GLU A 97 0.21 0.32 -14.04
N MET A 98 -0.24 0.03 -12.82
CA MET A 98 -1.39 -0.84 -12.59
C MET A 98 -2.69 -0.17 -13.04
N GLY A 99 -2.81 1.13 -12.81
CA GLY A 99 -4.01 1.85 -13.17
C GLY A 99 -5.01 1.94 -12.03
N HIS A 100 -4.49 2.13 -10.82
CA HIS A 100 -5.36 2.22 -9.63
C HIS A 100 -5.96 3.62 -9.53
N ARG A 101 -7.16 3.78 -10.11
CA ARG A 101 -7.87 5.05 -10.11
C ARG A 101 -8.24 5.53 -8.70
N ARG A 102 -8.71 4.61 -7.86
CA ARG A 102 -9.10 4.96 -6.48
C ARG A 102 -7.89 5.43 -5.68
N ALA A 103 -6.76 4.76 -5.90
CA ALA A 103 -5.52 5.08 -5.20
C ALA A 103 -5.08 6.50 -5.52
N ILE A 104 -5.26 6.90 -6.79
CA ILE A 104 -4.91 8.24 -7.24
C ILE A 104 -5.75 9.28 -6.49
N HIS A 105 -7.02 8.95 -6.30
CA HIS A 105 -7.96 9.82 -5.60
C HIS A 105 -7.49 10.11 -4.17
N LEU A 106 -7.11 9.04 -3.44
CA LEU A 106 -6.67 9.17 -2.05
C LEU A 106 -5.21 9.62 -1.93
N ILE A 107 -4.40 9.41 -2.97
CA ILE A 107 -2.99 9.80 -2.95
C ILE A 107 -2.82 11.30 -2.73
N THR A 108 -3.87 12.06 -3.03
CA THR A 108 -3.87 13.52 -2.89
C THR A 108 -3.90 13.93 -1.41
N ASN A 109 -4.18 12.97 -0.53
CA ASN A 109 -4.25 13.22 0.91
C ASN A 109 -2.86 13.52 1.48
N TYR A 110 -1.82 12.98 0.84
CA TYR A 110 -0.43 13.18 1.26
C TYR A 110 -0.08 14.68 1.23
N GLY A 111 -0.40 15.35 0.13
CA GLY A 111 -0.11 16.76 0.00
C GLY A 111 1.09 17.04 -0.87
N ALA A 112 1.13 18.24 -1.45
CA ALA A 112 2.23 18.63 -2.32
C ALA A 112 3.09 19.72 -1.68
N VAL A 113 2.80 20.04 -0.42
CA VAL A 113 3.54 21.07 0.30
C VAL A 113 3.83 20.64 1.74
N LEU A 114 5.01 21.01 2.23
CA LEU A 114 5.45 20.68 3.60
C LEU A 114 5.54 19.17 3.81
N SER A 115 5.83 18.45 2.74
CA SER A 115 5.96 17.00 2.81
C SER A 115 7.34 16.58 3.33
N PRO A 116 7.44 15.41 4.00
CA PRO A 116 8.71 14.91 4.54
C PRO A 116 9.59 14.26 3.45
N SER A 117 9.99 15.04 2.47
CA SER A 117 10.82 14.55 1.39
C SER A 117 12.07 15.41 1.21
N GLU A 118 13.17 14.78 0.80
CA GLU A 118 14.42 15.50 0.61
C GLU A 118 14.98 15.22 -0.79
N LYS A 119 15.64 16.22 -1.37
CA LYS A 119 16.22 16.08 -2.71
C LYS A 119 17.31 15.01 -2.75
N SER A 120 18.12 14.97 -1.68
CA SER A 120 19.22 14.01 -1.56
C SER A 120 20.26 14.18 -2.68
N TYR A 121 20.49 15.42 -3.07
CA TYR A 121 21.47 15.73 -4.12
C TYR A 121 22.68 16.47 -3.55
N GLN A 122 22.96 16.22 -2.27
CA GLN A 122 24.09 16.86 -1.61
C GLN A 122 25.12 15.82 -1.18
N GLU A 123 26.39 16.18 -1.30
CA GLU A 123 27.48 15.28 -0.92
C GLU A 123 28.41 15.95 0.09
N GLY A 124 28.98 15.16 0.99
CA GLY A 124 29.87 15.69 1.99
C GLY A 124 30.63 14.61 2.73
N SER A 1 -9.69 -1.50 -21.18
CA SER A 1 -8.82 -2.31 -20.29
C SER A 1 -9.61 -2.89 -19.13
N GLU A 2 -10.88 -2.54 -19.06
CA GLU A 2 -11.75 -3.03 -18.00
C GLU A 2 -12.67 -4.13 -18.52
N PHE A 3 -12.56 -5.32 -17.95
CA PHE A 3 -13.39 -6.45 -18.37
C PHE A 3 -14.52 -6.69 -17.38
N GLY A 4 -14.60 -5.86 -16.35
CA GLY A 4 -15.64 -6.01 -15.35
C GLY A 4 -15.35 -7.14 -14.38
N SER A 5 -16.41 -7.63 -13.72
CA SER A 5 -16.29 -8.73 -12.75
C SER A 5 -15.31 -8.40 -11.63
N MET A 6 -15.38 -7.18 -11.13
CA MET A 6 -14.50 -6.74 -10.04
C MET A 6 -15.26 -6.69 -8.72
N ALA A 7 -14.61 -7.13 -7.65
CA ALA A 7 -15.23 -7.15 -6.33
C ALA A 7 -14.19 -6.91 -5.24
N GLY A 8 -14.65 -6.39 -4.10
CA GLY A 8 -13.75 -6.13 -2.98
C GLY A 8 -13.18 -4.73 -2.99
N ASN A 9 -13.42 -4.01 -4.08
CA ASN A 9 -12.93 -2.63 -4.21
C ASN A 9 -13.93 -1.64 -3.62
N CYS A 10 -13.98 -1.57 -2.29
CA CYS A 10 -14.90 -0.67 -1.61
C CYS A 10 -14.41 -0.37 -0.19
N GLY A 11 -15.03 0.63 0.45
CA GLY A 11 -14.66 0.99 1.80
C GLY A 11 -13.67 2.15 1.85
N ALA A 12 -13.53 2.74 3.03
CA ALA A 12 -12.60 3.86 3.21
C ALA A 12 -12.03 3.84 4.62
N ARG A 13 -10.79 4.31 4.75
CA ARG A 13 -10.12 4.35 6.05
C ARG A 13 -10.85 5.27 7.04
N GLY A 14 -11.24 6.45 6.57
CA GLY A 14 -11.94 7.39 7.42
C GLY A 14 -11.86 8.81 6.90
N ALA A 15 -12.68 9.70 7.48
CA ALA A 15 -12.70 11.10 7.10
C ALA A 15 -11.38 11.80 7.42
N LEU A 16 -10.81 11.48 8.57
CA LEU A 16 -9.56 12.08 9.01
C LEU A 16 -8.42 11.07 8.94
N SER A 17 -7.22 11.55 8.65
CA SER A 17 -6.06 10.68 8.54
C SER A 17 -5.47 10.38 9.92
N ALA A 18 -5.63 9.13 10.36
CA ALA A 18 -5.10 8.69 11.66
C ALA A 18 -3.69 8.15 11.51
N HIS A 19 -3.25 8.00 10.27
CA HIS A 19 -1.92 7.48 9.97
C HIS A 19 -0.96 8.58 9.54
N THR A 20 -1.25 9.82 9.91
CA THR A 20 -0.39 10.94 9.53
C THR A 20 0.95 10.91 10.29
N LEU A 21 2.04 10.74 9.54
CA LEU A 21 3.40 10.70 10.12
C LEU A 21 4.45 10.83 9.02
N LEU A 22 5.68 11.17 9.40
CA LEU A 22 6.78 11.35 8.45
C LEU A 22 7.18 10.05 7.72
N PHE A 23 7.42 8.98 8.48
CA PHE A 23 7.83 7.70 7.87
C PHE A 23 6.62 6.91 7.38
N ASP A 24 5.55 7.00 8.13
CA ASP A 24 4.31 6.32 7.80
C ASP A 24 3.28 7.34 7.38
N LEU A 25 3.49 7.92 6.21
CA LEU A 25 2.60 8.95 5.65
C LEU A 25 1.13 8.56 5.76
N PRO A 26 0.21 9.57 5.75
CA PRO A 26 -1.25 9.39 5.86
C PRO A 26 -1.82 8.17 5.12
N PRO A 27 -3.08 7.79 5.44
CA PRO A 27 -3.77 6.63 4.85
C PRO A 27 -3.71 6.55 3.32
N ALA A 28 -3.23 7.59 2.66
CA ALA A 28 -3.12 7.59 1.21
C ALA A 28 -2.32 6.38 0.73
N LEU A 29 -1.29 6.00 1.49
CA LEU A 29 -0.49 4.83 1.10
C LEU A 29 -0.76 3.61 1.99
N LEU A 30 -0.18 3.59 3.19
CA LEU A 30 -0.33 2.44 4.11
C LEU A 30 -1.79 2.18 4.51
N GLY A 31 -2.49 3.20 4.97
CA GLY A 31 -3.87 3.02 5.44
C GLY A 31 -4.83 2.49 4.37
N GLU A 32 -4.85 3.12 3.21
CA GLU A 32 -5.74 2.72 2.12
C GLU A 32 -5.33 1.41 1.48
N LEU A 33 -4.04 1.23 1.22
CA LEU A 33 -3.57 0.00 0.58
C LEU A 33 -3.75 -1.22 1.47
N CYS A 34 -3.52 -1.08 2.77
CA CYS A 34 -3.67 -2.20 3.69
C CYS A 34 -5.14 -2.56 3.91
N ALA A 35 -6.02 -1.57 3.84
CA ALA A 35 -7.45 -1.79 4.05
C ALA A 35 -8.19 -2.21 2.78
N VAL A 36 -8.08 -1.41 1.73
CA VAL A 36 -8.78 -1.69 0.47
C VAL A 36 -8.31 -2.98 -0.20
N LEU A 37 -7.00 -3.21 -0.27
CA LEU A 37 -6.48 -4.42 -0.91
C LEU A 37 -6.71 -5.65 -0.03
N ASP A 38 -6.95 -5.43 1.26
CA ASP A 38 -7.19 -6.53 2.19
C ASP A 38 -8.42 -7.34 1.77
N SER A 39 -9.44 -6.64 1.30
CA SER A 39 -10.68 -7.28 0.87
C SER A 39 -10.62 -7.65 -0.62
N CYS A 40 -9.43 -7.50 -1.20
CA CYS A 40 -9.24 -7.79 -2.61
C CYS A 40 -9.36 -9.28 -2.91
N ASP A 41 -9.93 -9.58 -4.07
CA ASP A 41 -10.13 -10.97 -4.49
C ASP A 41 -9.73 -11.15 -5.94
N GLY A 42 -8.53 -10.65 -6.28
CA GLY A 42 -8.02 -10.76 -7.63
C GLY A 42 -8.32 -9.54 -8.50
N ALA A 43 -9.21 -8.67 -8.01
CA ALA A 43 -9.56 -7.45 -8.76
C ALA A 43 -8.35 -6.53 -8.92
N LEU A 44 -7.58 -6.40 -7.84
CA LEU A 44 -6.37 -5.57 -7.84
C LEU A 44 -5.16 -6.44 -7.52
N GLY A 45 -5.43 -7.52 -6.79
CA GLY A 45 -4.37 -8.42 -6.39
C GLY A 45 -3.61 -7.92 -5.19
N TRP A 46 -3.73 -8.62 -4.06
CA TRP A 46 -3.01 -8.22 -2.84
C TRP A 46 -1.51 -8.06 -3.13
N ARG A 47 -0.93 -9.05 -3.83
CA ARG A 47 0.47 -9.02 -4.22
C ARG A 47 0.68 -8.24 -5.52
N GLY A 48 -0.38 -7.70 -6.09
CA GLY A 48 -0.24 -7.00 -7.36
C GLY A 48 0.74 -5.84 -7.31
N LEU A 49 0.63 -5.01 -6.29
CA LEU A 49 1.56 -3.88 -6.12
C LEU A 49 2.92 -4.36 -5.67
N ALA A 50 2.93 -5.30 -4.71
CA ALA A 50 4.18 -5.84 -4.18
C ALA A 50 5.00 -6.58 -5.22
N GLU A 51 4.31 -7.34 -6.06
CA GLU A 51 4.96 -8.14 -7.10
C GLU A 51 5.75 -7.25 -8.07
N ARG A 52 5.13 -6.16 -8.52
CA ARG A 52 5.79 -5.23 -9.42
C ARG A 52 6.94 -4.49 -8.73
N LEU A 53 6.71 -4.10 -7.48
CA LEU A 53 7.72 -3.38 -6.69
C LEU A 53 8.92 -4.27 -6.36
N SER A 54 8.68 -5.52 -6.00
CA SER A 54 9.75 -6.45 -5.67
C SER A 54 9.41 -7.85 -6.16
N SER A 55 10.38 -8.54 -6.76
CA SER A 55 10.15 -9.89 -7.26
C SER A 55 10.96 -10.91 -6.47
N SER A 56 10.25 -11.84 -5.82
CA SER A 56 10.87 -12.89 -5.04
C SER A 56 9.92 -14.07 -4.88
N TRP A 57 10.47 -15.28 -4.91
CA TRP A 57 9.66 -16.49 -4.78
C TRP A 57 9.41 -16.85 -3.32
N LEU A 58 10.19 -16.24 -2.42
CA LEU A 58 10.06 -16.51 -0.99
C LEU A 58 9.08 -15.54 -0.34
N ASP A 59 9.04 -14.31 -0.86
CA ASP A 59 8.17 -13.26 -0.32
C ASP A 59 6.70 -13.61 -0.47
N VAL A 60 6.33 -14.24 -1.58
CA VAL A 60 4.93 -14.61 -1.83
C VAL A 60 4.40 -15.60 -0.80
N ASP A 61 5.29 -16.38 -0.19
CA ASP A 61 4.90 -17.35 0.83
C ASP A 61 4.28 -16.64 2.03
N HIS A 62 4.95 -15.57 2.47
CA HIS A 62 4.49 -14.78 3.60
C HIS A 62 3.29 -13.91 3.21
N ILE A 63 3.18 -13.59 1.91
CA ILE A 63 2.08 -12.77 1.41
C ILE A 63 0.74 -13.47 1.70
N GLU A 64 0.70 -14.77 1.46
CA GLU A 64 -0.50 -15.55 1.72
C GLU A 64 -0.80 -15.64 3.22
N LYS A 65 0.26 -15.71 4.03
CA LYS A 65 0.13 -15.83 5.48
C LYS A 65 -0.56 -14.64 6.18
N GLU A 66 -0.15 -13.40 5.88
CA GLU A 66 -0.77 -12.24 6.55
C GLU A 66 -1.97 -11.68 5.78
N VAL A 67 -2.29 -12.23 4.61
CA VAL A 67 -3.43 -11.73 3.84
C VAL A 67 -4.73 -11.77 4.66
N ASP A 68 -4.86 -12.78 5.52
CA ASP A 68 -6.04 -12.91 6.38
C ASP A 68 -5.83 -12.15 7.71
N GLN A 69 -4.63 -11.61 7.88
CA GLN A 69 -4.27 -10.88 9.09
C GLN A 69 -4.23 -9.37 8.87
N GLY A 70 -4.92 -8.90 7.83
CA GLY A 70 -4.94 -7.47 7.55
C GLY A 70 -4.06 -7.06 6.38
N LYS A 71 -3.76 -8.03 5.49
CA LYS A 71 -2.97 -7.82 4.25
C LYS A 71 -1.49 -8.12 4.45
N SER A 72 -0.90 -8.72 3.43
CA SER A 72 0.51 -9.05 3.42
C SER A 72 1.17 -8.59 2.14
N GLY A 73 0.40 -8.56 1.05
CA GLY A 73 0.96 -8.14 -0.22
C GLY A 73 1.64 -6.78 -0.12
N THR A 74 0.86 -5.74 0.12
CA THR A 74 1.42 -4.41 0.23
C THR A 74 1.86 -4.11 1.67
N ARG A 75 1.11 -4.62 2.65
CA ARG A 75 1.40 -4.37 4.06
C ARG A 75 2.78 -4.89 4.46
N GLU A 76 3.08 -6.13 4.09
CA GLU A 76 4.37 -6.74 4.42
C GLU A 76 5.52 -5.96 3.80
N LEU A 77 5.35 -5.55 2.55
CA LEU A 77 6.39 -4.80 1.85
C LEU A 77 6.65 -3.45 2.53
N LEU A 78 5.58 -2.74 2.88
CA LEU A 78 5.70 -1.44 3.53
C LEU A 78 6.29 -1.57 4.95
N TRP A 79 5.86 -2.60 5.66
CA TRP A 79 6.32 -2.85 7.04
C TRP A 79 7.67 -3.57 7.08
N SER A 80 8.18 -3.98 5.93
CA SER A 80 9.45 -4.69 5.84
C SER A 80 10.61 -3.89 6.42
N TRP A 81 10.65 -2.58 6.14
CA TRP A 81 11.72 -1.74 6.66
C TRP A 81 11.39 -1.25 8.07
N ALA A 82 10.72 -0.11 8.17
CA ALA A 82 10.33 0.45 9.46
C ALA A 82 8.82 0.29 9.64
N GLN A 83 8.08 1.27 9.15
CA GLN A 83 6.62 1.24 9.21
C GLN A 83 6.10 1.16 7.78
N LYS A 84 6.52 2.11 6.95
CA LYS A 84 6.18 2.10 5.54
C LYS A 84 7.44 2.33 4.71
N ASN A 85 8.26 3.29 5.16
CA ASN A 85 9.54 3.65 4.53
C ASN A 85 9.38 3.84 3.01
N LYS A 86 8.23 4.35 2.61
CA LYS A 86 7.94 4.57 1.20
C LYS A 86 7.21 5.90 1.03
N THR A 87 7.05 6.33 -0.20
CA THR A 87 6.35 7.58 -0.47
C THR A 87 5.21 7.35 -1.45
N ILE A 88 4.25 8.26 -1.44
CA ILE A 88 3.09 8.19 -2.33
C ILE A 88 3.51 8.20 -3.80
N GLY A 89 4.52 9.02 -4.13
CA GLY A 89 4.99 9.07 -5.51
C GLY A 89 5.54 7.74 -5.99
N ASP A 90 6.25 7.04 -5.11
CA ASP A 90 6.83 5.73 -5.44
C ASP A 90 5.75 4.69 -5.75
N LEU A 91 4.70 4.65 -4.92
CA LEU A 91 3.60 3.70 -5.11
C LEU A 91 2.71 4.07 -6.29
N LEU A 92 2.64 5.37 -6.61
CA LEU A 92 1.82 5.84 -7.72
C LEU A 92 2.27 5.22 -9.04
N GLN A 93 3.56 4.97 -9.17
CA GLN A 93 4.13 4.38 -10.38
C GLN A 93 3.53 3.00 -10.66
N VAL A 94 3.39 2.18 -9.62
CA VAL A 94 2.82 0.85 -9.79
C VAL A 94 1.30 0.88 -9.70
N LEU A 95 0.75 1.91 -9.06
CA LEU A 95 -0.70 2.07 -8.92
C LEU A 95 -1.33 2.22 -10.30
N GLN A 96 -0.69 3.03 -11.15
CA GLN A 96 -1.17 3.27 -12.51
C GLN A 96 -1.09 1.99 -13.33
N GLU A 97 -0.01 1.23 -13.14
CA GLU A 97 0.20 -0.03 -13.86
C GLU A 97 -0.87 -1.06 -13.48
N MET A 98 -1.16 -1.15 -12.19
CA MET A 98 -2.16 -2.07 -11.68
C MET A 98 -3.58 -1.62 -12.05
N GLY A 99 -3.81 -0.31 -11.97
CA GLY A 99 -5.13 0.22 -12.26
C GLY A 99 -5.92 0.46 -11.00
N HIS A 100 -5.23 0.82 -9.93
CA HIS A 100 -5.85 1.07 -8.63
C HIS A 100 -6.59 2.41 -8.61
N ARG A 101 -7.83 2.40 -9.05
CA ARG A 101 -8.67 3.60 -9.10
C ARG A 101 -8.97 4.15 -7.72
N ARG A 102 -9.25 3.27 -6.77
CA ARG A 102 -9.59 3.67 -5.39
C ARG A 102 -8.41 4.36 -4.71
N ALA A 103 -7.20 3.84 -4.95
CA ALA A 103 -6.00 4.41 -4.35
C ALA A 103 -5.81 5.85 -4.79
N ILE A 104 -6.11 6.12 -6.06
CA ILE A 104 -5.99 7.47 -6.61
C ILE A 104 -6.92 8.44 -5.86
N HIS A 105 -8.15 7.99 -5.61
CA HIS A 105 -9.13 8.79 -4.89
C HIS A 105 -8.65 9.12 -3.47
N LEU A 106 -8.16 8.10 -2.75
CA LEU A 106 -7.69 8.28 -1.38
C LEU A 106 -6.29 8.90 -1.30
N ILE A 107 -5.52 8.79 -2.38
CA ILE A 107 -4.16 9.34 -2.42
C ILE A 107 -4.16 10.87 -2.28
N THR A 108 -5.32 11.47 -2.57
CA THR A 108 -5.48 12.93 -2.47
C THR A 108 -5.39 13.40 -1.02
N ASN A 109 -5.47 12.46 -0.08
CA ASN A 109 -5.39 12.78 1.34
C ASN A 109 -3.97 13.23 1.71
N TYR A 110 -2.99 12.75 0.96
CA TYR A 110 -1.59 13.11 1.19
C TYR A 110 -1.33 14.57 0.80
N GLY A 111 -0.72 15.32 1.71
CA GLY A 111 -0.43 16.71 1.44
C GLY A 111 0.89 16.90 0.70
N ALA A 112 0.89 17.82 -0.26
CA ALA A 112 2.10 18.09 -1.05
C ALA A 112 3.03 19.07 -0.34
N VAL A 113 2.62 19.52 0.85
CA VAL A 113 3.41 20.47 1.64
C VAL A 113 4.76 19.87 2.02
N LEU A 114 4.76 18.61 2.45
CA LEU A 114 5.99 17.93 2.84
C LEU A 114 6.35 16.84 1.84
N SER A 115 7.60 16.82 1.42
CA SER A 115 8.08 15.82 0.47
C SER A 115 9.30 15.08 1.02
N PRO A 116 9.10 13.97 1.73
CA PRO A 116 10.19 13.19 2.31
C PRO A 116 10.92 12.33 1.27
N SER A 117 11.59 12.99 0.32
CA SER A 117 12.34 12.31 -0.72
C SER A 117 13.50 11.49 -0.15
N GLU A 118 14.10 12.01 0.92
CA GLU A 118 15.23 11.35 1.60
C GLU A 118 16.40 11.13 0.64
N LYS A 119 16.69 12.14 -0.18
CA LYS A 119 17.79 12.07 -1.14
C LYS A 119 19.14 11.91 -0.42
N SER A 120 19.29 12.62 0.70
CA SER A 120 20.51 12.57 1.51
C SER A 120 21.73 13.04 0.70
N TYR A 121 22.91 12.49 1.02
CA TYR A 121 24.16 12.83 0.33
C TYR A 121 24.49 14.32 0.45
N GLN A 122 24.12 14.91 1.58
CA GLN A 122 24.37 16.33 1.82
C GLN A 122 25.77 16.54 2.40
N GLU A 123 26.41 17.64 1.99
CA GLU A 123 27.76 17.99 2.45
C GLU A 123 28.77 16.87 2.13
N GLY A 124 28.63 16.29 0.95
CA GLY A 124 29.53 15.22 0.55
C GLY A 124 29.85 15.27 -0.93
N SER A 1 -2.45 -21.49 -10.42
CA SER A 1 -2.38 -20.02 -10.68
C SER A 1 -2.33 -19.24 -9.38
N GLU A 2 -2.55 -19.96 -8.27
CA GLU A 2 -2.55 -19.37 -6.92
C GLU A 2 -3.62 -18.29 -6.77
N PHE A 3 -4.80 -18.54 -7.33
CA PHE A 3 -5.91 -17.60 -7.25
C PHE A 3 -7.04 -18.17 -6.42
N GLY A 4 -7.77 -17.29 -5.73
CA GLY A 4 -8.88 -17.72 -4.90
C GLY A 4 -9.84 -16.58 -4.61
N SER A 5 -10.95 -16.89 -3.96
CA SER A 5 -11.95 -15.87 -3.64
C SER A 5 -11.88 -15.48 -2.16
N MET A 6 -11.69 -14.19 -1.91
CA MET A 6 -11.60 -13.68 -0.55
C MET A 6 -12.40 -12.39 -0.42
N ALA A 7 -12.79 -12.06 0.81
CA ALA A 7 -13.56 -10.85 1.09
C ALA A 7 -13.07 -10.18 2.36
N GLY A 8 -13.27 -8.86 2.45
CA GLY A 8 -12.82 -8.12 3.61
C GLY A 8 -13.91 -7.25 4.20
N ASN A 9 -13.78 -6.93 5.48
CA ASN A 9 -14.76 -6.09 6.16
C ASN A 9 -14.13 -4.80 6.69
N CYS A 10 -12.98 -4.44 6.15
CA CYS A 10 -12.28 -3.24 6.59
C CYS A 10 -12.50 -2.07 5.63
N GLY A 11 -12.88 -0.92 6.18
CA GLY A 11 -13.11 0.25 5.36
C GLY A 11 -11.89 1.15 5.29
N ALA A 12 -12.04 2.30 4.64
CA ALA A 12 -10.93 3.24 4.49
C ALA A 12 -11.38 4.66 4.83
N ARG A 13 -10.47 5.45 5.39
CA ARG A 13 -10.77 6.82 5.76
C ARG A 13 -10.60 7.76 4.57
N GLY A 14 -11.66 8.52 4.27
CA GLY A 14 -11.61 9.45 3.15
C GLY A 14 -11.73 10.90 3.57
N ALA A 15 -11.69 11.15 4.88
CA ALA A 15 -11.82 12.52 5.39
C ALA A 15 -10.56 12.97 6.13
N LEU A 16 -10.30 12.33 7.26
CA LEU A 16 -9.13 12.67 8.08
C LEU A 16 -8.09 11.56 8.00
N SER A 17 -6.81 11.95 8.00
CA SER A 17 -5.73 10.98 7.94
C SER A 17 -5.29 10.52 9.32
N ALA A 18 -5.60 9.26 9.65
CA ALA A 18 -5.22 8.70 10.94
C ALA A 18 -3.86 8.01 10.86
N HIS A 19 -3.37 7.84 9.63
CA HIS A 19 -2.09 7.17 9.39
C HIS A 19 -1.02 8.16 8.93
N THR A 20 -1.21 9.45 9.23
CA THR A 20 -0.24 10.47 8.81
C THR A 20 1.04 10.43 9.65
N LEU A 21 2.18 10.32 8.96
CA LEU A 21 3.51 10.29 9.58
C LEU A 21 4.58 10.52 8.52
N LEU A 22 5.86 10.49 8.92
CA LEU A 22 6.95 10.71 7.96
C LEU A 22 7.27 9.46 7.14
N PHE A 23 7.62 8.36 7.81
CA PHE A 23 7.94 7.11 7.12
C PHE A 23 6.66 6.45 6.59
N ASP A 24 5.60 6.60 7.36
CA ASP A 24 4.31 6.06 7.01
C ASP A 24 3.36 7.19 6.68
N LEU A 25 3.60 7.83 5.55
CA LEU A 25 2.80 8.95 5.05
C LEU A 25 1.30 8.62 5.11
N PRO A 26 0.43 9.66 5.18
CA PRO A 26 -1.04 9.54 5.25
C PRO A 26 -1.65 8.35 4.48
N PRO A 27 -2.92 8.00 4.79
CA PRO A 27 -3.65 6.87 4.16
C PRO A 27 -3.62 6.85 2.65
N ALA A 28 -3.10 7.90 2.02
CA ALA A 28 -3.02 7.97 0.58
C ALA A 28 -2.28 6.76 0.02
N LEU A 29 -1.27 6.26 0.73
CA LEU A 29 -0.53 5.09 0.26
C LEU A 29 -0.82 3.83 1.09
N LEU A 30 -0.19 3.72 2.26
CA LEU A 30 -0.35 2.53 3.13
C LEU A 30 -1.79 2.34 3.61
N GLY A 31 -2.42 3.41 4.11
CA GLY A 31 -3.78 3.28 4.63
C GLY A 31 -4.81 2.80 3.62
N GLU A 32 -4.86 3.46 2.46
CA GLU A 32 -5.82 3.11 1.42
C GLU A 32 -5.50 1.79 0.76
N LEU A 33 -4.23 1.55 0.45
CA LEU A 33 -3.84 0.31 -0.21
C LEU A 33 -4.05 -0.90 0.68
N CYS A 34 -3.76 -0.78 1.97
CA CYS A 34 -3.94 -1.91 2.88
C CYS A 34 -5.42 -2.19 3.16
N ALA A 35 -6.24 -1.14 3.16
CA ALA A 35 -7.67 -1.30 3.45
C ALA A 35 -8.51 -1.67 2.23
N VAL A 36 -8.40 -0.87 1.17
CA VAL A 36 -9.18 -1.11 -0.05
C VAL A 36 -8.82 -2.43 -0.74
N LEU A 37 -7.52 -2.73 -0.85
CA LEU A 37 -7.09 -3.96 -1.50
C LEU A 37 -7.40 -5.18 -0.64
N ASP A 38 -7.64 -4.97 0.64
CA ASP A 38 -7.99 -6.07 1.53
C ASP A 38 -9.25 -6.78 1.07
N SER A 39 -10.20 -5.99 0.55
CA SER A 39 -11.46 -6.53 0.06
C SER A 39 -11.34 -6.95 -1.40
N CYS A 40 -10.11 -6.92 -1.92
CA CYS A 40 -9.86 -7.29 -3.31
C CYS A 40 -10.15 -8.78 -3.55
N ASP A 41 -10.73 -9.05 -4.70
CA ASP A 41 -11.07 -10.41 -5.09
C ASP A 41 -10.58 -10.67 -6.51
N GLY A 42 -9.37 -10.23 -6.79
CA GLY A 42 -8.78 -10.40 -8.10
C GLY A 42 -8.99 -9.20 -9.01
N ALA A 43 -9.85 -8.27 -8.60
CA ALA A 43 -10.14 -7.07 -9.39
C ALA A 43 -8.90 -6.20 -9.55
N LEU A 44 -8.15 -6.03 -8.45
CA LEU A 44 -6.92 -5.24 -8.49
C LEU A 44 -5.74 -6.15 -8.17
N GLY A 45 -6.04 -7.26 -7.50
CA GLY A 45 -5.02 -8.20 -7.09
C GLY A 45 -4.29 -7.74 -5.85
N TRP A 46 -4.45 -8.47 -4.75
CA TRP A 46 -3.75 -8.12 -3.50
C TRP A 46 -2.24 -7.97 -3.77
N ARG A 47 -1.68 -8.97 -4.45
CA ARG A 47 -0.27 -8.95 -4.84
C ARG A 47 -0.06 -8.18 -6.13
N GLY A 48 -1.11 -7.62 -6.70
CA GLY A 48 -0.98 -6.91 -7.97
C GLY A 48 0.03 -5.78 -7.93
N LEU A 49 -0.02 -4.97 -6.89
CA LEU A 49 0.92 -3.86 -6.75
C LEU A 49 2.31 -4.36 -6.37
N ALA A 50 2.35 -5.30 -5.42
CA ALA A 50 3.62 -5.87 -4.95
C ALA A 50 4.37 -6.65 -6.03
N GLU A 51 3.61 -7.39 -6.83
CA GLU A 51 4.16 -8.22 -7.90
C GLU A 51 4.94 -7.39 -8.91
N ARG A 52 4.36 -6.26 -9.32
CA ARG A 52 5.02 -5.36 -10.28
C ARG A 52 6.28 -4.74 -9.70
N LEU A 53 6.24 -4.36 -8.42
CA LEU A 53 7.39 -3.76 -7.77
C LEU A 53 8.51 -4.79 -7.57
N SER A 54 8.14 -5.97 -7.12
CA SER A 54 9.12 -7.04 -6.90
C SER A 54 8.57 -8.39 -7.37
N SER A 55 9.22 -8.99 -8.36
CA SER A 55 8.80 -10.27 -8.88
C SER A 55 9.73 -11.38 -8.42
N SER A 56 9.41 -11.99 -7.27
CA SER A 56 10.22 -13.06 -6.72
C SER A 56 9.35 -14.23 -6.27
N TRP A 57 9.89 -15.43 -6.35
CA TRP A 57 9.17 -16.64 -5.95
C TRP A 57 9.33 -16.88 -4.45
N LEU A 58 8.53 -17.80 -3.91
CA LEU A 58 8.55 -18.17 -2.48
C LEU A 58 7.93 -17.08 -1.60
N ASP A 59 8.22 -15.81 -1.93
CA ASP A 59 7.70 -14.67 -1.19
C ASP A 59 6.18 -14.59 -1.27
N VAL A 60 5.62 -15.15 -2.34
CA VAL A 60 4.18 -15.14 -2.56
C VAL A 60 3.43 -15.90 -1.45
N ASP A 61 4.13 -16.81 -0.76
CA ASP A 61 3.53 -17.58 0.32
C ASP A 61 3.11 -16.67 1.47
N HIS A 62 3.97 -15.70 1.79
CA HIS A 62 3.70 -14.75 2.88
C HIS A 62 2.55 -13.81 2.50
N ILE A 63 2.35 -13.59 1.20
CA ILE A 63 1.28 -12.72 0.71
C ILE A 63 -0.08 -13.25 1.17
N GLU A 64 -0.25 -14.56 1.15
CA GLU A 64 -1.50 -15.16 1.59
C GLU A 64 -1.58 -15.24 3.12
N LYS A 65 -0.42 -15.18 3.79
CA LYS A 65 -0.36 -15.27 5.25
C LYS A 65 -0.88 -14.01 5.99
N GLU A 66 -0.48 -12.81 5.55
CA GLU A 66 -0.93 -11.60 6.25
C GLU A 66 -2.25 -11.07 5.72
N VAL A 67 -2.80 -11.67 4.67
CA VAL A 67 -4.08 -11.22 4.13
C VAL A 67 -5.17 -11.30 5.21
N ASP A 68 -4.99 -12.24 6.15
CA ASP A 68 -5.92 -12.41 7.27
C ASP A 68 -5.74 -11.30 8.29
N GLN A 69 -4.62 -10.58 8.17
CA GLN A 69 -4.29 -9.48 9.06
C GLN A 69 -4.72 -8.15 8.44
N GLY A 70 -5.46 -8.26 7.33
CA GLY A 70 -5.95 -7.10 6.62
C GLY A 70 -5.21 -6.76 5.34
N LYS A 71 -4.09 -7.46 5.05
CA LYS A 71 -3.31 -7.25 3.80
C LYS A 71 -1.87 -7.73 3.93
N SER A 72 -1.40 -8.37 2.86
CA SER A 72 -0.03 -8.84 2.79
C SER A 72 0.54 -8.46 1.42
N GLY A 73 -0.34 -8.28 0.44
CA GLY A 73 0.12 -7.91 -0.88
C GLY A 73 0.93 -6.63 -0.85
N THR A 74 0.28 -5.52 -0.55
CA THR A 74 0.96 -4.24 -0.49
C THR A 74 1.53 -3.97 0.91
N ARG A 75 0.80 -4.42 1.94
CA ARG A 75 1.21 -4.20 3.33
C ARG A 75 2.58 -4.83 3.63
N GLU A 76 2.78 -6.07 3.20
CA GLU A 76 4.04 -6.76 3.42
C GLU A 76 5.18 -6.01 2.75
N LEU A 77 4.95 -5.57 1.51
CA LEU A 77 5.94 -4.85 0.75
C LEU A 77 6.31 -3.52 1.42
N LEU A 78 5.29 -2.76 1.83
CA LEU A 78 5.49 -1.47 2.49
C LEU A 78 6.18 -1.64 3.86
N TRP A 79 5.80 -2.67 4.60
CA TRP A 79 6.36 -2.93 5.93
C TRP A 79 7.72 -3.65 5.88
N SER A 80 8.16 -4.05 4.69
CA SER A 80 9.43 -4.76 4.54
C SER A 80 10.62 -3.95 5.05
N TRP A 81 10.62 -2.64 4.79
CA TRP A 81 11.72 -1.79 5.25
C TRP A 81 11.48 -1.30 6.67
N ALA A 82 10.83 -0.14 6.81
CA ALA A 82 10.53 0.41 8.14
C ALA A 82 9.04 0.27 8.43
N GLN A 83 8.26 1.26 8.00
CA GLN A 83 6.82 1.25 8.16
C GLN A 83 6.20 1.12 6.78
N LYS A 84 6.56 2.06 5.91
CA LYS A 84 6.11 2.05 4.53
C LYS A 84 7.33 2.29 3.63
N ASN A 85 8.16 3.26 4.04
CA ASN A 85 9.40 3.65 3.36
C ASN A 85 9.20 3.87 1.85
N LYS A 86 8.01 4.29 1.46
CA LYS A 86 7.72 4.54 0.06
C LYS A 86 6.94 5.85 -0.05
N THR A 87 7.33 6.71 -0.98
CA THR A 87 6.62 7.96 -1.15
C THR A 87 5.40 7.73 -2.04
N ILE A 88 4.45 8.65 -1.97
CA ILE A 88 3.22 8.54 -2.74
C ILE A 88 3.52 8.50 -4.25
N GLY A 89 4.48 9.32 -4.68
CA GLY A 89 4.85 9.35 -6.09
C GLY A 89 5.43 8.03 -6.61
N ASP A 90 6.26 7.39 -5.78
CA ASP A 90 6.90 6.12 -6.16
C ASP A 90 5.88 5.00 -6.38
N LEU A 91 4.97 4.83 -5.43
CA LEU A 91 3.94 3.79 -5.52
C LEU A 91 2.85 4.18 -6.53
N LEU A 92 2.69 5.48 -6.76
CA LEU A 92 1.68 6.00 -7.69
C LEU A 92 1.90 5.44 -9.10
N GLN A 93 3.16 5.33 -9.51
CA GLN A 93 3.48 4.81 -10.84
C GLN A 93 2.98 3.38 -10.99
N VAL A 94 3.15 2.58 -9.94
CA VAL A 94 2.68 1.20 -9.93
C VAL A 94 1.15 1.17 -9.95
N LEU A 95 0.54 2.08 -9.19
CA LEU A 95 -0.92 2.19 -9.11
C LEU A 95 -1.51 2.50 -10.48
N GLN A 96 -0.83 3.36 -11.23
CA GLN A 96 -1.26 3.75 -12.57
C GLN A 96 -1.26 2.54 -13.50
N GLU A 97 -0.23 1.70 -13.38
CA GLU A 97 -0.11 0.48 -14.19
C GLU A 97 -1.26 -0.48 -13.91
N MET A 98 -1.60 -0.62 -12.62
CA MET A 98 -2.69 -1.50 -12.21
C MET A 98 -4.05 -0.93 -12.63
N GLY A 99 -4.20 0.39 -12.53
CA GLY A 99 -5.44 1.02 -12.91
C GLY A 99 -6.40 1.16 -11.74
N HIS A 100 -5.86 1.29 -10.53
CA HIS A 100 -6.67 1.43 -9.33
C HIS A 100 -7.27 2.84 -9.22
N ARG A 101 -8.53 2.97 -9.62
CA ARG A 101 -9.23 4.25 -9.60
C ARG A 101 -9.42 4.78 -8.17
N ARG A 102 -9.77 3.90 -7.23
CA ARG A 102 -9.99 4.31 -5.85
C ARG A 102 -8.72 4.87 -5.24
N ALA A 103 -7.60 4.22 -5.55
CA ALA A 103 -6.30 4.64 -5.03
C ALA A 103 -5.98 6.05 -5.50
N ILE A 104 -6.30 6.35 -6.75
CA ILE A 104 -6.05 7.66 -7.34
C ILE A 104 -6.83 8.75 -6.60
N HIS A 105 -8.11 8.49 -6.33
CA HIS A 105 -8.96 9.45 -5.64
C HIS A 105 -8.52 9.71 -4.19
N LEU A 106 -8.14 8.65 -3.47
CA LEU A 106 -7.73 8.80 -2.07
C LEU A 106 -6.26 9.22 -1.92
N ILE A 107 -5.44 8.97 -2.94
CA ILE A 107 -4.02 9.33 -2.88
C ILE A 107 -3.83 10.85 -2.84
N THR A 108 -4.86 11.59 -3.25
CA THR A 108 -4.82 13.05 -3.27
C THR A 108 -4.84 13.63 -1.85
N ASN A 109 -5.10 12.78 -0.86
CA ASN A 109 -5.16 13.21 0.54
C ASN A 109 -3.77 13.58 1.08
N TYR A 110 -2.73 13.13 0.39
CA TYR A 110 -1.36 13.44 0.81
C TYR A 110 -1.13 14.95 0.81
N GLY A 111 -1.53 15.61 -0.28
CA GLY A 111 -1.37 17.06 -0.39
C GLY A 111 0.07 17.51 -0.40
N ALA A 112 0.39 18.43 0.51
CA ALA A 112 1.74 18.99 0.62
C ALA A 112 2.76 17.94 1.04
N VAL A 113 3.98 18.08 0.51
CA VAL A 113 5.06 17.15 0.83
C VAL A 113 5.67 17.45 2.20
N LEU A 114 6.25 16.43 2.81
CA LEU A 114 6.86 16.60 4.13
C LEU A 114 8.38 16.52 4.03
N SER A 115 9.06 17.45 4.68
CA SER A 115 10.52 17.49 4.68
C SER A 115 11.08 16.54 5.74
N PRO A 116 12.06 15.69 5.38
CA PRO A 116 12.68 14.74 6.32
C PRO A 116 13.30 15.44 7.53
N SER A 117 13.12 14.84 8.70
CA SER A 117 13.65 15.38 9.94
C SER A 117 15.17 15.28 10.01
N GLU A 118 15.73 14.25 9.37
CA GLU A 118 17.17 14.04 9.35
C GLU A 118 17.68 13.88 7.92
N LYS A 119 18.92 14.31 7.69
CA LYS A 119 19.54 14.21 6.38
C LYS A 119 19.72 12.75 5.95
N SER A 120 20.09 11.90 6.90
CA SER A 120 20.29 10.49 6.62
C SER A 120 19.62 9.61 7.67
N TYR A 121 19.18 8.43 7.25
CA TYR A 121 18.53 7.49 8.16
C TYR A 121 19.21 6.12 8.08
N GLN A 122 19.13 5.36 9.17
CA GLN A 122 19.74 4.05 9.22
C GLN A 122 18.85 3.08 10.01
N GLU A 123 19.02 1.79 9.77
CA GLU A 123 18.23 0.77 10.45
C GLU A 123 19.14 -0.24 11.15
N GLY A 124 18.70 -0.75 12.29
CA GLY A 124 19.48 -1.72 13.03
C GLY A 124 18.77 -2.20 14.27
N SER A 1 2.21 -13.11 -13.75
CA SER A 1 1.50 -13.24 -15.05
C SER A 1 0.18 -13.98 -14.88
N GLU A 2 -0.11 -14.37 -13.65
CA GLU A 2 -1.34 -15.11 -13.35
C GLU A 2 -2.18 -14.35 -12.33
N PHE A 3 -3.50 -14.40 -12.50
CA PHE A 3 -4.42 -13.71 -11.60
C PHE A 3 -5.49 -14.67 -11.11
N GLY A 4 -5.99 -14.44 -9.90
CA GLY A 4 -7.02 -15.29 -9.33
C GLY A 4 -7.73 -14.63 -8.17
N SER A 5 -8.77 -15.28 -7.66
CA SER A 5 -9.53 -14.72 -6.53
C SER A 5 -9.33 -15.58 -5.29
N MET A 6 -8.77 -14.98 -4.24
CA MET A 6 -8.54 -15.68 -2.98
C MET A 6 -9.30 -15.00 -1.84
N ALA A 7 -10.21 -14.09 -2.19
CA ALA A 7 -11.01 -13.34 -1.21
C ALA A 7 -10.13 -12.43 -0.34
N GLY A 8 -10.69 -11.97 0.78
CA GLY A 8 -9.94 -11.10 1.67
C GLY A 8 -10.77 -10.63 2.84
N ASN A 9 -10.21 -9.74 3.65
CA ASN A 9 -10.94 -9.23 4.82
C ASN A 9 -11.56 -7.87 4.51
N CYS A 10 -12.36 -7.36 5.44
CA CYS A 10 -13.03 -6.08 5.26
C CYS A 10 -12.61 -5.07 6.32
N GLY A 11 -12.70 -3.78 5.99
CA GLY A 11 -12.33 -2.74 6.91
C GLY A 11 -12.95 -1.41 6.57
N ALA A 12 -12.73 -0.40 7.41
CA ALA A 12 -13.29 0.92 7.17
C ALA A 12 -12.21 2.00 7.23
N ARG A 13 -12.38 3.04 6.42
CA ARG A 13 -11.42 4.13 6.37
C ARG A 13 -12.10 5.44 6.75
N GLY A 14 -11.53 6.15 7.72
CA GLY A 14 -12.11 7.41 8.16
C GLY A 14 -11.71 8.59 7.27
N ALA A 15 -12.55 9.62 7.27
CA ALA A 15 -12.28 10.82 6.47
C ALA A 15 -11.02 11.53 6.93
N LEU A 16 -10.83 11.59 8.25
CA LEU A 16 -9.64 12.23 8.82
C LEU A 16 -8.48 11.24 8.83
N SER A 17 -7.27 11.74 8.63
CA SER A 17 -6.11 10.88 8.60
C SER A 17 -5.62 10.53 10.00
N ALA A 18 -5.84 9.29 10.40
CA ALA A 18 -5.39 8.81 11.71
C ALA A 18 -4.01 8.16 11.59
N HIS A 19 -3.58 7.97 10.35
CA HIS A 19 -2.30 7.33 10.06
C HIS A 19 -1.25 8.33 9.58
N THR A 20 -1.44 9.61 9.89
CA THR A 20 -0.49 10.63 9.45
C THR A 20 0.76 10.73 10.34
N LEU A 21 1.91 10.36 9.76
CA LEU A 21 3.21 10.42 10.44
C LEU A 21 4.34 10.59 9.42
N LEU A 22 5.54 10.92 9.89
CA LEU A 22 6.68 11.15 9.00
C LEU A 22 7.10 9.89 8.22
N PHE A 23 7.27 8.76 8.91
CA PHE A 23 7.67 7.51 8.24
C PHE A 23 6.48 6.81 7.62
N ASP A 24 5.34 6.91 8.30
CA ASP A 24 4.10 6.31 7.84
C ASP A 24 3.12 7.39 7.46
N LEU A 25 3.39 8.05 6.33
CA LEU A 25 2.54 9.12 5.81
C LEU A 25 1.05 8.75 5.88
N PRO A 26 0.15 9.76 5.92
CA PRO A 26 -1.32 9.59 6.02
C PRO A 26 -1.88 8.43 5.19
N PRO A 27 -3.16 8.04 5.46
CA PRO A 27 -3.85 6.93 4.78
C PRO A 27 -3.76 6.95 3.26
N ALA A 28 -3.25 8.03 2.69
CA ALA A 28 -3.13 8.15 1.24
C ALA A 28 -2.35 6.97 0.67
N LEU A 29 -1.35 6.48 1.42
CA LEU A 29 -0.57 5.35 0.96
C LEU A 29 -0.85 4.06 1.75
N LEU A 30 -0.27 3.94 2.95
CA LEU A 30 -0.44 2.74 3.78
C LEU A 30 -1.89 2.48 4.18
N GLY A 31 -2.58 3.50 4.68
CA GLY A 31 -3.96 3.31 5.13
C GLY A 31 -4.92 2.86 4.04
N GLU A 32 -4.93 3.55 2.92
CA GLU A 32 -5.81 3.22 1.81
C GLU A 32 -5.42 1.93 1.11
N LEU A 33 -4.12 1.73 0.87
CA LEU A 33 -3.66 0.53 0.18
C LEU A 33 -3.89 -0.73 1.02
N CYS A 34 -3.69 -0.64 2.34
CA CYS A 34 -3.88 -1.80 3.20
C CYS A 34 -5.36 -2.12 3.39
N ALA A 35 -6.21 -1.09 3.34
CA ALA A 35 -7.65 -1.28 3.54
C ALA A 35 -8.39 -1.64 2.25
N VAL A 36 -8.24 -0.80 1.22
CA VAL A 36 -8.93 -1.02 -0.06
C VAL A 36 -8.49 -2.31 -0.76
N LEU A 37 -7.18 -2.55 -0.81
CA LEU A 37 -6.67 -3.75 -1.46
C LEU A 37 -6.98 -5.00 -0.64
N ASP A 38 -7.22 -4.82 0.65
CA ASP A 38 -7.52 -5.93 1.54
C ASP A 38 -8.81 -6.64 1.09
N SER A 39 -9.77 -5.84 0.65
CA SER A 39 -11.05 -6.37 0.19
C SER A 39 -10.98 -6.78 -1.29
N CYS A 40 -9.79 -6.62 -1.87
CA CYS A 40 -9.56 -6.97 -3.27
C CYS A 40 -9.75 -8.47 -3.52
N ASP A 41 -10.34 -8.78 -4.66
CA ASP A 41 -10.59 -10.16 -5.03
C ASP A 41 -10.07 -10.43 -6.45
N GLY A 42 -8.91 -9.84 -6.75
CA GLY A 42 -8.29 -10.01 -8.06
C GLY A 42 -8.54 -8.83 -8.98
N ALA A 43 -9.52 -7.99 -8.64
CA ALA A 43 -9.83 -6.81 -9.46
C ALA A 43 -8.66 -5.82 -9.51
N LEU A 44 -8.04 -5.59 -8.35
CA LEU A 44 -6.90 -4.69 -8.26
C LEU A 44 -5.62 -5.47 -8.03
N GLY A 45 -5.79 -6.68 -7.51
CA GLY A 45 -4.65 -7.54 -7.21
C GLY A 45 -3.93 -7.12 -5.95
N TRP A 46 -4.08 -7.90 -4.87
CA TRP A 46 -3.38 -7.60 -3.61
C TRP A 46 -1.87 -7.44 -3.87
N ARG A 47 -1.28 -8.42 -4.55
CA ARG A 47 0.14 -8.36 -4.89
C ARG A 47 0.36 -7.58 -6.18
N GLY A 48 -0.72 -7.08 -6.79
CA GLY A 48 -0.60 -6.37 -8.05
C GLY A 48 0.32 -5.16 -7.96
N LEU A 49 0.20 -4.40 -6.88
CA LEU A 49 1.04 -3.23 -6.69
C LEU A 49 2.41 -3.61 -6.12
N ALA A 50 2.41 -4.53 -5.15
CA ALA A 50 3.66 -4.98 -4.52
C ALA A 50 4.59 -5.72 -5.49
N GLU A 51 4.00 -6.56 -6.34
CA GLU A 51 4.75 -7.37 -7.29
C GLU A 51 5.51 -6.48 -8.28
N ARG A 52 4.85 -5.40 -8.74
CA ARG A 52 5.46 -4.46 -9.68
C ARG A 52 6.66 -3.75 -9.04
N LEU A 53 6.51 -3.39 -7.76
CA LEU A 53 7.56 -2.68 -7.05
C LEU A 53 8.76 -3.58 -6.77
N SER A 54 8.50 -4.79 -6.27
CA SER A 54 9.58 -5.73 -5.96
C SER A 54 9.13 -7.18 -6.15
N SER A 55 10.07 -8.05 -6.50
CA SER A 55 9.75 -9.46 -6.69
C SER A 55 10.82 -10.34 -6.06
N SER A 56 10.38 -11.45 -5.46
CA SER A 56 11.30 -12.38 -4.80
C SER A 56 10.71 -13.79 -4.84
N TRP A 57 11.56 -14.79 -4.65
CA TRP A 57 11.11 -16.19 -4.65
C TRP A 57 10.33 -16.50 -3.38
N LEU A 58 9.19 -17.18 -3.56
CA LEU A 58 8.31 -17.58 -2.44
C LEU A 58 7.74 -16.36 -1.70
N ASP A 59 7.85 -15.18 -2.31
CA ASP A 59 7.35 -13.95 -1.70
C ASP A 59 5.83 -13.97 -1.56
N VAL A 60 5.15 -14.51 -2.56
CA VAL A 60 3.70 -14.59 -2.57
C VAL A 60 3.15 -15.49 -1.46
N ASP A 61 4.00 -16.38 -0.94
CA ASP A 61 3.59 -17.29 0.13
C ASP A 61 3.15 -16.50 1.37
N HIS A 62 3.96 -15.52 1.75
CA HIS A 62 3.66 -14.67 2.90
C HIS A 62 2.52 -13.71 2.55
N ILE A 63 2.42 -13.34 1.27
CA ILE A 63 1.35 -12.45 0.80
C ILE A 63 -0.01 -13.07 1.07
N GLU A 64 -0.12 -14.37 0.80
CA GLU A 64 -1.36 -15.10 1.03
C GLU A 64 -1.65 -15.23 2.54
N LYS A 65 -0.61 -15.37 3.34
CA LYS A 65 -0.74 -15.55 4.79
C LYS A 65 -1.38 -14.35 5.52
N GLU A 66 -0.92 -13.13 5.27
CA GLU A 66 -1.48 -11.96 5.97
C GLU A 66 -2.68 -11.34 5.24
N VAL A 67 -3.02 -11.85 4.05
CA VAL A 67 -4.15 -11.28 3.29
C VAL A 67 -5.45 -11.28 4.13
N ASP A 68 -5.61 -12.30 4.98
CA ASP A 68 -6.79 -12.39 5.84
C ASP A 68 -6.54 -11.66 7.17
N GLN A 69 -5.33 -11.18 7.35
CA GLN A 69 -4.93 -10.48 8.58
C GLN A 69 -4.83 -8.97 8.37
N GLY A 70 -5.49 -8.45 7.34
CA GLY A 70 -5.44 -7.03 7.08
C GLY A 70 -4.55 -6.64 5.91
N LYS A 71 -4.28 -7.61 5.02
CA LYS A 71 -3.48 -7.42 3.78
C LYS A 71 -2.01 -7.78 3.99
N SER A 72 -1.44 -8.39 2.97
CA SER A 72 -0.04 -8.77 2.95
C SER A 72 0.62 -8.27 1.67
N GLY A 73 -0.14 -8.20 0.59
CA GLY A 73 0.42 -7.73 -0.67
C GLY A 73 1.09 -6.38 -0.53
N THR A 74 0.30 -5.35 -0.24
CA THR A 74 0.84 -4.01 -0.09
C THR A 74 1.31 -3.75 1.34
N ARG A 75 0.60 -4.31 2.32
CA ARG A 75 0.94 -4.11 3.72
C ARG A 75 2.32 -4.66 4.07
N GLU A 76 2.60 -5.89 3.64
CA GLU A 76 3.90 -6.53 3.90
C GLU A 76 5.04 -5.75 3.27
N LEU A 77 4.83 -5.29 2.04
CA LEU A 77 5.85 -4.52 1.32
C LEU A 77 6.18 -3.23 2.08
N LEU A 78 5.17 -2.51 2.51
CA LEU A 78 5.36 -1.26 3.25
C LEU A 78 5.89 -1.51 4.66
N TRP A 79 5.38 -2.55 5.31
CA TRP A 79 5.76 -2.93 6.68
C TRP A 79 7.13 -3.62 6.75
N SER A 80 7.72 -3.92 5.61
CA SER A 80 9.02 -4.63 5.57
C SER A 80 10.12 -3.87 6.31
N TRP A 81 10.14 -2.55 6.18
CA TRP A 81 11.16 -1.74 6.87
C TRP A 81 10.71 -1.38 8.28
N ALA A 82 10.05 -0.24 8.42
CA ALA A 82 9.54 0.20 9.72
C ALA A 82 8.02 0.08 9.73
N GLN A 83 7.35 1.13 9.26
CA GLN A 83 5.90 1.13 9.16
C GLN A 83 5.52 1.10 7.68
N LYS A 84 6.03 2.09 6.94
CA LYS A 84 5.82 2.15 5.51
C LYS A 84 7.15 2.44 4.81
N ASN A 85 7.91 3.39 5.38
CA ASN A 85 9.23 3.79 4.87
C ASN A 85 9.20 4.06 3.36
N LYS A 86 8.10 4.62 2.90
CA LYS A 86 7.93 4.91 1.48
C LYS A 86 7.26 6.27 1.32
N THR A 87 7.19 6.77 0.11
CA THR A 87 6.55 8.05 -0.13
C THR A 87 5.40 7.89 -1.11
N ILE A 88 4.47 8.83 -1.06
CA ILE A 88 3.30 8.79 -1.93
C ILE A 88 3.69 8.85 -3.41
N GLY A 89 4.70 9.65 -3.73
CA GLY A 89 5.16 9.76 -5.11
C GLY A 89 5.72 8.45 -5.64
N ASP A 90 6.45 7.73 -4.80
CA ASP A 90 7.06 6.45 -5.17
C ASP A 90 6.02 5.39 -5.52
N LEU A 91 4.98 5.28 -4.70
CA LEU A 91 3.91 4.30 -4.93
C LEU A 91 2.95 4.76 -6.02
N LEU A 92 2.87 6.07 -6.23
CA LEU A 92 1.97 6.64 -7.23
C LEU A 92 2.29 6.10 -8.62
N GLN A 93 3.57 6.00 -8.94
CA GLN A 93 4.02 5.50 -10.24
C GLN A 93 3.56 4.05 -10.43
N VAL A 94 3.67 3.26 -9.37
CA VAL A 94 3.26 1.86 -9.39
C VAL A 94 1.74 1.75 -9.51
N LEU A 95 1.04 2.61 -8.76
CA LEU A 95 -0.42 2.64 -8.74
C LEU A 95 -0.98 2.94 -10.13
N GLN A 96 -0.32 3.86 -10.84
CA GLN A 96 -0.73 4.24 -12.18
C GLN A 96 -0.60 3.07 -13.16
N GLU A 97 0.47 2.28 -13.01
CA GLU A 97 0.71 1.14 -13.90
C GLU A 97 -0.41 0.10 -13.78
N MET A 98 -0.80 -0.21 -12.54
CA MET A 98 -1.86 -1.18 -12.31
C MET A 98 -3.23 -0.60 -12.67
N GLY A 99 -3.43 0.67 -12.36
CA GLY A 99 -4.71 1.31 -12.65
C GLY A 99 -5.61 1.38 -11.44
N HIS A 100 -5.03 1.65 -10.27
CA HIS A 100 -5.80 1.74 -9.03
C HIS A 100 -6.49 3.10 -8.92
N ARG A 101 -7.75 3.15 -9.35
CA ARG A 101 -8.55 4.37 -9.34
C ARG A 101 -8.85 4.89 -7.93
N ARG A 102 -9.17 3.98 -7.00
CA ARG A 102 -9.48 4.36 -5.63
C ARG A 102 -8.29 5.03 -4.94
N ALA A 103 -7.11 4.49 -5.20
CA ALA A 103 -5.88 5.01 -4.61
C ALA A 103 -5.64 6.46 -4.99
N ILE A 104 -5.96 6.79 -6.25
CA ILE A 104 -5.79 8.15 -6.75
C ILE A 104 -6.65 9.15 -5.95
N HIS A 105 -7.88 8.77 -5.67
CA HIS A 105 -8.80 9.63 -4.92
C HIS A 105 -8.30 9.91 -3.50
N LEU A 106 -7.78 8.87 -2.84
CA LEU A 106 -7.29 9.04 -1.46
C LEU A 106 -5.85 9.58 -1.41
N ILE A 107 -5.04 9.23 -2.41
CA ILE A 107 -3.64 9.69 -2.45
C ILE A 107 -3.57 11.22 -2.53
N THR A 108 -4.65 11.80 -3.05
CA THR A 108 -4.78 13.25 -3.19
C THR A 108 -4.80 13.93 -1.82
N ASN A 109 -5.26 13.20 -0.80
CA ASN A 109 -5.37 13.74 0.57
C ASN A 109 -4.00 14.03 1.18
N TYR A 110 -2.94 13.41 0.66
CA TYR A 110 -1.58 13.65 1.16
C TYR A 110 -1.22 15.13 1.02
N GLY A 111 -1.45 15.68 -0.18
CA GLY A 111 -1.15 17.08 -0.45
C GLY A 111 0.29 17.45 -0.22
N ALA A 112 0.50 18.55 0.52
CA ALA A 112 1.83 19.07 0.86
C ALA A 112 2.60 19.55 -0.38
N VAL A 113 3.67 20.31 -0.13
CA VAL A 113 4.50 20.83 -1.21
C VAL A 113 5.92 20.27 -1.12
N LEU A 114 6.22 19.61 -0.01
CA LEU A 114 7.53 19.03 0.22
C LEU A 114 7.39 17.59 0.70
N SER A 115 8.13 16.68 0.07
CA SER A 115 8.07 15.27 0.43
C SER A 115 9.48 14.72 0.65
N PRO A 116 9.61 13.69 1.53
CA PRO A 116 10.91 13.07 1.80
C PRO A 116 11.42 12.23 0.63
N SER A 117 12.73 11.99 0.60
CA SER A 117 13.34 11.21 -0.47
C SER A 117 13.81 9.85 0.04
N GLU A 118 13.72 8.85 -0.82
CA GLU A 118 14.12 7.49 -0.47
C GLU A 118 15.13 6.95 -1.48
N LYS A 119 15.84 5.90 -1.09
CA LYS A 119 16.84 5.28 -1.95
C LYS A 119 16.19 4.57 -3.14
N SER A 120 16.90 4.53 -4.27
CA SER A 120 16.39 3.89 -5.47
C SER A 120 16.35 2.37 -5.32
N TYR A 121 15.56 1.72 -6.17
CA TYR A 121 15.42 0.27 -6.13
C TYR A 121 15.20 -0.28 -7.54
N GLN A 122 15.42 -1.58 -7.71
CA GLN A 122 15.25 -2.21 -9.01
C GLN A 122 13.97 -3.05 -9.04
N GLU A 123 13.13 -2.79 -10.03
CA GLU A 123 11.86 -3.52 -10.17
C GLU A 123 12.10 -4.88 -10.80
N GLY A 124 11.28 -5.85 -10.42
CA GLY A 124 11.42 -7.20 -10.95
C GLY A 124 10.54 -7.43 -12.16
N SER A 1 -1.99 -17.80 -14.86
CA SER A 1 -2.22 -19.28 -14.88
C SER A 1 -2.80 -19.75 -13.55
N GLU A 2 -3.02 -18.80 -12.65
CA GLU A 2 -3.57 -19.12 -11.33
C GLU A 2 -4.87 -18.34 -11.10
N PHE A 3 -5.84 -18.99 -10.47
CA PHE A 3 -7.13 -18.36 -10.18
C PHE A 3 -7.48 -18.49 -8.71
N GLY A 4 -8.21 -17.51 -8.18
CA GLY A 4 -8.60 -17.54 -6.78
C GLY A 4 -9.72 -16.56 -6.50
N SER A 5 -10.26 -16.63 -5.28
CA SER A 5 -11.35 -15.74 -4.88
C SER A 5 -11.35 -15.53 -3.37
N MET A 6 -12.02 -14.47 -2.92
CA MET A 6 -12.12 -14.13 -1.50
C MET A 6 -10.74 -13.83 -0.92
N ALA A 7 -10.42 -14.45 0.23
CA ALA A 7 -9.13 -14.25 0.89
C ALA A 7 -8.86 -12.77 1.18
N GLY A 8 -9.73 -12.17 1.99
CA GLY A 8 -9.57 -10.76 2.32
C GLY A 8 -10.48 -10.33 3.45
N ASN A 9 -10.47 -9.03 3.75
CA ASN A 9 -11.29 -8.48 4.83
C ASN A 9 -11.76 -7.08 4.46
N CYS A 10 -12.61 -6.49 5.29
CA CYS A 10 -13.14 -5.16 5.03
C CYS A 10 -12.38 -4.08 5.82
N GLY A 11 -11.97 -3.03 5.11
CA GLY A 11 -11.25 -1.94 5.75
C GLY A 11 -12.14 -0.74 6.02
N ALA A 12 -11.55 0.35 6.50
CA ALA A 12 -12.31 1.55 6.80
C ALA A 12 -11.49 2.82 6.58
N ARG A 13 -12.16 3.90 6.19
CA ARG A 13 -11.52 5.18 5.94
C ARG A 13 -12.55 6.30 5.99
N GLY A 14 -12.21 7.46 5.42
CA GLY A 14 -13.14 8.58 5.42
C GLY A 14 -12.97 9.50 6.61
N ALA A 15 -11.93 9.27 7.40
CA ALA A 15 -11.67 10.09 8.58
C ALA A 15 -10.31 10.78 8.48
N LEU A 16 -9.84 11.32 9.60
CA LEU A 16 -8.54 11.99 9.64
C LEU A 16 -7.42 10.98 9.43
N SER A 17 -6.29 11.44 8.89
CA SER A 17 -5.17 10.54 8.62
C SER A 17 -4.56 10.00 9.91
N ALA A 18 -4.81 8.72 10.17
CA ALA A 18 -4.29 8.05 11.36
C ALA A 18 -2.95 7.38 11.07
N HIS A 19 -2.60 7.35 9.80
CA HIS A 19 -1.37 6.71 9.36
C HIS A 19 -0.27 7.73 9.07
N THR A 20 -0.42 8.93 9.62
CA THR A 20 0.56 9.99 9.39
C THR A 20 1.87 9.73 10.13
N LEU A 21 2.95 9.52 9.37
CA LEU A 21 4.28 9.29 9.92
C LEU A 21 5.34 9.75 8.92
N LEU A 22 6.57 9.93 9.39
CA LEU A 22 7.66 10.39 8.53
C LEU A 22 7.94 9.40 7.38
N PHE A 23 8.03 8.11 7.70
CA PHE A 23 8.28 7.09 6.68
C PHE A 23 6.96 6.55 6.13
N ASP A 24 5.97 6.45 7.01
CA ASP A 24 4.64 5.99 6.65
C ASP A 24 3.73 7.15 6.33
N LEU A 25 3.93 7.74 5.16
CA LEU A 25 3.12 8.85 4.69
C LEU A 25 1.62 8.55 4.89
N PRO A 26 0.77 9.60 5.03
CA PRO A 26 -0.69 9.48 5.25
C PRO A 26 -1.38 8.36 4.47
N PRO A 27 -2.66 8.02 4.84
CA PRO A 27 -3.45 6.95 4.23
C PRO A 27 -3.46 6.93 2.70
N ALA A 28 -2.94 7.97 2.06
CA ALA A 28 -2.90 8.02 0.61
C ALA A 28 -2.19 6.77 0.07
N LEU A 29 -1.18 6.28 0.79
CA LEU A 29 -0.48 5.08 0.36
C LEU A 29 -0.80 3.85 1.23
N LEU A 30 -0.21 3.74 2.43
CA LEU A 30 -0.43 2.57 3.29
C LEU A 30 -1.89 2.39 3.72
N GLY A 31 -2.51 3.45 4.26
CA GLY A 31 -3.88 3.32 4.74
C GLY A 31 -4.89 2.93 3.68
N GLU A 32 -4.89 3.62 2.56
CA GLU A 32 -5.83 3.34 1.47
C GLU A 32 -5.55 2.01 0.79
N LEU A 33 -4.28 1.72 0.51
CA LEU A 33 -3.92 0.47 -0.16
C LEU A 33 -4.18 -0.76 0.74
N CYS A 34 -3.89 -0.63 2.03
CA CYS A 34 -4.11 -1.77 2.94
C CYS A 34 -5.60 -2.01 3.18
N ALA A 35 -6.40 -0.95 3.09
CA ALA A 35 -7.84 -1.06 3.30
C ALA A 35 -8.61 -1.48 2.05
N VAL A 36 -8.47 -0.71 0.98
CA VAL A 36 -9.18 -0.97 -0.28
C VAL A 36 -8.75 -2.29 -0.94
N LEU A 37 -7.45 -2.56 -1.00
CA LEU A 37 -6.96 -3.79 -1.62
C LEU A 37 -7.28 -5.00 -0.74
N ASP A 38 -7.50 -4.76 0.55
CA ASP A 38 -7.82 -5.84 1.48
C ASP A 38 -9.13 -6.53 1.08
N SER A 39 -10.07 -5.74 0.58
CA SER A 39 -11.37 -6.26 0.17
C SER A 39 -11.34 -6.72 -1.29
N CYS A 40 -10.12 -6.81 -1.84
CA CYS A 40 -9.93 -7.21 -3.23
C CYS A 40 -10.41 -8.64 -3.48
N ASP A 41 -10.98 -8.83 -4.66
CA ASP A 41 -11.49 -10.14 -5.08
C ASP A 41 -10.99 -10.46 -6.48
N GLY A 42 -9.74 -10.07 -6.73
CA GLY A 42 -9.13 -10.32 -8.03
C GLY A 42 -9.26 -9.14 -8.98
N ALA A 43 -10.13 -8.19 -8.63
CA ALA A 43 -10.34 -7.00 -9.47
C ALA A 43 -9.09 -6.13 -9.55
N LEU A 44 -8.42 -5.95 -8.41
CA LEU A 44 -7.20 -5.14 -8.37
C LEU A 44 -5.99 -6.03 -8.11
N GLY A 45 -6.24 -7.16 -7.47
CA GLY A 45 -5.18 -8.08 -7.13
C GLY A 45 -4.38 -7.63 -5.93
N TRP A 46 -4.52 -8.32 -4.78
CA TRP A 46 -3.76 -7.97 -3.58
C TRP A 46 -2.26 -7.88 -3.89
N ARG A 47 -1.74 -8.92 -4.54
CA ARG A 47 -0.33 -8.95 -4.94
C ARG A 47 -0.11 -8.23 -6.27
N GLY A 48 -1.16 -7.70 -6.86
CA GLY A 48 -1.03 -7.04 -8.16
C GLY A 48 -0.05 -5.89 -8.17
N LEU A 49 -0.14 -5.02 -7.16
CA LEU A 49 0.77 -3.89 -7.08
C LEU A 49 2.17 -4.33 -6.61
N ALA A 50 2.19 -5.20 -5.60
CA ALA A 50 3.43 -5.70 -5.03
C ALA A 50 4.25 -6.55 -6.01
N GLU A 51 3.56 -7.38 -6.79
CA GLU A 51 4.21 -8.28 -7.73
C GLU A 51 5.05 -7.52 -8.75
N ARG A 52 4.49 -6.44 -9.28
CA ARG A 52 5.20 -5.61 -10.25
C ARG A 52 6.43 -4.94 -9.64
N LEU A 53 6.28 -4.45 -8.41
CA LEU A 53 7.39 -3.78 -7.74
C LEU A 53 8.49 -4.77 -7.34
N SER A 54 8.10 -5.91 -6.78
CA SER A 54 9.06 -6.93 -6.36
C SER A 54 8.50 -8.34 -6.60
N SER A 55 9.35 -9.25 -7.07
CA SER A 55 8.92 -10.62 -7.32
C SER A 55 9.78 -11.62 -6.55
N SER A 56 9.14 -12.49 -5.78
CA SER A 56 9.85 -13.51 -5.00
C SER A 56 8.91 -14.65 -4.63
N TRP A 57 9.42 -15.88 -4.71
CA TRP A 57 8.62 -17.06 -4.38
C TRP A 57 8.28 -17.10 -2.89
N LEU A 58 9.24 -16.72 -2.05
CA LEU A 58 9.01 -16.70 -0.61
C LEU A 58 7.99 -15.64 -0.22
N ASP A 59 8.05 -14.49 -0.90
CA ASP A 59 7.17 -13.36 -0.64
C ASP A 59 5.70 -13.70 -0.93
N VAL A 60 5.42 -14.36 -2.05
CA VAL A 60 4.04 -14.69 -2.42
C VAL A 60 3.40 -15.66 -1.42
N ASP A 61 4.20 -16.52 -0.82
CA ASP A 61 3.70 -17.47 0.17
C ASP A 61 3.12 -16.74 1.38
N HIS A 62 3.80 -15.69 1.81
CA HIS A 62 3.37 -14.88 2.95
C HIS A 62 2.24 -13.93 2.55
N ILE A 63 2.12 -13.64 1.25
CA ILE A 63 1.07 -12.76 0.75
C ILE A 63 -0.31 -13.33 1.07
N GLU A 64 -0.47 -14.63 0.87
CA GLU A 64 -1.75 -15.28 1.15
C GLU A 64 -2.01 -15.38 2.66
N LYS A 65 -0.96 -15.28 3.46
CA LYS A 65 -1.08 -15.40 4.92
C LYS A 65 -1.74 -14.19 5.62
N GLU A 66 -1.33 -12.97 5.28
CA GLU A 66 -1.90 -11.78 5.96
C GLU A 66 -3.15 -11.22 5.28
N VAL A 67 -3.59 -11.77 4.15
CA VAL A 67 -4.77 -11.25 3.46
C VAL A 67 -6.01 -11.22 4.38
N ASP A 68 -6.08 -12.17 5.31
CA ASP A 68 -7.20 -12.22 6.26
C ASP A 68 -6.89 -11.39 7.49
N GLN A 69 -5.66 -10.86 7.56
CA GLN A 69 -5.21 -10.07 8.69
C GLN A 69 -5.08 -8.59 8.33
N GLY A 70 -5.73 -8.17 7.24
CA GLY A 70 -5.65 -6.77 6.83
C GLY A 70 -4.73 -6.49 5.65
N LYS A 71 -4.50 -7.52 4.81
CA LYS A 71 -3.69 -7.41 3.58
C LYS A 71 -2.23 -7.81 3.79
N SER A 72 -1.68 -8.46 2.77
CA SER A 72 -0.29 -8.89 2.77
C SER A 72 0.39 -8.51 1.47
N GLY A 73 -0.37 -8.50 0.38
CA GLY A 73 0.20 -8.15 -0.92
C GLY A 73 0.97 -6.84 -0.88
N THR A 74 0.27 -5.75 -0.69
CA THR A 74 0.89 -4.44 -0.63
C THR A 74 1.38 -4.13 0.79
N ARG A 75 0.61 -4.55 1.79
CA ARG A 75 0.92 -4.27 3.19
C ARG A 75 2.27 -4.88 3.60
N GLU A 76 2.50 -6.14 3.28
CA GLU A 76 3.74 -6.82 3.63
C GLU A 76 4.94 -6.14 2.98
N LEU A 77 4.80 -5.78 1.71
CA LEU A 77 5.87 -5.13 0.97
C LEU A 77 6.23 -3.78 1.60
N LEU A 78 5.21 -2.99 1.93
CA LEU A 78 5.43 -1.68 2.54
C LEU A 78 5.98 -1.80 3.97
N TRP A 79 5.46 -2.79 4.71
CA TRP A 79 5.90 -3.04 6.10
C TRP A 79 7.25 -3.74 6.20
N SER A 80 7.80 -4.15 5.06
CA SER A 80 9.09 -4.87 5.05
C SER A 80 10.22 -4.06 5.68
N TRP A 81 10.27 -2.76 5.43
CA TRP A 81 11.33 -1.93 6.00
C TRP A 81 10.96 -1.44 7.40
N ALA A 82 10.30 -0.29 7.49
CA ALA A 82 9.86 0.24 8.77
C ALA A 82 8.34 0.11 8.88
N GLN A 83 7.63 1.11 8.38
CA GLN A 83 6.18 1.08 8.35
C GLN A 83 5.75 0.97 6.89
N LYS A 84 6.25 1.90 6.07
CA LYS A 84 5.98 1.89 4.64
C LYS A 84 7.29 2.11 3.86
N ASN A 85 8.08 3.09 4.34
CA ASN A 85 9.38 3.44 3.75
C ASN A 85 9.29 3.62 2.23
N LYS A 86 8.19 4.21 1.77
CA LYS A 86 7.97 4.43 0.35
C LYS A 86 7.35 5.79 0.14
N THR A 87 7.24 6.23 -1.11
CA THR A 87 6.62 7.51 -1.39
C THR A 87 5.40 7.35 -2.28
N ILE A 88 4.50 8.32 -2.21
CA ILE A 88 3.27 8.29 -3.00
C ILE A 88 3.58 8.26 -4.51
N GLY A 89 4.60 9.01 -4.91
CA GLY A 89 4.98 9.05 -6.32
C GLY A 89 5.45 7.70 -6.84
N ASP A 90 6.19 6.96 -6.00
CA ASP A 90 6.71 5.65 -6.37
C ASP A 90 5.57 4.64 -6.61
N LEU A 91 4.60 4.62 -5.71
CA LEU A 91 3.46 3.70 -5.83
C LEU A 91 2.46 4.19 -6.88
N LEU A 92 2.45 5.50 -7.13
CA LEU A 92 1.54 6.09 -8.11
C LEU A 92 1.76 5.50 -9.49
N GLN A 93 3.03 5.32 -9.85
CA GLN A 93 3.38 4.75 -11.15
C GLN A 93 2.86 3.32 -11.25
N VAL A 94 2.97 2.59 -10.15
CA VAL A 94 2.48 1.21 -10.08
C VAL A 94 0.96 1.19 -10.14
N LEU A 95 0.33 2.14 -9.47
CA LEU A 95 -1.13 2.27 -9.42
C LEU A 95 -1.67 2.49 -10.83
N GLN A 96 -0.96 3.30 -11.61
CA GLN A 96 -1.34 3.59 -12.98
C GLN A 96 -1.33 2.31 -13.83
N GLU A 97 -0.34 1.46 -13.59
CA GLU A 97 -0.20 0.19 -14.32
C GLU A 97 -1.39 -0.73 -14.08
N MET A 98 -1.88 -0.77 -12.85
CA MET A 98 -3.02 -1.62 -12.51
C MET A 98 -4.36 -0.90 -12.71
N GLY A 99 -4.30 0.41 -12.89
CA GLY A 99 -5.52 1.18 -13.09
C GLY A 99 -6.34 1.30 -11.82
N HIS A 100 -5.66 1.51 -10.69
CA HIS A 100 -6.33 1.66 -9.40
C HIS A 100 -7.08 2.98 -9.32
N ARG A 101 -8.36 2.94 -9.68
CA ARG A 101 -9.23 4.11 -9.70
C ARG A 101 -9.45 4.72 -8.30
N ARG A 102 -9.67 3.87 -7.31
CA ARG A 102 -9.93 4.34 -5.95
C ARG A 102 -8.70 5.04 -5.33
N ALA A 103 -7.52 4.49 -5.60
CA ALA A 103 -6.28 5.01 -5.05
C ALA A 103 -6.01 6.45 -5.49
N ILE A 104 -6.32 6.77 -6.75
CA ILE A 104 -6.08 8.13 -7.25
C ILE A 104 -6.92 9.16 -6.50
N HIS A 105 -8.11 8.76 -6.04
CA HIS A 105 -8.99 9.66 -5.30
C HIS A 105 -8.42 9.96 -3.90
N LEU A 106 -7.89 8.92 -3.25
CA LEU A 106 -7.33 9.07 -1.91
C LEU A 106 -5.88 9.56 -1.93
N ILE A 107 -5.18 9.36 -3.04
CA ILE A 107 -3.79 9.78 -3.18
C ILE A 107 -3.66 11.30 -3.05
N THR A 108 -4.77 12.01 -3.27
CA THR A 108 -4.80 13.47 -3.17
C THR A 108 -4.65 13.95 -1.73
N ASN A 109 -4.79 13.02 -0.78
CA ASN A 109 -4.67 13.34 0.64
C ASN A 109 -3.22 13.68 1.00
N TYR A 110 -2.28 13.13 0.22
CA TYR A 110 -0.85 13.37 0.44
C TYR A 110 -0.50 14.84 0.23
N GLY A 111 0.15 15.43 1.23
CA GLY A 111 0.54 16.84 1.13
C GLY A 111 1.94 17.09 1.66
N ALA A 112 2.73 16.04 1.80
CA ALA A 112 4.10 16.16 2.29
C ALA A 112 5.05 16.58 1.17
N VAL A 113 6.22 17.08 1.56
CA VAL A 113 7.22 17.54 0.60
C VAL A 113 8.52 16.74 0.72
N LEU A 114 9.37 16.84 -0.30
CA LEU A 114 10.65 16.14 -0.31
C LEU A 114 11.61 16.74 0.70
N SER A 115 12.51 15.90 1.22
CA SER A 115 13.49 16.32 2.22
C SER A 115 12.83 16.95 3.45
N PRO A 116 12.00 16.17 4.19
CA PRO A 116 11.29 16.66 5.39
C PRO A 116 12.23 17.22 6.46
N SER A 117 13.39 16.58 6.60
CA SER A 117 14.37 17.02 7.59
C SER A 117 15.73 17.24 6.92
N GLU A 118 16.50 18.18 7.45
CA GLU A 118 17.81 18.49 6.91
C GLU A 118 18.87 18.37 7.99
N LYS A 119 20.07 17.94 7.59
CA LYS A 119 21.17 17.78 8.53
C LYS A 119 21.96 19.08 8.68
N SER A 120 21.29 20.12 9.15
CA SER A 120 21.91 21.43 9.33
C SER A 120 22.37 21.64 10.77
N TYR A 121 22.10 20.66 11.63
CA TYR A 121 22.48 20.74 13.03
C TYR A 121 23.77 19.98 13.31
N GLN A 122 24.60 19.82 12.27
CA GLN A 122 25.87 19.10 12.39
C GLN A 122 26.82 19.82 13.36
N GLU A 123 26.84 21.14 13.30
CA GLU A 123 27.70 21.94 14.16
C GLU A 123 26.89 22.97 14.92
N GLY A 124 27.28 23.24 16.17
CA GLY A 124 26.57 24.21 16.98
C GLY A 124 27.20 24.39 18.34
N SER A 1 -2.47 9.91 31.39
CA SER A 1 -1.36 10.90 31.52
C SER A 1 -0.09 10.37 30.85
N GLU A 2 -0.16 9.15 30.35
CA GLU A 2 0.97 8.52 29.68
C GLU A 2 0.58 8.02 28.30
N PHE A 3 1.54 8.05 27.37
CA PHE A 3 1.29 7.60 26.00
C PHE A 3 2.00 6.28 25.74
N GLY A 4 1.24 5.26 25.35
CA GLY A 4 1.82 3.96 25.07
C GLY A 4 0.76 2.92 24.78
N SER A 5 1.18 1.64 24.74
CA SER A 5 0.28 0.52 24.49
C SER A 5 -0.43 0.66 23.13
N MET A 6 0.33 1.04 22.11
CA MET A 6 -0.21 1.20 20.77
C MET A 6 -0.45 -0.15 20.11
N ALA A 7 -1.52 -0.24 19.32
CA ALA A 7 -1.87 -1.48 18.64
C ALA A 7 -2.52 -1.19 17.30
N GLY A 8 -2.47 -2.16 16.39
CA GLY A 8 -3.07 -1.98 15.08
C GLY A 8 -4.58 -1.99 15.11
N ASN A 9 -5.20 -1.33 14.14
CA ASN A 9 -6.65 -1.26 14.06
C ASN A 9 -7.10 -1.03 12.62
N CYS A 10 -8.40 -1.19 12.37
CA CYS A 10 -8.97 -1.00 11.04
C CYS A 10 -8.76 0.43 10.54
N GLY A 11 -9.06 1.40 11.41
CA GLY A 11 -8.91 2.80 11.04
C GLY A 11 -10.11 3.33 10.29
N ALA A 12 -9.99 4.55 9.79
CA ALA A 12 -11.08 5.18 9.05
C ALA A 12 -10.59 5.70 7.70
N ARG A 13 -11.41 5.51 6.67
CA ARG A 13 -11.07 5.94 5.33
C ARG A 13 -12.22 6.71 4.70
N GLY A 14 -11.88 7.67 3.84
CA GLY A 14 -12.88 8.49 3.19
C GLY A 14 -12.34 9.83 2.79
N ALA A 15 -13.19 10.87 2.85
CA ALA A 15 -12.77 12.22 2.49
C ALA A 15 -11.65 12.72 3.40
N LEU A 16 -11.76 12.38 4.68
CA LEU A 16 -10.75 12.77 5.66
C LEU A 16 -9.74 11.64 5.86
N SER A 17 -8.47 11.97 5.83
CA SER A 17 -7.42 10.97 6.00
C SER A 17 -7.12 10.72 7.48
N ALA A 18 -7.48 9.52 7.96
CA ALA A 18 -7.22 9.14 9.34
C ALA A 18 -5.88 8.44 9.45
N HIS A 19 -5.32 8.09 8.30
CA HIS A 19 -4.04 7.40 8.22
C HIS A 19 -2.93 8.32 7.74
N THR A 20 -3.12 9.63 7.89
CA THR A 20 -2.13 10.60 7.44
C THR A 20 -0.95 10.75 8.42
N LEU A 21 0.26 10.68 7.86
CA LEU A 21 1.51 10.83 8.61
C LEU A 21 2.68 10.97 7.62
N LEU A 22 3.90 11.04 8.14
CA LEU A 22 5.08 11.18 7.27
C LEU A 22 5.50 9.85 6.65
N PHE A 23 5.80 8.87 7.50
CA PHE A 23 6.21 7.53 7.02
C PHE A 23 5.01 6.78 6.45
N ASP A 24 3.87 7.00 7.07
CA ASP A 24 2.61 6.38 6.65
C ASP A 24 1.66 7.42 6.10
N LEU A 25 2.00 7.93 4.90
CA LEU A 25 1.20 8.95 4.22
C LEU A 25 -0.28 8.55 4.18
N PRO A 26 -1.19 9.55 4.03
CA PRO A 26 -2.65 9.35 3.98
C PRO A 26 -3.11 8.08 3.25
N PRO A 27 -4.40 7.68 3.47
CA PRO A 27 -5.01 6.47 2.87
C PRO A 27 -4.82 6.34 1.36
N ALA A 28 -4.31 7.39 0.72
CA ALA A 28 -4.09 7.38 -0.72
C ALA A 28 -3.22 6.19 -1.13
N LEU A 29 -2.24 5.83 -0.30
CA LEU A 29 -1.38 4.69 -0.62
C LEU A 29 -1.66 3.48 0.27
N LEU A 30 -1.15 3.49 1.50
CA LEU A 30 -1.32 2.37 2.44
C LEU A 30 -2.78 2.07 2.77
N GLY A 31 -3.55 3.11 3.10
CA GLY A 31 -4.95 2.89 3.49
C GLY A 31 -5.81 2.26 2.41
N GLU A 32 -5.81 2.86 1.23
CA GLU A 32 -6.62 2.36 0.12
C GLU A 32 -6.11 1.05 -0.48
N LEU A 33 -4.80 0.94 -0.68
CA LEU A 33 -4.23 -0.26 -1.28
C LEU A 33 -4.37 -1.50 -0.39
N CYS A 34 -4.19 -1.34 0.92
CA CYS A 34 -4.30 -2.48 1.82
C CYS A 34 -5.76 -2.90 2.02
N ALA A 35 -6.68 -1.94 1.96
CA ALA A 35 -8.10 -2.24 2.17
C ALA A 35 -8.81 -2.70 0.89
N VAL A 36 -8.75 -1.88 -0.15
CA VAL A 36 -9.44 -2.20 -1.41
C VAL A 36 -8.89 -3.44 -2.11
N LEU A 37 -7.57 -3.58 -2.19
CA LEU A 37 -6.96 -4.73 -2.84
C LEU A 37 -7.07 -5.99 -1.98
N ASP A 38 -7.34 -5.81 -0.69
CA ASP A 38 -7.50 -6.94 0.24
C ASP A 38 -8.60 -7.88 -0.23
N SER A 39 -9.66 -7.29 -0.76
CA SER A 39 -10.81 -8.05 -1.23
C SER A 39 -10.65 -8.47 -2.69
N CYS A 40 -9.45 -8.26 -3.23
CA CYS A 40 -9.17 -8.60 -4.62
C CYS A 40 -9.21 -10.11 -4.85
N ASP A 41 -9.68 -10.52 -6.03
CA ASP A 41 -9.79 -11.93 -6.36
C ASP A 41 -9.29 -12.19 -7.79
N GLY A 42 -8.09 -11.69 -8.08
CA GLY A 42 -7.50 -11.88 -9.39
C GLY A 42 -7.78 -10.75 -10.36
N ALA A 43 -8.73 -9.87 -10.02
CA ALA A 43 -9.07 -8.74 -10.89
C ALA A 43 -7.87 -7.79 -11.05
N LEU A 44 -7.19 -7.54 -9.93
CA LEU A 44 -6.01 -6.69 -9.92
C LEU A 44 -4.82 -7.49 -9.42
N GLY A 45 -5.11 -8.44 -8.54
CA GLY A 45 -4.08 -9.28 -7.96
C GLY A 45 -3.49 -8.64 -6.73
N TRP A 46 -3.62 -9.29 -5.57
CA TRP A 46 -3.05 -8.76 -4.34
C TRP A 46 -1.54 -8.53 -4.51
N ARG A 47 -0.87 -9.49 -5.13
CA ARG A 47 0.56 -9.39 -5.41
C ARG A 47 0.82 -8.59 -6.69
N GLY A 48 -0.22 -8.11 -7.35
CA GLY A 48 -0.04 -7.40 -8.61
C GLY A 48 0.89 -6.21 -8.50
N LEU A 49 0.66 -5.34 -7.53
CA LEU A 49 1.52 -4.17 -7.36
C LEU A 49 2.89 -4.56 -6.81
N ALA A 50 2.91 -5.48 -5.84
CA ALA A 50 4.16 -5.93 -5.23
C ALA A 50 5.07 -6.68 -6.19
N GLU A 51 4.48 -7.57 -6.99
CA GLU A 51 5.22 -8.39 -7.94
C GLU A 51 5.97 -7.53 -8.96
N ARG A 52 5.28 -6.53 -9.49
CA ARG A 52 5.86 -5.63 -10.48
C ARG A 52 6.91 -4.71 -9.86
N LEU A 53 6.67 -4.27 -8.61
CA LEU A 53 7.61 -3.40 -7.92
C LEU A 53 8.92 -4.12 -7.61
N SER A 54 8.83 -5.36 -7.12
CA SER A 54 10.03 -6.14 -6.80
C SER A 54 9.73 -7.63 -6.78
N SER A 55 10.77 -8.45 -6.92
CA SER A 55 10.62 -9.90 -6.91
C SER A 55 11.71 -10.55 -6.06
N SER A 56 11.35 -11.63 -5.38
CA SER A 56 12.29 -12.36 -4.54
C SER A 56 11.85 -13.81 -4.35
N TRP A 57 12.77 -14.66 -3.90
CA TRP A 57 12.49 -16.07 -3.68
C TRP A 57 11.55 -16.29 -2.50
N LEU A 58 10.49 -17.07 -2.72
CA LEU A 58 9.48 -17.40 -1.69
C LEU A 58 8.73 -16.16 -1.20
N ASP A 59 8.78 -15.07 -1.97
CA ASP A 59 8.09 -13.84 -1.60
C ASP A 59 6.57 -14.04 -1.56
N VAL A 60 6.06 -14.77 -2.54
CA VAL A 60 4.62 -15.03 -2.64
C VAL A 60 4.08 -15.90 -1.50
N ASP A 61 4.97 -16.64 -0.84
CA ASP A 61 4.57 -17.51 0.26
C ASP A 61 3.94 -16.70 1.39
N HIS A 62 4.60 -15.61 1.78
CA HIS A 62 4.10 -14.73 2.82
C HIS A 62 2.92 -13.90 2.32
N ILE A 63 2.90 -13.65 1.00
CA ILE A 63 1.81 -12.88 0.38
C ILE A 63 0.47 -13.61 0.59
N GLU A 64 0.48 -14.91 0.40
CA GLU A 64 -0.72 -15.72 0.60
C GLU A 64 -1.13 -15.75 2.07
N LYS A 65 -0.15 -15.79 2.96
CA LYS A 65 -0.38 -15.86 4.40
C LYS A 65 -1.12 -14.66 5.00
N GLU A 66 -0.72 -13.42 4.67
CA GLU A 66 -1.38 -12.24 5.24
C GLU A 66 -2.58 -11.76 4.42
N VAL A 67 -2.84 -12.36 3.26
CA VAL A 67 -3.96 -11.93 2.42
C VAL A 67 -5.29 -11.99 3.20
N ASP A 68 -5.40 -12.97 4.10
CA ASP A 68 -6.60 -13.12 4.94
C ASP A 68 -6.48 -12.30 6.22
N GLN A 69 -5.30 -11.69 6.42
CA GLN A 69 -5.03 -10.89 7.61
C GLN A 69 -5.04 -9.39 7.30
N GLY A 70 -5.69 -8.99 6.22
CA GLY A 70 -5.73 -7.58 5.86
C GLY A 70 -4.82 -7.20 4.71
N LYS A 71 -4.44 -8.19 3.88
CA LYS A 71 -3.59 -8.02 2.68
C LYS A 71 -2.12 -8.29 2.98
N SER A 72 -1.43 -8.81 1.98
CA SER A 72 -0.02 -9.11 2.09
C SER A 72 0.72 -8.63 0.86
N GLY A 73 0.09 -8.74 -0.31
CA GLY A 73 0.74 -8.32 -1.54
C GLY A 73 1.30 -6.91 -1.44
N THR A 74 0.45 -5.93 -1.30
CA THR A 74 0.90 -4.55 -1.19
C THR A 74 1.24 -4.19 0.27
N ARG A 75 0.44 -4.72 1.20
CA ARG A 75 0.63 -4.41 2.63
C ARG A 75 2.00 -4.87 3.14
N GLU A 76 2.40 -6.10 2.81
CA GLU A 76 3.69 -6.63 3.25
C GLU A 76 4.84 -5.80 2.69
N LEU A 77 4.72 -5.44 1.42
CA LEU A 77 5.76 -4.66 0.75
C LEU A 77 5.94 -3.30 1.42
N LEU A 78 4.82 -2.62 1.70
CA LEU A 78 4.86 -1.31 2.35
C LEU A 78 5.32 -1.42 3.81
N TRP A 79 4.86 -2.46 4.50
CA TRP A 79 5.19 -2.69 5.92
C TRP A 79 6.58 -3.30 6.12
N SER A 80 7.27 -3.65 5.04
CA SER A 80 8.60 -4.27 5.14
C SER A 80 9.59 -3.40 5.89
N TRP A 81 9.56 -2.09 5.67
CA TRP A 81 10.47 -1.18 6.36
C TRP A 81 9.91 -0.75 7.72
N ALA A 82 9.16 0.34 7.74
CA ALA A 82 8.53 0.82 8.98
C ALA A 82 7.04 0.58 8.93
N GLN A 83 6.32 1.53 8.35
CA GLN A 83 4.87 1.42 8.17
C GLN A 83 4.59 1.28 6.69
N LYS A 84 5.06 2.27 5.93
CA LYS A 84 4.93 2.23 4.47
C LYS A 84 6.29 2.57 3.84
N ASN A 85 6.94 3.60 4.40
CA ASN A 85 8.27 4.07 3.97
C ASN A 85 8.32 4.25 2.45
N LYS A 86 7.21 4.67 1.87
CA LYS A 86 7.11 4.88 0.43
C LYS A 86 6.32 6.14 0.16
N THR A 87 6.29 6.57 -1.08
CA THR A 87 5.55 7.77 -1.44
C THR A 87 4.52 7.46 -2.51
N ILE A 88 3.51 8.30 -2.62
CA ILE A 88 2.44 8.14 -3.59
C ILE A 88 2.99 8.13 -5.02
N GLY A 89 3.95 9.00 -5.30
CA GLY A 89 4.56 9.05 -6.63
C GLY A 89 5.26 7.75 -6.99
N ASP A 90 5.95 7.15 -6.03
CA ASP A 90 6.69 5.90 -6.25
C ASP A 90 5.75 4.75 -6.61
N LEU A 91 4.65 4.62 -5.86
CA LEU A 91 3.68 3.54 -6.10
C LEU A 91 2.81 3.86 -7.31
N LEU A 92 2.66 5.14 -7.63
CA LEU A 92 1.84 5.58 -8.75
C LEU A 92 2.33 4.99 -10.06
N GLN A 93 3.66 4.96 -10.24
CA GLN A 93 4.25 4.41 -11.47
C GLN A 93 3.87 2.94 -11.65
N VAL A 94 3.94 2.18 -10.56
CA VAL A 94 3.58 0.76 -10.56
C VAL A 94 2.07 0.62 -10.74
N LEU A 95 1.35 1.51 -10.06
CA LEU A 95 -0.10 1.54 -10.07
C LEU A 95 -0.64 1.78 -11.49
N GLN A 96 0.03 2.67 -12.22
CA GLN A 96 -0.36 2.99 -13.59
C GLN A 96 -0.27 1.76 -14.49
N GLU A 97 0.77 0.95 -14.28
CA GLU A 97 0.95 -0.27 -15.06
C GLU A 97 -0.22 -1.23 -14.83
N MET A 98 -0.63 -1.35 -13.56
CA MET A 98 -1.76 -2.21 -13.21
C MET A 98 -3.09 -1.63 -13.71
N GLY A 99 -3.24 -0.32 -13.60
CA GLY A 99 -4.46 0.32 -14.05
C GLY A 99 -5.60 0.25 -13.05
N HIS A 100 -5.28 0.42 -11.77
CA HIS A 100 -6.31 0.37 -10.71
C HIS A 100 -7.14 1.65 -10.70
N ARG A 101 -8.39 1.52 -11.08
CA ARG A 101 -9.34 2.63 -11.15
C ARG A 101 -9.66 3.26 -9.79
N ARG A 102 -9.88 2.43 -8.77
CA ARG A 102 -10.21 2.94 -7.44
C ARG A 102 -9.03 3.64 -6.76
N ALA A 103 -7.83 3.09 -6.96
CA ALA A 103 -6.64 3.65 -6.33
C ALA A 103 -6.37 5.09 -6.75
N ILE A 104 -6.55 5.40 -8.03
CA ILE A 104 -6.31 6.76 -8.51
C ILE A 104 -7.40 7.71 -7.98
N HIS A 105 -8.58 7.17 -7.74
CA HIS A 105 -9.70 7.95 -7.22
C HIS A 105 -9.38 8.51 -5.81
N LEU A 106 -8.92 7.63 -4.92
CA LEU A 106 -8.60 8.04 -3.55
C LEU A 106 -7.20 8.64 -3.41
N ILE A 107 -6.31 8.31 -4.34
CA ILE A 107 -4.92 8.81 -4.31
C ILE A 107 -4.88 10.34 -4.42
N THR A 108 -5.96 10.90 -4.96
CA THR A 108 -6.11 12.35 -5.13
C THR A 108 -6.10 13.07 -3.78
N ASN A 109 -6.48 12.37 -2.72
CA ASN A 109 -6.55 12.96 -1.38
C ASN A 109 -5.17 13.26 -0.79
N TYR A 110 -4.11 12.70 -1.39
CA TYR A 110 -2.75 12.97 -0.89
C TYR A 110 -2.34 14.41 -1.18
N GLY A 111 -1.89 15.11 -0.14
CA GLY A 111 -1.47 16.49 -0.30
C GLY A 111 -0.40 16.90 0.70
N ALA A 112 0.56 16.01 0.93
CA ALA A 112 1.64 16.30 1.88
C ALA A 112 2.93 16.62 1.14
N VAL A 113 3.57 17.73 1.55
CA VAL A 113 4.81 18.16 0.94
C VAL A 113 6.01 17.93 1.86
N LEU A 114 5.75 17.34 3.02
CA LEU A 114 6.81 17.07 3.99
C LEU A 114 7.12 15.59 4.07
N SER A 115 8.37 15.23 3.79
CA SER A 115 8.81 13.85 3.85
C SER A 115 10.10 13.73 4.65
N PRO A 116 10.31 12.58 5.32
CA PRO A 116 11.52 12.36 6.13
C PRO A 116 12.78 12.20 5.26
N SER A 117 13.91 12.69 5.77
CA SER A 117 15.18 12.59 5.06
C SER A 117 15.99 11.40 5.54
N GLU A 118 15.51 10.73 6.59
CA GLU A 118 16.20 9.57 7.14
C GLU A 118 15.20 8.48 7.49
N LYS A 119 15.52 7.24 7.13
CA LYS A 119 14.64 6.11 7.41
C LYS A 119 14.66 5.77 8.89
N SER A 120 13.48 5.52 9.46
CA SER A 120 13.36 5.18 10.87
C SER A 120 12.43 3.99 11.05
N TYR A 121 12.63 3.24 12.12
CA TYR A 121 11.80 2.07 12.40
C TYR A 121 10.89 2.35 13.60
N GLN A 122 9.60 2.11 13.44
CA GLN A 122 8.64 2.34 14.50
C GLN A 122 7.75 1.11 14.68
N GLU A 123 7.66 0.62 15.93
CA GLU A 123 6.87 -0.58 16.26
C GLU A 123 7.29 -1.79 15.44
N GLY A 124 8.60 -1.94 15.23
CA GLY A 124 9.11 -3.06 14.47
C GLY A 124 10.55 -2.87 14.06
N SER A 1 -37.17 -14.77 -12.65
CA SER A 1 -37.11 -13.52 -11.83
C SER A 1 -37.07 -13.83 -10.34
N GLU A 2 -37.14 -15.13 -10.03
CA GLU A 2 -37.12 -15.60 -8.64
C GLU A 2 -35.78 -15.27 -7.97
N PHE A 3 -34.70 -15.41 -8.72
CA PHE A 3 -33.36 -15.13 -8.20
C PHE A 3 -32.64 -14.13 -9.08
N GLY A 4 -31.78 -13.31 -8.47
CA GLY A 4 -31.04 -12.32 -9.24
C GLY A 4 -29.71 -11.99 -8.59
N SER A 5 -28.83 -11.35 -9.36
CA SER A 5 -27.51 -10.97 -8.87
C SER A 5 -27.59 -9.79 -7.89
N MET A 6 -26.55 -9.61 -7.08
CA MET A 6 -26.51 -8.52 -6.13
C MET A 6 -25.23 -7.71 -6.30
N ALA A 7 -25.31 -6.41 -6.04
CA ALA A 7 -24.17 -5.52 -6.17
C ALA A 7 -24.23 -4.39 -5.15
N GLY A 8 -23.07 -3.82 -4.85
CA GLY A 8 -23.01 -2.73 -3.89
C GLY A 8 -21.67 -2.03 -3.91
N ASN A 9 -21.55 -0.96 -3.13
CA ASN A 9 -20.31 -0.20 -3.08
C ASN A 9 -19.61 -0.41 -1.74
N CYS A 10 -18.29 -0.58 -1.78
CA CYS A 10 -17.51 -0.78 -0.57
C CYS A 10 -16.39 0.25 -0.47
N GLY A 11 -16.33 0.94 0.67
CA GLY A 11 -15.32 1.95 0.87
C GLY A 11 -14.86 2.02 2.32
N ALA A 12 -13.64 2.53 2.53
CA ALA A 12 -13.09 2.64 3.86
C ALA A 12 -12.09 3.79 3.94
N ARG A 13 -11.85 4.29 5.16
CA ARG A 13 -10.92 5.39 5.41
C ARG A 13 -11.40 6.69 4.75
N GLY A 14 -10.46 7.60 4.51
CA GLY A 14 -10.79 8.86 3.88
C GLY A 14 -11.12 9.94 4.91
N ALA A 15 -11.46 11.13 4.42
CA ALA A 15 -11.80 12.28 5.27
C ALA A 15 -10.61 12.75 6.11
N LEU A 16 -10.44 12.18 7.29
CA LEU A 16 -9.35 12.54 8.17
C LEU A 16 -8.32 11.42 8.23
N SER A 17 -7.07 11.75 7.94
CA SER A 17 -6.01 10.75 7.96
C SER A 17 -5.60 10.39 9.39
N ALA A 18 -5.94 9.17 9.79
CA ALA A 18 -5.61 8.67 11.13
C ALA A 18 -4.25 7.98 11.13
N HIS A 19 -3.70 7.80 9.94
CA HIS A 19 -2.41 7.13 9.77
C HIS A 19 -1.30 8.15 9.48
N THR A 20 -1.51 9.41 9.85
CA THR A 20 -0.52 10.45 9.61
C THR A 20 0.72 10.29 10.50
N LEU A 21 1.89 10.12 9.87
CA LEU A 21 3.16 9.98 10.58
C LEU A 21 4.32 10.09 9.59
N LEU A 22 5.52 10.35 10.09
CA LEU A 22 6.72 10.50 9.25
C LEU A 22 7.12 9.20 8.52
N PHE A 23 7.22 8.10 9.26
CA PHE A 23 7.61 6.81 8.66
C PHE A 23 6.42 6.13 8.00
N ASP A 24 5.27 6.29 8.61
CA ASP A 24 4.03 5.72 8.12
C ASP A 24 3.10 6.83 7.65
N LEU A 25 3.46 7.46 6.54
CA LEU A 25 2.69 8.57 5.96
C LEU A 25 1.19 8.24 5.91
N PRO A 26 0.33 9.28 5.87
CA PRO A 26 -1.14 9.17 5.84
C PRO A 26 -1.68 8.00 4.98
N PRO A 27 -2.98 7.66 5.15
CA PRO A 27 -3.65 6.56 4.44
C PRO A 27 -3.45 6.56 2.92
N ALA A 28 -2.87 7.64 2.38
CA ALA A 28 -2.63 7.73 0.96
C ALA A 28 -1.84 6.54 0.46
N LEU A 29 -0.91 6.04 1.28
CA LEU A 29 -0.11 4.88 0.87
C LEU A 29 -0.47 3.61 1.65
N LEU A 30 0.02 3.48 2.88
CA LEU A 30 -0.21 2.29 3.71
C LEU A 30 -1.70 2.05 4.01
N GLY A 31 -2.41 3.09 4.44
CA GLY A 31 -3.81 2.94 4.79
C GLY A 31 -4.70 2.48 3.64
N GLU A 32 -4.62 3.16 2.51
CA GLU A 32 -5.43 2.85 1.35
C GLU A 32 -5.02 1.54 0.68
N LEU A 33 -3.72 1.32 0.53
CA LEU A 33 -3.23 0.10 -0.13
C LEU A 33 -3.54 -1.15 0.69
N CYS A 34 -3.41 -1.07 2.01
CA CYS A 34 -3.69 -2.23 2.86
C CYS A 34 -5.17 -2.55 2.92
N ALA A 35 -6.02 -1.51 2.80
CA ALA A 35 -7.46 -1.70 2.88
C ALA A 35 -8.09 -2.08 1.54
N VAL A 36 -7.89 -1.25 0.53
CA VAL A 36 -8.47 -1.48 -0.80
C VAL A 36 -7.95 -2.75 -1.48
N LEU A 37 -6.64 -2.99 -1.43
CA LEU A 37 -6.08 -4.19 -2.07
C LEU A 37 -6.42 -5.45 -1.30
N ASP A 38 -6.80 -5.29 -0.03
CA ASP A 38 -7.18 -6.43 0.79
C ASP A 38 -8.36 -7.18 0.18
N SER A 39 -9.30 -6.42 -0.37
CA SER A 39 -10.50 -7.01 -0.99
C SER A 39 -10.24 -7.32 -2.47
N CYS A 40 -8.99 -7.15 -2.90
CA CYS A 40 -8.62 -7.40 -4.29
C CYS A 40 -8.75 -8.88 -4.64
N ASP A 41 -9.21 -9.14 -5.86
CA ASP A 41 -9.39 -10.50 -6.34
C ASP A 41 -8.79 -10.67 -7.73
N GLY A 42 -7.55 -10.24 -7.87
CA GLY A 42 -6.85 -10.34 -9.15
C GLY A 42 -6.99 -9.10 -10.00
N ALA A 43 -7.87 -8.18 -9.63
CA ALA A 43 -8.06 -6.93 -10.38
C ALA A 43 -6.79 -6.08 -10.36
N LEU A 44 -6.16 -6.01 -9.19
CA LEU A 44 -4.91 -5.25 -9.03
C LEU A 44 -3.82 -6.19 -8.56
N GLY A 45 -4.23 -7.29 -7.94
CA GLY A 45 -3.29 -8.27 -7.42
C GLY A 45 -2.67 -7.83 -6.11
N TRP A 46 -3.01 -8.53 -5.01
CA TRP A 46 -2.44 -8.18 -3.70
C TRP A 46 -0.90 -8.18 -3.77
N ARG A 47 -0.34 -9.19 -4.41
CA ARG A 47 1.11 -9.28 -4.58
C ARG A 47 1.60 -8.48 -5.78
N GLY A 48 0.68 -7.84 -6.51
CA GLY A 48 1.08 -7.10 -7.71
C GLY A 48 2.10 -6.01 -7.44
N LEU A 49 1.87 -5.23 -6.39
CA LEU A 49 2.80 -4.16 -6.05
C LEU A 49 4.11 -4.72 -5.47
N ALA A 50 3.99 -5.73 -4.60
CA ALA A 50 5.17 -6.36 -3.97
C ALA A 50 6.04 -7.09 -4.99
N GLU A 51 5.40 -7.82 -5.89
CA GLU A 51 6.08 -8.61 -6.91
C GLU A 51 6.88 -7.70 -7.84
N ARG A 52 6.30 -6.56 -8.18
CA ARG A 52 6.94 -5.60 -9.05
C ARG A 52 8.24 -5.10 -8.44
N LEU A 53 8.21 -4.76 -7.15
CA LEU A 53 9.41 -4.28 -6.46
C LEU A 53 10.44 -5.41 -6.28
N SER A 54 9.98 -6.58 -5.85
CA SER A 54 10.86 -7.73 -5.65
C SER A 54 10.13 -9.04 -5.92
N SER A 55 10.80 -9.99 -6.58
CA SER A 55 10.18 -11.28 -6.87
C SER A 55 11.00 -12.44 -6.31
N SER A 56 10.38 -13.23 -5.44
CA SER A 56 11.04 -14.39 -4.86
C SER A 56 10.00 -15.38 -4.32
N TRP A 57 10.39 -16.64 -4.16
CA TRP A 57 9.47 -17.67 -3.68
C TRP A 57 9.14 -17.46 -2.19
N LEU A 58 10.13 -17.06 -1.41
CA LEU A 58 9.94 -16.83 0.01
C LEU A 58 8.98 -15.67 0.29
N ASP A 59 9.11 -14.60 -0.51
CA ASP A 59 8.26 -13.41 -0.34
C ASP A 59 6.78 -13.70 -0.60
N VAL A 60 6.49 -14.42 -1.68
CA VAL A 60 5.10 -14.72 -2.03
C VAL A 60 4.47 -15.75 -1.08
N ASP A 61 5.31 -16.54 -0.42
CA ASP A 61 4.81 -17.54 0.53
C ASP A 61 4.09 -16.86 1.70
N HIS A 62 4.71 -15.82 2.24
CA HIS A 62 4.14 -15.07 3.35
C HIS A 62 2.98 -14.18 2.88
N ILE A 63 2.99 -13.79 1.59
CA ILE A 63 1.93 -12.96 1.03
C ILE A 63 0.57 -13.64 1.14
N GLU A 64 0.53 -14.93 0.88
CA GLU A 64 -0.70 -15.69 0.97
C GLU A 64 -1.15 -15.84 2.43
N LYS A 65 -0.19 -15.81 3.35
CA LYS A 65 -0.45 -15.98 4.78
C LYS A 65 -1.19 -14.79 5.43
N GLU A 66 -0.72 -13.56 5.22
CA GLU A 66 -1.36 -12.39 5.85
C GLU A 66 -2.47 -11.79 4.98
N VAL A 67 -2.67 -12.30 3.77
CA VAL A 67 -3.71 -11.77 2.89
C VAL A 67 -5.09 -11.77 3.58
N ASP A 68 -5.33 -12.79 4.40
CA ASP A 68 -6.59 -12.89 5.14
C ASP A 68 -6.50 -12.17 6.48
N GLN A 69 -5.32 -11.66 6.79
CA GLN A 69 -5.06 -10.96 8.05
C GLN A 69 -4.96 -9.45 7.85
N GLY A 70 -5.53 -8.95 6.75
CA GLY A 70 -5.48 -7.52 6.49
C GLY A 70 -4.47 -7.12 5.42
N LYS A 71 -4.12 -8.08 4.54
CA LYS A 71 -3.21 -7.87 3.39
C LYS A 71 -1.77 -8.22 3.73
N SER A 72 -1.10 -8.85 2.76
CA SER A 72 0.29 -9.22 2.90
C SER A 72 1.08 -8.79 1.67
N GLY A 73 0.41 -8.68 0.54
CA GLY A 73 1.09 -8.27 -0.67
C GLY A 73 1.79 -6.94 -0.50
N THR A 74 1.01 -5.88 -0.33
CA THR A 74 1.57 -4.56 -0.15
C THR A 74 1.89 -4.28 1.32
N ARG A 75 1.04 -4.77 2.23
CA ARG A 75 1.22 -4.52 3.67
C ARG A 75 2.55 -5.07 4.17
N GLU A 76 2.85 -6.31 3.81
CA GLU A 76 4.10 -6.94 4.25
C GLU A 76 5.31 -6.21 3.68
N LEU A 77 5.20 -5.79 2.41
CA LEU A 77 6.27 -5.07 1.75
C LEU A 77 6.58 -3.75 2.47
N LEU A 78 5.53 -3.00 2.81
CA LEU A 78 5.69 -1.74 3.51
C LEU A 78 6.19 -1.94 4.94
N TRP A 79 5.68 -2.98 5.60
CA TRP A 79 6.06 -3.30 6.99
C TRP A 79 7.42 -4.00 7.09
N SER A 80 8.03 -4.33 5.96
CA SER A 80 9.32 -5.04 5.96
C SER A 80 10.42 -4.25 6.68
N TRP A 81 10.45 -2.93 6.50
CA TRP A 81 11.46 -2.10 7.18
C TRP A 81 10.99 -1.72 8.58
N ALA A 82 10.30 -0.59 8.69
CA ALA A 82 9.77 -0.13 9.98
C ALA A 82 8.26 -0.33 10.00
N GLN A 83 7.54 0.67 9.49
CA GLN A 83 6.10 0.61 9.39
C GLN A 83 5.73 0.62 7.91
N LYS A 84 6.23 1.62 7.19
CA LYS A 84 6.02 1.69 5.74
C LYS A 84 7.37 2.00 5.06
N ASN A 85 8.10 2.97 5.64
CA ASN A 85 9.42 3.40 5.15
C ASN A 85 9.44 3.63 3.64
N LYS A 86 8.31 4.07 3.10
CA LYS A 86 8.19 4.32 1.66
C LYS A 86 7.40 5.59 1.44
N THR A 87 7.90 6.47 0.57
CA THR A 87 7.19 7.70 0.29
C THR A 87 6.08 7.47 -0.73
N ILE A 88 5.12 8.38 -0.77
CA ILE A 88 3.98 8.29 -1.69
C ILE A 88 4.46 8.28 -3.14
N GLY A 89 5.47 9.08 -3.44
CA GLY A 89 6.01 9.14 -4.80
C GLY A 89 6.61 7.81 -5.25
N ASP A 90 7.28 7.13 -4.32
CA ASP A 90 7.93 5.84 -4.62
C ASP A 90 6.91 4.77 -5.01
N LEU A 91 5.81 4.67 -4.25
CA LEU A 91 4.78 3.68 -4.54
C LEU A 91 3.88 4.13 -5.69
N LEU A 92 3.79 5.43 -5.92
CA LEU A 92 2.96 5.98 -6.98
C LEU A 92 3.39 5.45 -8.35
N GLN A 93 4.70 5.34 -8.56
CA GLN A 93 5.25 4.83 -9.81
C GLN A 93 4.80 3.38 -10.03
N VAL A 94 4.83 2.59 -8.96
CA VAL A 94 4.43 1.19 -9.01
C VAL A 94 2.91 1.09 -9.23
N LEU A 95 2.17 1.99 -8.55
CA LEU A 95 0.71 2.03 -8.64
C LEU A 95 0.25 2.29 -10.08
N GLN A 96 1.01 3.11 -10.80
CA GLN A 96 0.70 3.44 -12.19
C GLN A 96 0.76 2.20 -13.07
N GLU A 97 1.76 1.34 -12.84
CA GLU A 97 1.92 0.11 -13.62
C GLU A 97 0.71 -0.80 -13.44
N MET A 98 0.29 -0.97 -12.19
CA MET A 98 -0.88 -1.81 -11.88
C MET A 98 -2.19 -1.17 -12.35
N GLY A 99 -2.27 0.14 -12.24
CA GLY A 99 -3.49 0.83 -12.64
C GLY A 99 -4.44 1.03 -11.47
N HIS A 100 -3.88 1.38 -10.32
CA HIS A 100 -4.68 1.60 -9.11
C HIS A 100 -5.40 2.95 -9.16
N ARG A 101 -6.58 2.97 -9.76
CA ARG A 101 -7.39 4.19 -9.89
C ARG A 101 -7.83 4.73 -8.53
N ARG A 102 -8.26 3.85 -7.64
CA ARG A 102 -8.74 4.25 -6.31
C ARG A 102 -7.62 4.89 -5.50
N ALA A 103 -6.41 4.34 -5.60
CA ALA A 103 -5.26 4.85 -4.87
C ALA A 103 -4.96 6.29 -5.25
N ILE A 104 -5.12 6.59 -6.54
CA ILE A 104 -4.87 7.93 -7.05
C ILE A 104 -5.78 8.95 -6.35
N HIS A 105 -7.05 8.61 -6.19
CA HIS A 105 -8.02 9.48 -5.55
C HIS A 105 -7.67 9.76 -4.08
N LEU A 106 -7.27 8.72 -3.34
CA LEU A 106 -6.94 8.89 -1.91
C LEU A 106 -5.49 9.36 -1.69
N ILE A 107 -4.62 9.11 -2.66
CA ILE A 107 -3.20 9.50 -2.54
C ILE A 107 -3.04 11.02 -2.48
N THR A 108 -4.05 11.75 -2.97
CA THR A 108 -4.02 13.20 -2.98
C THR A 108 -4.12 13.77 -1.56
N ASN A 109 -4.55 12.94 -0.62
CA ASN A 109 -4.69 13.36 0.78
C ASN A 109 -3.33 13.54 1.45
N TYR A 110 -2.28 13.03 0.82
CA TYR A 110 -0.92 13.14 1.35
C TYR A 110 -0.51 14.61 1.50
N GLY A 111 -0.72 15.40 0.45
CA GLY A 111 -0.36 16.81 0.48
C GLY A 111 1.13 17.02 0.32
N ALA A 112 1.63 16.80 -0.89
CA ALA A 112 3.06 16.96 -1.18
C ALA A 112 3.44 18.44 -1.33
N VAL A 113 3.20 19.22 -0.29
CA VAL A 113 3.53 20.64 -0.28
C VAL A 113 5.05 20.84 -0.35
N LEU A 114 5.77 20.03 0.44
CA LEU A 114 7.23 20.10 0.49
C LEU A 114 7.81 18.72 0.76
N SER A 115 9.12 18.57 0.54
CA SER A 115 9.80 17.31 0.76
C SER A 115 10.11 17.12 2.25
N PRO A 116 9.63 16.00 2.85
CA PRO A 116 9.86 15.70 4.28
C PRO A 116 11.34 15.67 4.66
N SER A 117 12.19 15.21 3.73
CA SER A 117 13.62 15.13 3.95
C SER A 117 14.25 16.51 4.16
N GLU A 118 13.58 17.54 3.62
CA GLU A 118 14.03 18.93 3.73
C GLU A 118 15.46 19.12 3.18
N LYS A 119 15.76 18.47 2.06
CA LYS A 119 17.09 18.57 1.46
C LYS A 119 17.16 19.80 0.55
N SER A 120 17.11 20.98 1.15
CA SER A 120 17.18 22.24 0.41
C SER A 120 18.59 22.49 -0.14
N TYR A 121 19.58 21.83 0.46
CA TYR A 121 20.96 21.98 0.04
C TYR A 121 21.50 20.64 -0.49
N GLN A 122 22.08 20.67 -1.68
CA GLN A 122 22.64 19.47 -2.28
C GLN A 122 24.16 19.50 -2.23
N GLU A 123 24.76 18.35 -1.95
CA GLU A 123 26.22 18.23 -1.85
C GLU A 123 26.89 18.52 -3.20
N GLY A 124 26.27 18.05 -4.28
CA GLY A 124 26.82 18.28 -5.60
C GLY A 124 25.75 18.28 -6.67
N SER A 1 -0.33 -13.80 -13.05
CA SER A 1 -1.32 -13.00 -13.83
C SER A 1 -2.75 -13.42 -13.47
N GLU A 2 -2.85 -14.38 -12.55
CA GLU A 2 -4.16 -14.88 -12.12
C GLU A 2 -4.31 -14.72 -10.62
N PHE A 3 -5.52 -14.38 -10.18
CA PHE A 3 -5.80 -14.20 -8.76
C PHE A 3 -7.01 -15.04 -8.34
N GLY A 4 -6.98 -15.55 -7.12
CA GLY A 4 -8.08 -16.35 -6.61
C GLY A 4 -9.12 -15.51 -5.89
N SER A 5 -10.16 -16.15 -5.39
CA SER A 5 -11.21 -15.44 -4.68
C SER A 5 -10.97 -15.49 -3.17
N MET A 6 -11.11 -14.33 -2.51
CA MET A 6 -10.90 -14.25 -1.07
C MET A 6 -12.06 -13.52 -0.39
N ALA A 7 -12.37 -12.32 -0.90
CA ALA A 7 -13.46 -11.48 -0.37
C ALA A 7 -13.30 -11.23 1.13
N GLY A 8 -12.16 -10.67 1.53
CA GLY A 8 -11.90 -10.38 2.94
C GLY A 8 -12.88 -9.40 3.54
N ASN A 9 -13.22 -8.36 2.77
CA ASN A 9 -14.16 -7.31 3.20
C ASN A 9 -13.77 -6.68 4.53
N CYS A 10 -12.48 -6.44 4.71
CA CYS A 10 -11.97 -5.84 5.94
C CYS A 10 -11.17 -4.58 5.65
N GLY A 11 -11.14 -3.66 6.61
CA GLY A 11 -10.40 -2.43 6.44
C GLY A 11 -11.16 -1.21 6.96
N ALA A 12 -10.44 -0.13 7.19
CA ALA A 12 -11.03 1.12 7.69
C ALA A 12 -10.22 2.32 7.23
N ARG A 13 -10.89 3.46 7.09
CA ARG A 13 -10.22 4.69 6.66
C ARG A 13 -10.52 5.84 7.63
N GLY A 14 -11.78 6.25 7.67
CA GLY A 14 -12.18 7.33 8.56
C GLY A 14 -12.24 8.67 7.85
N ALA A 15 -13.05 9.59 8.41
CA ALA A 15 -13.20 10.93 7.84
C ALA A 15 -11.89 11.71 7.87
N LEU A 16 -11.16 11.58 8.96
CA LEU A 16 -9.88 12.27 9.12
C LEU A 16 -8.72 11.28 9.02
N SER A 17 -7.58 11.75 8.53
CA SER A 17 -6.42 10.89 8.37
C SER A 17 -5.80 10.56 9.73
N ALA A 18 -5.95 9.30 10.14
CA ALA A 18 -5.39 8.83 11.41
C ALA A 18 -4.00 8.25 11.22
N HIS A 19 -3.60 8.13 9.95
CA HIS A 19 -2.31 7.58 9.61
C HIS A 19 -1.32 8.67 9.19
N THR A 20 -1.57 9.91 9.61
CA THR A 20 -0.70 11.02 9.25
C THR A 20 0.61 10.99 10.07
N LEU A 21 1.74 10.84 9.37
CA LEU A 21 3.05 10.81 10.01
C LEU A 21 4.17 11.07 8.99
N LEU A 22 5.38 11.30 9.48
CA LEU A 22 6.54 11.59 8.63
C LEU A 22 6.93 10.44 7.68
N PHE A 23 7.10 9.23 8.22
CA PHE A 23 7.50 8.09 7.37
C PHE A 23 6.28 7.35 6.85
N ASP A 24 5.25 7.28 7.68
CA ASP A 24 4.01 6.62 7.33
C ASP A 24 2.97 7.67 6.99
N LEU A 25 3.16 8.33 5.84
CA LEU A 25 2.27 9.38 5.35
C LEU A 25 0.79 8.97 5.43
N PRO A 26 -0.13 9.98 5.50
CA PRO A 26 -1.59 9.78 5.60
C PRO A 26 -2.15 8.60 4.79
N PRO A 27 -3.42 8.21 5.08
CA PRO A 27 -4.10 7.08 4.41
C PRO A 27 -4.03 7.07 2.89
N ALA A 28 -3.53 8.14 2.28
CA ALA A 28 -3.42 8.20 0.83
C ALA A 28 -2.60 7.00 0.32
N LEU A 29 -1.58 6.59 1.06
CA LEU A 29 -0.78 5.45 0.65
C LEU A 29 -1.03 4.20 1.51
N LEU A 30 -0.44 4.14 2.70
CA LEU A 30 -0.57 2.98 3.59
C LEU A 30 -2.01 2.69 4.00
N GLY A 31 -2.74 3.71 4.45
CA GLY A 31 -4.11 3.49 4.90
C GLY A 31 -5.05 2.97 3.83
N GLU A 32 -5.07 3.62 2.67
CA GLU A 32 -5.94 3.22 1.58
C GLU A 32 -5.51 1.91 0.93
N LEU A 33 -4.21 1.76 0.69
CA LEU A 33 -3.72 0.54 0.06
C LEU A 33 -3.90 -0.69 0.94
N CYS A 34 -3.70 -0.55 2.25
CA CYS A 34 -3.86 -1.69 3.15
C CYS A 34 -5.35 -2.04 3.38
N ALA A 35 -6.21 -1.01 3.35
CA ALA A 35 -7.64 -1.22 3.58
C ALA A 35 -8.42 -1.60 2.33
N VAL A 36 -8.34 -0.76 1.30
CA VAL A 36 -9.07 -1.00 0.05
C VAL A 36 -8.61 -2.27 -0.66
N LEU A 37 -7.30 -2.48 -0.75
CA LEU A 37 -6.79 -3.67 -1.43
C LEU A 37 -7.02 -4.93 -0.60
N ASP A 38 -7.25 -4.76 0.70
CA ASP A 38 -7.50 -5.89 1.58
C ASP A 38 -8.78 -6.62 1.15
N SER A 39 -9.76 -5.85 0.68
CA SER A 39 -11.02 -6.40 0.22
C SER A 39 -10.96 -6.77 -1.26
N CYS A 40 -9.76 -6.68 -1.82
CA CYS A 40 -9.54 -6.99 -3.24
C CYS A 40 -9.85 -8.45 -3.54
N ASP A 41 -10.43 -8.66 -4.71
CA ASP A 41 -10.80 -10.01 -5.16
C ASP A 41 -10.28 -10.25 -6.57
N GLY A 42 -9.06 -9.79 -6.81
CA GLY A 42 -8.44 -9.96 -8.11
C GLY A 42 -8.64 -8.76 -9.03
N ALA A 43 -9.55 -7.86 -8.65
CA ALA A 43 -9.83 -6.67 -9.46
C ALA A 43 -8.61 -5.76 -9.56
N LEU A 44 -7.92 -5.57 -8.44
CA LEU A 44 -6.72 -4.74 -8.40
C LEU A 44 -5.49 -5.58 -8.10
N GLY A 45 -5.73 -6.73 -7.50
CA GLY A 45 -4.65 -7.64 -7.15
C GLY A 45 -3.90 -7.20 -5.90
N TRP A 46 -4.06 -7.94 -4.80
CA TRP A 46 -3.36 -7.62 -3.54
C TRP A 46 -1.85 -7.48 -3.80
N ARG A 47 -1.26 -8.49 -4.44
CA ARG A 47 0.16 -8.48 -4.78
C ARG A 47 0.42 -7.73 -6.08
N GLY A 48 -0.63 -7.20 -6.71
CA GLY A 48 -0.44 -6.52 -7.98
C GLY A 48 0.55 -5.37 -7.90
N LEU A 49 0.40 -4.53 -6.90
CA LEU A 49 1.31 -3.39 -6.73
C LEU A 49 2.68 -3.85 -6.23
N ALA A 50 2.67 -4.77 -5.25
CA ALA A 50 3.91 -5.29 -4.67
C ALA A 50 4.75 -6.09 -5.67
N GLU A 51 4.09 -6.89 -6.49
CA GLU A 51 4.75 -7.74 -7.47
C GLU A 51 5.55 -6.90 -8.47
N ARG A 52 4.96 -5.81 -8.95
CA ARG A 52 5.62 -4.92 -9.90
C ARG A 52 6.86 -4.25 -9.30
N LEU A 53 6.74 -3.82 -8.04
CA LEU A 53 7.87 -3.17 -7.38
C LEU A 53 9.01 -4.16 -7.13
N SER A 54 8.67 -5.35 -6.65
CA SER A 54 9.67 -6.38 -6.38
C SER A 54 9.14 -7.76 -6.75
N SER A 55 9.89 -8.49 -7.58
CA SER A 55 9.49 -9.82 -7.99
C SER A 55 10.46 -10.87 -7.45
N SER A 56 10.08 -11.52 -6.36
CA SER A 56 10.92 -12.55 -5.76
C SER A 56 10.12 -13.82 -5.47
N TRP A 57 10.77 -14.96 -5.58
CA TRP A 57 10.12 -16.25 -5.33
C TRP A 57 10.07 -16.53 -3.83
N LEU A 58 9.04 -17.30 -3.42
CA LEU A 58 8.82 -17.70 -2.02
C LEU A 58 8.22 -16.55 -1.19
N ASP A 59 8.55 -15.32 -1.54
CA ASP A 59 8.04 -14.14 -0.83
C ASP A 59 6.53 -14.04 -0.93
N VAL A 60 5.99 -14.44 -2.09
CA VAL A 60 4.55 -14.40 -2.34
C VAL A 60 3.76 -15.25 -1.35
N ASP A 61 4.44 -16.21 -0.71
CA ASP A 61 3.80 -17.08 0.28
C ASP A 61 3.31 -16.26 1.48
N HIS A 62 4.15 -15.32 1.92
CA HIS A 62 3.82 -14.46 3.04
C HIS A 62 2.68 -13.51 2.67
N ILE A 63 2.60 -13.16 1.38
CA ILE A 63 1.54 -12.28 0.88
C ILE A 63 0.18 -12.91 1.14
N GLU A 64 0.08 -14.22 0.90
CA GLU A 64 -1.15 -14.95 1.14
C GLU A 64 -1.44 -15.07 2.64
N LYS A 65 -0.38 -15.22 3.44
CA LYS A 65 -0.51 -15.38 4.90
C LYS A 65 -1.14 -14.18 5.63
N GLU A 66 -0.69 -12.94 5.34
CA GLU A 66 -1.24 -11.78 6.04
C GLU A 66 -2.45 -11.18 5.33
N VAL A 67 -2.82 -11.71 4.16
CA VAL A 67 -3.97 -11.17 3.42
C VAL A 67 -5.24 -11.21 4.28
N ASP A 68 -5.35 -12.21 5.15
CA ASP A 68 -6.51 -12.34 6.04
C ASP A 68 -6.26 -11.57 7.34
N GLN A 69 -5.06 -11.03 7.49
CA GLN A 69 -4.68 -10.30 8.68
C GLN A 69 -4.61 -8.79 8.43
N GLY A 70 -5.31 -8.32 7.40
CA GLY A 70 -5.30 -6.90 7.09
C GLY A 70 -4.44 -6.52 5.90
N LYS A 71 -4.18 -7.50 5.01
CA LYS A 71 -3.40 -7.31 3.77
C LYS A 71 -1.92 -7.63 3.97
N SER A 72 -1.33 -8.23 2.93
CA SER A 72 0.07 -8.57 2.92
C SER A 72 0.71 -8.08 1.63
N GLY A 73 -0.05 -8.07 0.55
CA GLY A 73 0.48 -7.62 -0.73
C GLY A 73 1.09 -6.24 -0.63
N THR A 74 0.27 -5.25 -0.32
CA THR A 74 0.75 -3.89 -0.19
C THR A 74 1.25 -3.58 1.22
N ARG A 75 0.57 -4.13 2.24
CA ARG A 75 0.92 -3.88 3.63
C ARG A 75 2.32 -4.40 3.96
N GLU A 76 2.63 -5.63 3.56
CA GLU A 76 3.94 -6.22 3.82
C GLU A 76 5.03 -5.43 3.12
N LEU A 77 4.75 -5.00 1.90
CA LEU A 77 5.70 -4.24 1.10
C LEU A 77 6.06 -2.92 1.80
N LEU A 78 5.05 -2.21 2.28
CA LEU A 78 5.25 -0.93 2.96
C LEU A 78 5.90 -1.11 4.35
N TRP A 79 5.48 -2.14 5.07
CA TRP A 79 5.99 -2.40 6.42
C TRP A 79 7.32 -3.17 6.41
N SER A 80 7.75 -3.60 5.22
CA SER A 80 8.98 -4.37 5.08
C SER A 80 10.21 -3.62 5.60
N TRP A 81 10.31 -2.33 5.31
CA TRP A 81 11.44 -1.53 5.77
C TRP A 81 11.22 -1.00 7.18
N ALA A 82 10.64 0.19 7.31
CA ALA A 82 10.38 0.78 8.61
C ALA A 82 8.88 0.76 8.92
N GLN A 83 8.19 1.79 8.46
CA GLN A 83 6.74 1.91 8.64
C GLN A 83 6.08 1.78 7.27
N LYS A 84 6.47 2.67 6.37
CA LYS A 84 6.00 2.63 4.99
C LYS A 84 7.22 2.76 4.08
N ASN A 85 8.13 3.67 4.45
CA ASN A 85 9.39 3.93 3.72
C ASN A 85 9.15 4.12 2.23
N LYS A 86 7.98 4.64 1.89
CA LYS A 86 7.61 4.89 0.51
C LYS A 86 6.89 6.21 0.42
N THR A 87 6.75 6.75 -0.78
CA THR A 87 6.05 8.02 -0.94
C THR A 87 4.92 7.88 -1.95
N ILE A 88 3.97 8.80 -1.88
CA ILE A 88 2.81 8.80 -2.78
C ILE A 88 3.21 8.88 -4.25
N GLY A 89 4.19 9.73 -4.56
CA GLY A 89 4.64 9.87 -5.94
C GLY A 89 5.17 8.56 -6.52
N ASP A 90 5.96 7.84 -5.72
CA ASP A 90 6.54 6.56 -6.16
C ASP A 90 5.46 5.51 -6.43
N LEU A 91 4.45 5.47 -5.56
CA LEU A 91 3.36 4.50 -5.70
C LEU A 91 2.40 4.88 -6.83
N LEU A 92 2.27 6.18 -7.11
CA LEU A 92 1.39 6.64 -8.20
C LEU A 92 1.83 6.05 -9.53
N GLN A 93 3.14 5.93 -9.70
CA GLN A 93 3.71 5.35 -10.89
C GLN A 93 3.22 3.90 -11.07
N VAL A 94 3.27 3.14 -9.98
CA VAL A 94 2.82 1.74 -9.97
C VAL A 94 1.29 1.67 -10.11
N LEU A 95 0.60 2.59 -9.44
CA LEU A 95 -0.87 2.66 -9.44
C LEU A 95 -1.41 2.82 -10.86
N GLN A 96 -0.73 3.62 -11.66
CA GLN A 96 -1.13 3.86 -13.05
C GLN A 96 -1.05 2.57 -13.87
N GLU A 97 -0.01 1.77 -13.60
CA GLU A 97 0.21 0.52 -14.31
C GLU A 97 -0.92 -0.48 -14.06
N MET A 98 -1.40 -0.55 -12.81
CA MET A 98 -2.48 -1.48 -12.47
C MET A 98 -3.86 -0.84 -12.64
N GLY A 99 -3.91 0.48 -12.84
CA GLY A 99 -5.18 1.15 -13.01
C GLY A 99 -5.96 1.29 -11.71
N HIS A 100 -5.24 1.59 -10.63
CA HIS A 100 -5.86 1.74 -9.31
C HIS A 100 -6.61 3.06 -9.20
N ARG A 101 -7.84 3.06 -9.72
CA ARG A 101 -8.70 4.24 -9.71
C ARG A 101 -9.06 4.70 -8.29
N ARG A 102 -9.37 3.74 -7.42
CA ARG A 102 -9.75 4.05 -6.04
C ARG A 102 -8.59 4.73 -5.31
N ALA A 103 -7.39 4.23 -5.54
CA ALA A 103 -6.19 4.77 -4.92
C ALA A 103 -6.00 6.23 -5.34
N ILE A 104 -6.28 6.51 -6.60
CA ILE A 104 -6.16 7.87 -7.14
C ILE A 104 -7.13 8.82 -6.43
N HIS A 105 -8.36 8.36 -6.21
CA HIS A 105 -9.36 9.17 -5.53
C HIS A 105 -8.95 9.51 -4.10
N LEU A 106 -8.40 8.54 -3.38
CA LEU A 106 -7.97 8.76 -1.99
C LEU A 106 -6.61 9.45 -1.90
N ILE A 107 -5.80 9.31 -2.96
CA ILE A 107 -4.46 9.91 -2.99
C ILE A 107 -4.54 11.45 -2.96
N THR A 108 -5.70 11.97 -3.34
CA THR A 108 -5.93 13.42 -3.37
C THR A 108 -6.01 14.01 -1.95
N ASN A 109 -6.01 13.14 -0.94
CA ASN A 109 -6.09 13.59 0.44
C ASN A 109 -4.80 14.31 0.86
N TYR A 110 -3.69 13.95 0.21
CA TYR A 110 -2.41 14.59 0.52
C TYR A 110 -2.07 15.59 -0.59
N GLY A 111 -2.19 16.88 -0.26
CA GLY A 111 -1.92 17.94 -1.23
C GLY A 111 -0.49 17.96 -1.74
N ALA A 112 0.47 17.72 -0.86
CA ALA A 112 1.87 17.72 -1.25
C ALA A 112 2.56 16.43 -0.81
N VAL A 113 3.55 16.00 -1.59
CA VAL A 113 4.26 14.78 -1.28
C VAL A 113 5.56 15.10 -0.54
N LEU A 114 5.70 14.56 0.66
CA LEU A 114 6.88 14.79 1.47
C LEU A 114 7.75 13.53 1.52
N SER A 115 9.02 13.66 1.16
CA SER A 115 9.93 12.53 1.17
C SER A 115 10.95 12.66 2.29
N PRO A 116 10.79 11.87 3.37
CA PRO A 116 11.71 11.90 4.51
C PRO A 116 13.04 11.21 4.21
N SER A 117 14.06 11.54 4.99
CA SER A 117 15.38 10.94 4.81
C SER A 117 15.33 9.44 5.09
N GLU A 118 16.01 8.67 4.25
CA GLU A 118 16.03 7.22 4.40
C GLU A 118 17.45 6.70 4.54
N LYS A 119 17.67 5.80 5.49
CA LYS A 119 18.99 5.22 5.72
C LYS A 119 19.44 4.38 4.52
N SER A 120 18.50 3.65 3.94
CA SER A 120 18.75 2.78 2.79
C SER A 120 19.78 1.70 3.12
N TYR A 121 20.48 1.20 2.10
CA TYR A 121 21.50 0.17 2.25
C TYR A 121 20.94 -1.07 2.98
N GLN A 122 21.59 -1.46 4.07
CA GLN A 122 21.17 -2.61 4.88
C GLN A 122 21.10 -3.89 4.03
N GLU A 123 19.89 -4.42 3.83
CA GLU A 123 19.70 -5.63 3.05
C GLU A 123 18.69 -5.39 1.94
N GLY A 124 18.92 -6.00 0.78
CA GLY A 124 18.02 -5.83 -0.34
C GLY A 124 18.52 -6.56 -1.58
N SER A 1 -1.55 -19.81 -9.04
CA SER A 1 -0.63 -19.09 -8.11
C SER A 1 -1.31 -18.82 -6.78
N GLU A 2 -2.57 -19.22 -6.68
CA GLU A 2 -3.35 -19.02 -5.46
C GLU A 2 -3.81 -20.36 -4.90
N PHE A 3 -3.67 -20.53 -3.59
CA PHE A 3 -4.07 -21.77 -2.93
C PHE A 3 -5.40 -21.62 -2.18
N GLY A 4 -6.03 -20.45 -2.33
CA GLY A 4 -7.29 -20.20 -1.67
C GLY A 4 -7.12 -19.95 -0.19
N SER A 5 -8.18 -20.21 0.59
CA SER A 5 -8.17 -20.01 2.04
C SER A 5 -7.81 -18.58 2.42
N MET A 6 -8.41 -17.63 1.72
CA MET A 6 -8.14 -16.21 1.97
C MET A 6 -9.43 -15.45 2.26
N ALA A 7 -9.31 -14.42 3.11
CA ALA A 7 -10.46 -13.60 3.50
C ALA A 7 -10.01 -12.17 3.75
N GLY A 8 -10.94 -11.23 3.73
CA GLY A 8 -10.60 -9.83 3.96
C GLY A 8 -11.79 -9.00 4.40
N ASN A 9 -11.54 -7.71 4.62
CA ASN A 9 -12.58 -6.78 5.06
C ASN A 9 -12.30 -5.38 4.51
N CYS A 10 -13.18 -4.43 4.83
CA CYS A 10 -13.02 -3.06 4.36
C CYS A 10 -12.76 -2.10 5.52
N GLY A 11 -12.00 -1.04 5.24
CA GLY A 11 -11.69 -0.06 6.26
C GLY A 11 -12.43 1.25 6.05
N ALA A 12 -12.84 1.88 7.15
CA ALA A 12 -13.57 3.15 7.10
C ALA A 12 -12.74 4.26 6.48
N ARG A 13 -11.44 4.29 6.82
CA ARG A 13 -10.50 5.30 6.31
C ARG A 13 -10.82 6.69 6.87
N GLY A 14 -11.76 7.39 6.24
CA GLY A 14 -12.13 8.72 6.69
C GLY A 14 -11.48 9.83 5.89
N ALA A 15 -12.12 11.00 5.88
CA ALA A 15 -11.61 12.16 5.15
C ALA A 15 -10.27 12.64 5.71
N LEU A 16 -10.16 12.64 7.04
CA LEU A 16 -8.93 13.07 7.70
C LEU A 16 -7.91 11.94 7.72
N SER A 17 -6.64 12.28 7.58
CA SER A 17 -5.58 11.28 7.57
C SER A 17 -5.21 10.84 8.97
N ALA A 18 -5.55 9.61 9.33
CA ALA A 18 -5.22 9.06 10.64
C ALA A 18 -3.88 8.34 10.59
N HIS A 19 -3.39 8.14 9.37
CA HIS A 19 -2.12 7.44 9.15
C HIS A 19 -1.02 8.40 8.70
N THR A 20 -1.19 9.69 8.96
CA THR A 20 -0.19 10.69 8.55
C THR A 20 1.10 10.61 9.37
N LEU A 21 2.23 10.47 8.66
CA LEU A 21 3.55 10.40 9.28
C LEU A 21 4.63 10.55 8.20
N LEU A 22 5.91 10.48 8.59
CA LEU A 22 7.00 10.62 7.63
C LEU A 22 7.27 9.34 6.84
N PHE A 23 7.58 8.25 7.55
CA PHE A 23 7.86 6.96 6.91
C PHE A 23 6.58 6.34 6.38
N ASP A 24 5.51 6.55 7.14
CA ASP A 24 4.18 6.05 6.80
C ASP A 24 3.27 7.19 6.42
N LEU A 25 3.53 7.78 5.24
CA LEU A 25 2.75 8.90 4.72
C LEU A 25 1.24 8.61 4.82
N PRO A 26 0.39 9.67 4.85
CA PRO A 26 -1.08 9.58 4.96
C PRO A 26 -1.72 8.39 4.22
N PRO A 27 -2.99 8.06 4.57
CA PRO A 27 -3.75 6.94 3.98
C PRO A 27 -3.75 6.91 2.45
N ALA A 28 -3.26 7.97 1.82
CA ALA A 28 -3.21 8.04 0.37
C ALA A 28 -2.47 6.82 -0.19
N LEU A 29 -1.44 6.35 0.51
CA LEU A 29 -0.70 5.19 0.04
C LEU A 29 -0.96 3.93 0.88
N LEU A 30 -0.31 3.83 2.04
CA LEU A 30 -0.44 2.65 2.91
C LEU A 30 -1.87 2.44 3.42
N GLY A 31 -2.50 3.50 3.93
CA GLY A 31 -3.84 3.37 4.50
C GLY A 31 -4.90 2.87 3.52
N GLU A 32 -5.01 3.53 2.37
CA GLU A 32 -6.01 3.15 1.37
C GLU A 32 -5.67 1.84 0.69
N LEU A 33 -4.40 1.63 0.33
CA LEU A 33 -4.02 0.41 -0.37
C LEU A 33 -4.16 -0.82 0.51
N CYS A 34 -3.81 -0.71 1.80
CA CYS A 34 -3.92 -1.84 2.71
C CYS A 34 -5.37 -2.16 3.08
N ALA A 35 -6.22 -1.13 3.09
CA ALA A 35 -7.63 -1.32 3.46
C ALA A 35 -8.51 -1.74 2.28
N VAL A 36 -8.50 -0.94 1.21
CA VAL A 36 -9.33 -1.21 0.04
C VAL A 36 -8.95 -2.51 -0.69
N LEU A 37 -7.66 -2.74 -0.90
CA LEU A 37 -7.22 -3.95 -1.61
C LEU A 37 -7.33 -5.19 -0.72
N ASP A 38 -7.44 -5.00 0.58
CA ASP A 38 -7.58 -6.12 1.52
C ASP A 38 -8.83 -6.93 1.21
N SER A 39 -9.89 -6.23 0.84
CA SER A 39 -11.15 -6.86 0.49
C SER A 39 -11.23 -7.19 -1.00
N CYS A 40 -10.10 -7.06 -1.69
CA CYS A 40 -10.04 -7.32 -3.12
C CYS A 40 -10.26 -8.81 -3.41
N ASP A 41 -10.88 -9.08 -4.56
CA ASP A 41 -11.18 -10.45 -4.96
C ASP A 41 -10.86 -10.64 -6.44
N GLY A 42 -9.66 -10.22 -6.83
CA GLY A 42 -9.24 -10.36 -8.21
C GLY A 42 -9.55 -9.14 -9.06
N ALA A 43 -10.34 -8.21 -8.53
CA ALA A 43 -10.70 -7.00 -9.26
C ALA A 43 -9.46 -6.14 -9.55
N LEU A 44 -8.59 -6.02 -8.55
CA LEU A 44 -7.36 -5.26 -8.70
C LEU A 44 -6.17 -6.17 -8.40
N GLY A 45 -6.40 -7.11 -7.50
CA GLY A 45 -5.37 -8.05 -7.10
C GLY A 45 -4.55 -7.51 -5.94
N TRP A 46 -4.63 -8.17 -4.79
CA TRP A 46 -3.86 -7.74 -3.62
C TRP A 46 -2.36 -7.67 -3.95
N ARG A 47 -1.86 -8.67 -4.66
CA ARG A 47 -0.47 -8.70 -5.10
C ARG A 47 -0.27 -7.94 -6.40
N GLY A 48 -1.34 -7.38 -6.96
CA GLY A 48 -1.24 -6.67 -8.23
C GLY A 48 -0.26 -5.51 -8.19
N LEU A 49 -0.38 -4.67 -7.18
CA LEU A 49 0.52 -3.53 -7.05
C LEU A 49 1.91 -3.97 -6.60
N ALA A 50 1.95 -4.91 -5.66
CA ALA A 50 3.22 -5.41 -5.13
C ALA A 50 4.05 -6.14 -6.18
N GLU A 51 3.39 -6.97 -6.99
CA GLU A 51 4.07 -7.76 -8.01
C GLU A 51 4.78 -6.87 -9.02
N ARG A 52 4.11 -5.81 -9.47
CA ARG A 52 4.69 -4.90 -10.45
C ARG A 52 5.85 -4.10 -9.83
N LEU A 53 5.68 -3.66 -8.59
CA LEU A 53 6.71 -2.87 -7.91
C LEU A 53 7.95 -3.71 -7.57
N SER A 54 7.75 -4.91 -7.03
CA SER A 54 8.86 -5.78 -6.66
C SER A 54 8.51 -7.25 -6.90
N SER A 55 9.52 -8.06 -7.19
CA SER A 55 9.30 -9.48 -7.42
C SER A 55 10.44 -10.32 -6.85
N SER A 56 10.13 -11.55 -6.50
CA SER A 56 11.12 -12.48 -5.94
C SER A 56 10.59 -13.90 -6.04
N TRP A 57 11.39 -14.87 -5.59
CA TRP A 57 10.99 -16.27 -5.64
C TRP A 57 10.10 -16.63 -4.45
N LEU A 58 8.96 -17.25 -4.74
CA LEU A 58 8.00 -17.67 -3.71
C LEU A 58 7.52 -16.49 -2.86
N ASP A 59 7.48 -15.30 -3.45
CA ASP A 59 7.05 -14.10 -2.74
C ASP A 59 5.54 -14.09 -2.49
N VAL A 60 4.80 -14.88 -3.26
CA VAL A 60 3.36 -14.96 -3.11
C VAL A 60 2.94 -15.79 -1.89
N ASP A 61 3.89 -16.59 -1.37
CA ASP A 61 3.63 -17.46 -0.23
C ASP A 61 3.21 -16.65 0.99
N HIS A 62 3.97 -15.60 1.30
CA HIS A 62 3.65 -14.76 2.44
C HIS A 62 2.50 -13.80 2.14
N ILE A 63 2.22 -13.57 0.86
CA ILE A 63 1.13 -12.67 0.44
C ILE A 63 -0.21 -13.22 0.93
N GLU A 64 -0.38 -14.53 0.82
CA GLU A 64 -1.62 -15.17 1.28
C GLU A 64 -1.70 -15.14 2.82
N LYS A 65 -0.55 -15.24 3.47
CA LYS A 65 -0.47 -15.28 4.94
C LYS A 65 -0.99 -14.02 5.66
N GLU A 66 -0.57 -12.82 5.23
CA GLU A 66 -1.01 -11.60 5.92
C GLU A 66 -2.32 -11.02 5.37
N VAL A 67 -2.85 -11.61 4.29
CA VAL A 67 -4.10 -11.10 3.71
C VAL A 67 -5.23 -11.09 4.76
N ASP A 68 -5.17 -12.03 5.71
CA ASP A 68 -6.16 -12.13 6.77
C ASP A 68 -5.75 -11.26 7.96
N GLN A 69 -4.55 -10.69 7.88
CA GLN A 69 -4.00 -9.86 8.94
C GLN A 69 -3.96 -8.38 8.55
N GLY A 70 -4.80 -7.98 7.59
CA GLY A 70 -4.82 -6.60 7.15
C GLY A 70 -4.16 -6.34 5.81
N LYS A 71 -3.84 -7.44 5.08
CA LYS A 71 -3.23 -7.41 3.72
C LYS A 71 -1.76 -7.81 3.75
N SER A 72 -1.31 -8.44 2.67
CA SER A 72 0.07 -8.86 2.53
C SER A 72 0.62 -8.45 1.18
N GLY A 73 -0.26 -8.33 0.19
CA GLY A 73 0.21 -7.92 -1.11
C GLY A 73 0.92 -6.58 -1.05
N THR A 74 0.16 -5.54 -0.76
CA THR A 74 0.73 -4.21 -0.66
C THR A 74 1.28 -3.92 0.74
N ARG A 75 0.56 -4.36 1.78
CA ARG A 75 0.95 -4.10 3.16
C ARG A 75 2.31 -4.72 3.52
N GLU A 76 2.50 -5.98 3.16
CA GLU A 76 3.75 -6.67 3.46
C GLU A 76 4.94 -5.99 2.79
N LEU A 77 4.74 -5.62 1.52
CA LEU A 77 5.80 -4.95 0.75
C LEU A 77 6.16 -3.59 1.36
N LEU A 78 5.14 -2.80 1.70
CA LEU A 78 5.38 -1.48 2.29
C LEU A 78 6.01 -1.59 3.69
N TRP A 79 5.56 -2.58 4.46
CA TRP A 79 6.08 -2.81 5.82
C TRP A 79 7.43 -3.52 5.84
N SER A 80 7.90 -3.95 4.67
CA SER A 80 9.18 -4.67 4.58
C SER A 80 10.36 -3.85 5.11
N TRP A 81 10.39 -2.54 4.83
CA TRP A 81 11.48 -1.71 5.30
C TRP A 81 11.22 -1.19 6.72
N ALA A 82 10.57 -0.03 6.82
CA ALA A 82 10.24 0.54 8.12
C ALA A 82 8.74 0.42 8.37
N GLN A 83 7.99 1.41 7.88
CA GLN A 83 6.55 1.42 7.99
C GLN A 83 5.98 1.23 6.59
N LYS A 84 6.36 2.14 5.70
CA LYS A 84 5.98 2.06 4.29
C LYS A 84 7.22 2.31 3.44
N ASN A 85 8.02 3.31 3.85
CA ASN A 85 9.28 3.70 3.19
C ASN A 85 9.11 3.87 1.68
N LYS A 86 7.93 4.31 1.27
CA LYS A 86 7.63 4.51 -0.14
C LYS A 86 6.83 5.80 -0.31
N THR A 87 7.25 6.65 -1.23
CA THR A 87 6.54 7.89 -1.44
C THR A 87 5.31 7.67 -2.33
N ILE A 88 4.37 8.60 -2.26
CA ILE A 88 3.13 8.52 -3.05
C ILE A 88 3.44 8.51 -4.55
N GLY A 89 4.44 9.30 -4.96
CA GLY A 89 4.83 9.34 -6.37
C GLY A 89 5.33 8.00 -6.88
N ASP A 90 6.10 7.29 -6.04
CA ASP A 90 6.65 5.99 -6.42
C ASP A 90 5.56 4.96 -6.69
N LEU A 91 4.56 4.91 -5.81
CA LEU A 91 3.46 3.96 -5.96
C LEU A 91 2.45 4.43 -7.01
N LEU A 92 2.41 5.74 -7.25
CA LEU A 92 1.49 6.32 -8.22
C LEU A 92 1.71 5.73 -9.61
N GLN A 93 2.97 5.56 -9.99
CA GLN A 93 3.32 5.00 -11.29
C GLN A 93 2.78 3.57 -11.42
N VAL A 94 2.89 2.81 -10.33
CA VAL A 94 2.39 1.44 -10.30
C VAL A 94 0.86 1.44 -10.34
N LEU A 95 0.26 2.36 -9.60
CA LEU A 95 -1.20 2.50 -9.55
C LEU A 95 -1.78 2.79 -10.92
N GLN A 96 -1.08 3.62 -11.69
CA GLN A 96 -1.51 3.98 -13.05
C GLN A 96 -1.56 2.74 -13.94
N GLU A 97 -0.56 1.88 -13.81
CA GLU A 97 -0.49 0.66 -14.61
C GLU A 97 -1.66 -0.27 -14.26
N MET A 98 -1.93 -0.40 -12.95
CA MET A 98 -3.02 -1.25 -12.48
C MET A 98 -4.38 -0.68 -12.87
N GLY A 99 -4.51 0.64 -12.81
CA GLY A 99 -5.77 1.28 -13.17
C GLY A 99 -6.77 1.33 -12.03
N HIS A 100 -6.28 1.32 -10.79
CA HIS A 100 -7.15 1.37 -9.62
C HIS A 100 -7.66 2.80 -9.40
N ARG A 101 -8.93 3.01 -9.72
CA ARG A 101 -9.57 4.32 -9.59
C ARG A 101 -9.66 4.82 -8.15
N ARG A 102 -10.01 3.92 -7.22
CA ARG A 102 -10.13 4.29 -5.81
C ARG A 102 -8.80 4.76 -5.25
N ALA A 103 -7.73 4.05 -5.61
CA ALA A 103 -6.39 4.40 -5.15
C ALA A 103 -6.00 5.79 -5.62
N ILE A 104 -6.33 6.09 -6.89
CA ILE A 104 -6.04 7.40 -7.47
C ILE A 104 -6.83 8.49 -6.75
N HIS A 105 -8.10 8.21 -6.48
CA HIS A 105 -8.97 9.15 -5.79
C HIS A 105 -8.44 9.48 -4.39
N LEU A 106 -8.08 8.45 -3.62
CA LEU A 106 -7.59 8.65 -2.26
C LEU A 106 -6.13 9.13 -2.21
N ILE A 107 -5.35 8.85 -3.25
CA ILE A 107 -3.94 9.26 -3.29
C ILE A 107 -3.80 10.79 -3.32
N THR A 108 -4.87 11.49 -3.72
CA THR A 108 -4.86 12.94 -3.79
C THR A 108 -4.98 13.57 -2.39
N ASN A 109 -5.24 12.74 -1.38
CA ASN A 109 -5.39 13.22 0.00
C ASN A 109 -4.04 13.28 0.71
N TYR A 110 -2.96 13.23 -0.06
CA TYR A 110 -1.61 13.31 0.48
C TYR A 110 -1.20 14.76 0.72
N GLY A 111 -0.74 15.05 1.93
CA GLY A 111 -0.32 16.40 2.26
C GLY A 111 1.19 16.53 2.32
N ALA A 112 1.69 17.74 2.09
CA ALA A 112 3.12 18.00 2.12
C ALA A 112 3.70 17.78 3.51
N VAL A 113 4.91 17.23 3.56
CA VAL A 113 5.58 16.96 4.83
C VAL A 113 7.00 17.53 4.82
N LEU A 114 7.56 17.73 6.01
CA LEU A 114 8.91 18.27 6.13
C LEU A 114 9.93 17.14 6.28
N SER A 115 11.05 17.27 5.58
CA SER A 115 12.10 16.26 5.64
C SER A 115 12.95 16.43 6.90
N PRO A 116 13.10 15.36 7.70
CA PRO A 116 13.88 15.40 8.94
C PRO A 116 15.39 15.49 8.66
N SER A 117 16.12 16.10 9.59
CA SER A 117 17.57 16.25 9.46
C SER A 117 18.31 15.10 10.15
N GLU A 118 17.56 14.18 10.73
CA GLU A 118 18.15 13.04 11.43
C GLU A 118 18.13 11.80 10.53
N LYS A 119 19.21 11.03 10.58
CA LYS A 119 19.31 9.81 9.78
C LYS A 119 20.14 8.75 10.52
N SER A 120 19.92 7.49 10.16
CA SER A 120 20.63 6.38 10.79
C SER A 120 21.86 5.97 9.96
N TYR A 121 22.05 6.63 8.82
CA TYR A 121 23.18 6.33 7.95
C TYR A 121 24.36 7.22 8.29
N GLN A 122 25.24 6.72 9.15
CA GLN A 122 26.43 7.48 9.56
C GLN A 122 27.68 7.00 8.82
N GLU A 123 27.50 6.03 7.93
CA GLU A 123 28.62 5.49 7.15
C GLU A 123 29.24 6.55 6.24
N GLY A 124 28.40 7.36 5.62
CA GLY A 124 28.89 8.40 4.74
C GLY A 124 29.28 7.88 3.38
N SER A 1 -19.01 -25.20 7.46
CA SER A 1 -20.37 -25.07 6.87
C SER A 1 -20.52 -23.75 6.13
N GLU A 2 -19.45 -22.97 6.12
CA GLU A 2 -19.45 -21.67 5.44
C GLU A 2 -18.67 -21.75 4.13
N PHE A 3 -19.31 -21.34 3.04
CA PHE A 3 -18.68 -21.37 1.73
C PHE A 3 -18.61 -19.96 1.14
N GLY A 4 -17.50 -19.66 0.46
CA GLY A 4 -17.33 -18.36 -0.13
C GLY A 4 -16.61 -17.38 0.78
N SER A 5 -16.29 -16.20 0.26
CA SER A 5 -15.60 -15.19 1.04
C SER A 5 -16.30 -13.85 0.91
N MET A 6 -16.20 -13.02 1.95
CA MET A 6 -16.84 -11.71 1.95
C MET A 6 -15.79 -10.61 1.77
N ALA A 7 -16.12 -9.62 0.94
CA ALA A 7 -15.21 -8.51 0.67
C ALA A 7 -14.91 -7.69 1.93
N GLY A 8 -15.94 -7.48 2.74
CA GLY A 8 -15.77 -6.70 3.97
C GLY A 8 -15.88 -5.21 3.73
N ASN A 9 -15.74 -4.43 4.80
CA ASN A 9 -15.83 -2.97 4.71
C ASN A 9 -14.45 -2.34 4.84
N CYS A 10 -14.01 -1.65 3.78
CA CYS A 10 -12.71 -0.99 3.77
C CYS A 10 -12.65 0.14 4.80
N GLY A 11 -13.73 0.89 4.92
CA GLY A 11 -13.77 1.99 5.87
C GLY A 11 -14.02 3.32 5.19
N ALA A 12 -13.97 4.41 5.96
CA ALA A 12 -14.19 5.74 5.41
C ALA A 12 -12.87 6.52 5.34
N ARG A 13 -12.52 6.94 4.13
CA ARG A 13 -11.28 7.70 3.92
C ARG A 13 -11.51 8.85 2.95
N GLY A 14 -10.54 9.75 2.88
CA GLY A 14 -10.65 10.90 1.99
C GLY A 14 -10.98 12.19 2.72
N ALA A 15 -11.46 12.05 3.96
CA ALA A 15 -11.81 13.21 4.76
C ALA A 15 -10.75 13.46 5.83
N LEU A 16 -10.70 12.56 6.82
CA LEU A 16 -9.73 12.68 7.89
C LEU A 16 -8.69 11.56 7.77
N SER A 17 -7.42 11.90 8.02
CA SER A 17 -6.35 10.92 7.94
C SER A 17 -5.91 10.48 9.34
N ALA A 18 -6.22 9.23 9.68
CA ALA A 18 -5.86 8.68 10.99
C ALA A 18 -4.49 8.02 10.94
N HIS A 19 -3.94 7.91 9.74
CA HIS A 19 -2.65 7.28 9.54
C HIS A 19 -1.56 8.32 9.27
N THR A 20 -1.80 9.56 9.67
CA THR A 20 -0.84 10.65 9.45
C THR A 20 0.40 10.49 10.32
N LEU A 21 1.57 10.38 9.68
CA LEU A 21 2.85 10.25 10.37
C LEU A 21 4.01 10.50 9.41
N LEU A 22 5.21 10.73 9.96
CA LEU A 22 6.40 11.02 9.15
C LEU A 22 6.82 9.85 8.24
N PHE A 23 6.94 8.64 8.80
CA PHE A 23 7.36 7.49 8.00
C PHE A 23 6.16 6.75 7.42
N ASP A 24 5.08 6.71 8.19
CA ASP A 24 3.85 6.06 7.75
C ASP A 24 2.85 7.12 7.34
N LEU A 25 3.13 7.75 6.20
CA LEU A 25 2.29 8.82 5.62
C LEU A 25 0.79 8.47 5.67
N PRO A 26 -0.07 9.53 5.62
CA PRO A 26 -1.55 9.40 5.65
C PRO A 26 -2.09 8.25 4.79
N PRO A 27 -3.39 7.90 4.97
CA PRO A 27 -4.06 6.81 4.24
C PRO A 27 -3.84 6.82 2.73
N ALA A 28 -3.28 7.88 2.19
CA ALA A 28 -3.04 7.97 0.75
C ALA A 28 -2.19 6.79 0.27
N LEU A 29 -1.25 6.32 1.09
CA LEU A 29 -0.41 5.19 0.70
C LEU A 29 -0.77 3.90 1.45
N LEU A 30 -0.33 3.79 2.70
CA LEU A 30 -0.59 2.58 3.50
C LEU A 30 -2.07 2.34 3.79
N GLY A 31 -2.78 3.37 4.26
CA GLY A 31 -4.20 3.20 4.61
C GLY A 31 -5.09 2.75 3.47
N GLU A 32 -5.04 3.44 2.34
CA GLU A 32 -5.88 3.10 1.19
C GLU A 32 -5.44 1.82 0.50
N LEU A 33 -4.14 1.65 0.30
CA LEU A 33 -3.65 0.46 -0.38
C LEU A 33 -3.88 -0.82 0.41
N CYS A 34 -3.69 -0.79 1.73
CA CYS A 34 -3.90 -2.00 2.53
C CYS A 34 -5.39 -2.34 2.70
N ALA A 35 -6.24 -1.32 2.76
CA ALA A 35 -7.67 -1.54 2.96
C ALA A 35 -8.43 -1.80 1.65
N VAL A 36 -8.30 -0.89 0.70
CA VAL A 36 -9.02 -1.01 -0.58
C VAL A 36 -8.58 -2.22 -1.40
N LEU A 37 -7.29 -2.47 -1.49
CA LEU A 37 -6.78 -3.60 -2.27
C LEU A 37 -7.00 -4.93 -1.53
N ASP A 38 -7.25 -4.86 -0.23
CA ASP A 38 -7.47 -6.06 0.59
C ASP A 38 -8.69 -6.84 0.08
N SER A 39 -9.70 -6.10 -0.34
CA SER A 39 -10.94 -6.71 -0.84
C SER A 39 -10.82 -7.05 -2.32
N CYS A 40 -9.61 -6.93 -2.86
CA CYS A 40 -9.34 -7.22 -4.27
C CYS A 40 -9.55 -8.70 -4.59
N ASP A 41 -10.05 -8.95 -5.80
CA ASP A 41 -10.32 -10.31 -6.26
C ASP A 41 -9.78 -10.48 -7.68
N GLY A 42 -8.55 -10.02 -7.89
CA GLY A 42 -7.92 -10.13 -9.19
C GLY A 42 -8.11 -8.90 -10.06
N ALA A 43 -9.02 -8.00 -9.65
CA ALA A 43 -9.28 -6.78 -10.41
C ALA A 43 -8.05 -5.87 -10.46
N LEU A 44 -7.37 -5.75 -9.31
CA LEU A 44 -6.16 -4.93 -9.22
C LEU A 44 -4.96 -5.80 -8.88
N GLY A 45 -5.24 -6.92 -8.21
CA GLY A 45 -4.19 -7.83 -7.79
C GLY A 45 -3.49 -7.36 -6.54
N TRP A 46 -3.74 -8.04 -5.41
CA TRP A 46 -3.08 -7.67 -4.15
C TRP A 46 -1.55 -7.66 -4.31
N ARG A 47 -1.03 -8.62 -5.04
CA ARG A 47 0.40 -8.71 -5.29
C ARG A 47 0.83 -7.83 -6.45
N GLY A 48 -0.09 -7.09 -7.06
CA GLY A 48 0.26 -6.25 -8.20
C GLY A 48 1.32 -5.23 -7.86
N LEU A 49 1.19 -4.59 -6.71
CA LEU A 49 2.17 -3.60 -6.29
C LEU A 49 3.49 -4.27 -5.88
N ALA A 50 3.39 -5.39 -5.15
CA ALA A 50 4.57 -6.13 -4.71
C ALA A 50 5.35 -6.74 -5.88
N GLU A 51 4.61 -7.27 -6.85
CA GLU A 51 5.20 -7.90 -8.03
C GLU A 51 6.03 -6.92 -8.83
N ARG A 52 5.53 -5.68 -8.96
CA ARG A 52 6.23 -4.64 -9.70
C ARG A 52 7.54 -4.27 -9.01
N LEU A 53 7.50 -4.20 -7.68
CA LEU A 53 8.69 -3.87 -6.89
C LEU A 53 9.68 -5.05 -6.92
N SER A 54 9.13 -6.26 -6.76
CA SER A 54 9.94 -7.50 -6.78
C SER A 54 11.04 -7.48 -5.71
N SER A 55 10.64 -7.38 -4.44
CA SER A 55 11.59 -7.35 -3.34
C SER A 55 12.36 -8.66 -3.22
N SER A 56 11.68 -9.79 -3.41
CA SER A 56 12.31 -11.10 -3.33
C SER A 56 11.46 -12.16 -4.03
N TRP A 57 12.10 -13.28 -4.39
CA TRP A 57 11.42 -14.39 -5.06
C TRP A 57 10.38 -15.06 -4.15
N LEU A 58 10.74 -15.26 -2.88
CA LEU A 58 9.86 -15.91 -1.92
C LEU A 58 8.84 -14.96 -1.31
N ASP A 59 8.88 -13.69 -1.75
CA ASP A 59 7.96 -12.68 -1.24
C ASP A 59 6.50 -13.05 -1.53
N VAL A 60 6.26 -13.62 -2.71
CA VAL A 60 4.91 -14.02 -3.11
C VAL A 60 4.30 -15.09 -2.19
N ASP A 61 5.16 -15.90 -1.56
CA ASP A 61 4.70 -16.95 -0.65
C ASP A 61 3.98 -16.33 0.54
N HIS A 62 4.57 -15.29 1.12
CA HIS A 62 4.00 -14.61 2.28
C HIS A 62 2.82 -13.74 1.87
N ILE A 63 2.76 -13.34 0.59
CA ILE A 63 1.67 -12.52 0.07
C ILE A 63 0.32 -13.23 0.27
N GLU A 64 0.28 -14.51 -0.03
CA GLU A 64 -0.92 -15.31 0.14
C GLU A 64 -1.29 -15.45 1.62
N LYS A 65 -0.26 -15.57 2.46
CA LYS A 65 -0.43 -15.77 3.90
C LYS A 65 -1.12 -14.61 4.63
N GLU A 66 -0.69 -13.36 4.39
CA GLU A 66 -1.30 -12.22 5.10
C GLU A 66 -2.52 -11.63 4.37
N VAL A 67 -2.83 -12.12 3.17
CA VAL A 67 -3.97 -11.59 2.42
C VAL A 67 -5.27 -11.67 3.24
N ASP A 68 -5.38 -12.71 4.07
CA ASP A 68 -6.56 -12.89 4.93
C ASP A 68 -6.38 -12.17 6.26
N GLN A 69 -5.19 -11.60 6.47
CA GLN A 69 -4.86 -10.91 7.71
C GLN A 69 -4.84 -9.38 7.53
N GLY A 70 -5.51 -8.90 6.48
CA GLY A 70 -5.54 -7.46 6.25
C GLY A 70 -4.63 -7.00 5.11
N LYS A 71 -4.26 -7.94 4.21
CA LYS A 71 -3.43 -7.67 3.01
C LYS A 71 -1.97 -8.05 3.24
N SER A 72 -1.33 -8.49 2.16
CA SER A 72 0.07 -8.86 2.19
C SER A 72 0.79 -8.32 0.97
N GLY A 73 0.12 -8.32 -0.18
CA GLY A 73 0.75 -7.83 -1.41
C GLY A 73 1.38 -6.46 -1.23
N THR A 74 0.57 -5.45 -0.94
CA THR A 74 1.11 -4.12 -0.74
C THR A 74 1.54 -3.88 0.71
N ARG A 75 0.78 -4.45 1.64
CA ARG A 75 1.04 -4.28 3.06
C ARG A 75 2.40 -4.83 3.48
N GLU A 76 2.72 -6.05 3.03
CA GLU A 76 4.00 -6.68 3.37
C GLU A 76 5.15 -5.87 2.80
N LEU A 77 4.98 -5.38 1.59
CA LEU A 77 6.01 -4.57 0.93
C LEU A 77 6.30 -3.31 1.73
N LEU A 78 5.23 -2.61 2.14
CA LEU A 78 5.38 -1.39 2.92
C LEU A 78 5.84 -1.67 4.36
N TRP A 79 5.31 -2.74 4.95
CA TRP A 79 5.62 -3.13 6.33
C TRP A 79 6.97 -3.84 6.46
N SER A 80 7.61 -4.12 5.32
CA SER A 80 8.89 -4.85 5.33
C SER A 80 9.97 -4.14 6.15
N TRP A 81 10.04 -2.81 6.08
CA TRP A 81 11.04 -2.07 6.84
C TRP A 81 10.54 -1.76 8.25
N ALA A 82 9.91 -0.60 8.41
CA ALA A 82 9.36 -0.20 9.72
C ALA A 82 7.84 -0.27 9.67
N GLN A 83 7.22 0.82 9.22
CA GLN A 83 5.77 0.86 9.08
C GLN A 83 5.44 0.85 7.59
N LYS A 84 5.98 1.83 6.88
CA LYS A 84 5.80 1.91 5.43
C LYS A 84 7.15 2.19 4.76
N ASN A 85 7.91 3.14 5.35
CA ASN A 85 9.24 3.53 4.86
C ASN A 85 9.24 3.78 3.34
N LYS A 86 8.14 4.31 2.84
CA LYS A 86 8.01 4.60 1.42
C LYS A 86 7.30 5.93 1.24
N THR A 87 7.31 6.47 0.02
CA THR A 87 6.65 7.72 -0.24
C THR A 87 5.64 7.57 -1.37
N ILE A 88 4.68 8.49 -1.42
CA ILE A 88 3.64 8.48 -2.44
C ILE A 88 4.22 8.61 -3.84
N GLY A 89 5.27 9.42 -4.00
CA GLY A 89 5.88 9.60 -5.31
C GLY A 89 6.43 8.30 -5.89
N ASP A 90 7.07 7.50 -5.05
CA ASP A 90 7.63 6.22 -5.46
C ASP A 90 6.53 5.23 -5.84
N LEU A 91 5.48 5.20 -5.03
CA LEU A 91 4.35 4.30 -5.26
C LEU A 91 3.45 4.78 -6.40
N LEU A 92 3.49 6.08 -6.68
CA LEU A 92 2.69 6.67 -7.75
C LEU A 92 3.04 6.05 -9.10
N GLN A 93 4.32 5.85 -9.34
CA GLN A 93 4.80 5.24 -10.58
C GLN A 93 4.25 3.82 -10.73
N VAL A 94 4.26 3.08 -9.63
CA VAL A 94 3.75 1.71 -9.61
C VAL A 94 2.22 1.72 -9.79
N LEU A 95 1.56 2.68 -9.12
CA LEU A 95 0.11 2.82 -9.19
C LEU A 95 -0.36 3.09 -10.61
N GLN A 96 0.37 3.95 -11.33
CA GLN A 96 0.04 4.29 -12.71
C GLN A 96 0.16 3.07 -13.61
N GLU A 97 1.20 2.27 -13.40
CA GLU A 97 1.43 1.06 -14.19
C GLU A 97 0.30 0.05 -13.99
N MET A 98 -0.06 -0.18 -12.73
CA MET A 98 -1.13 -1.13 -12.41
C MET A 98 -2.51 -0.60 -12.81
N GLY A 99 -2.73 0.70 -12.65
CA GLY A 99 -4.01 1.28 -13.00
C GLY A 99 -5.01 1.30 -11.86
N HIS A 100 -4.53 1.60 -10.66
CA HIS A 100 -5.42 1.66 -9.49
C HIS A 100 -6.21 2.96 -9.47
N ARG A 101 -7.44 2.90 -9.98
CA ARG A 101 -8.33 4.07 -10.04
C ARG A 101 -8.68 4.62 -8.66
N ARG A 102 -8.96 3.74 -7.71
CA ARG A 102 -9.33 4.16 -6.36
C ARG A 102 -8.17 4.86 -5.66
N ALA A 103 -6.96 4.35 -5.90
CA ALA A 103 -5.75 4.89 -5.28
C ALA A 103 -5.51 6.36 -5.61
N ILE A 104 -5.78 6.76 -6.86
CA ILE A 104 -5.57 8.16 -7.26
C ILE A 104 -6.58 9.09 -6.58
N HIS A 105 -7.73 8.56 -6.21
CA HIS A 105 -8.75 9.36 -5.53
C HIS A 105 -8.30 9.69 -4.10
N LEU A 106 -7.69 8.72 -3.44
CA LEU A 106 -7.20 8.91 -2.06
C LEU A 106 -5.81 9.54 -2.00
N ILE A 107 -5.04 9.42 -3.07
CA ILE A 107 -3.69 9.99 -3.12
C ILE A 107 -3.71 11.51 -2.96
N THR A 108 -4.86 12.13 -3.24
CA THR A 108 -5.01 13.57 -3.12
C THR A 108 -4.90 14.03 -1.67
N ASN A 109 -5.04 13.09 -0.72
CA ASN A 109 -4.92 13.42 0.70
C ASN A 109 -3.47 13.60 1.13
N TYR A 110 -2.55 13.21 0.25
CA TYR A 110 -1.12 13.34 0.52
C TYR A 110 -0.70 14.81 0.47
N GLY A 111 0.14 15.21 1.42
CA GLY A 111 0.61 16.59 1.47
C GLY A 111 0.42 17.22 2.84
N ALA A 112 -0.26 16.49 3.73
CA ALA A 112 -0.50 16.97 5.09
C ALA A 112 0.82 17.15 5.84
N VAL A 113 1.75 16.23 5.62
CA VAL A 113 3.06 16.28 6.26
C VAL A 113 4.17 16.14 5.22
N LEU A 114 5.38 16.55 5.58
CA LEU A 114 6.51 16.46 4.67
C LEU A 114 7.19 15.10 4.80
N SER A 115 7.34 14.41 3.67
CA SER A 115 7.99 13.10 3.65
C SER A 115 9.49 13.22 3.93
N PRO A 116 10.07 12.20 4.59
CA PRO A 116 11.51 12.21 4.91
C PRO A 116 12.38 12.00 3.67
N SER A 117 13.56 12.63 3.68
CA SER A 117 14.48 12.53 2.55
C SER A 117 15.39 11.31 2.71
N GLU A 118 15.38 10.70 3.89
CA GLU A 118 16.20 9.54 4.17
C GLU A 118 15.37 8.40 4.75
N LYS A 119 15.78 7.17 4.47
CA LYS A 119 15.09 5.99 4.96
C LYS A 119 15.44 5.74 6.43
N SER A 120 14.53 5.09 7.14
CA SER A 120 14.74 4.79 8.57
C SER A 120 15.90 3.80 8.76
N TYR A 121 16.10 2.92 7.77
CA TYR A 121 17.15 1.90 7.82
C TYR A 121 16.97 0.97 9.01
N GLN A 122 15.73 0.78 9.42
CA GLN A 122 15.41 -0.09 10.55
C GLN A 122 14.35 -1.10 10.16
N GLU A 123 14.39 -2.29 10.75
CA GLU A 123 13.41 -3.33 10.45
C GLU A 123 12.63 -3.71 11.70
N GLY A 124 11.32 -3.79 11.56
CA GLY A 124 10.46 -4.15 12.68
C GLY A 124 9.75 -2.94 13.27
N SER A 1 -3.40 -17.23 -14.11
CA SER A 1 -3.61 -18.53 -14.82
C SER A 1 -4.68 -19.36 -14.14
N GLU A 2 -5.21 -18.84 -13.04
CA GLU A 2 -6.25 -19.52 -12.27
C GLU A 2 -7.17 -18.51 -11.59
N PHE A 3 -8.38 -18.95 -11.26
CA PHE A 3 -9.35 -18.09 -10.61
C PHE A 3 -9.89 -18.75 -9.35
N GLY A 4 -10.23 -17.93 -8.35
CA GLY A 4 -10.76 -18.45 -7.10
C GLY A 4 -9.91 -18.05 -5.91
N SER A 5 -10.42 -17.11 -5.12
CA SER A 5 -9.71 -16.62 -3.95
C SER A 5 -10.67 -15.99 -2.94
N MET A 6 -10.19 -15.75 -1.72
CA MET A 6 -11.02 -15.15 -0.68
C MET A 6 -10.34 -13.92 -0.11
N ALA A 7 -11.12 -12.98 0.38
CA ALA A 7 -10.59 -11.74 0.95
C ALA A 7 -11.33 -11.36 2.24
N GLY A 8 -10.63 -10.68 3.13
CA GLY A 8 -11.23 -10.27 4.39
C GLY A 8 -12.02 -8.98 4.28
N ASN A 9 -12.80 -8.69 5.31
CA ASN A 9 -13.61 -7.47 5.34
C ASN A 9 -12.92 -6.37 6.13
N CYS A 10 -12.44 -5.35 5.42
CA CYS A 10 -11.74 -4.24 6.07
C CYS A 10 -12.45 -2.92 5.76
N GLY A 11 -12.74 -2.15 6.80
CA GLY A 11 -13.41 -0.87 6.61
C GLY A 11 -12.54 0.18 5.95
N ALA A 12 -13.15 1.02 5.13
CA ALA A 12 -12.43 2.07 4.43
C ALA A 12 -12.17 3.28 5.34
N ARG A 13 -11.07 3.98 5.07
CA ARG A 13 -10.70 5.15 5.86
C ARG A 13 -11.55 6.37 5.48
N GLY A 14 -11.81 7.23 6.45
CA GLY A 14 -12.62 8.41 6.21
C GLY A 14 -11.81 9.59 5.69
N ALA A 15 -12.47 10.74 5.56
CA ALA A 15 -11.82 11.96 5.08
C ALA A 15 -10.69 12.41 6.01
N LEU A 16 -10.92 12.29 7.32
CA LEU A 16 -9.92 12.69 8.30
C LEU A 16 -8.80 11.65 8.34
N SER A 17 -7.57 12.09 8.09
CA SER A 17 -6.43 11.19 8.08
C SER A 17 -5.90 10.96 9.49
N ALA A 18 -6.13 9.75 10.02
CA ALA A 18 -5.66 9.38 11.35
C ALA A 18 -4.28 8.72 11.27
N HIS A 19 -3.85 8.46 10.05
CA HIS A 19 -2.57 7.81 9.80
C HIS A 19 -1.51 8.81 9.35
N THR A 20 -1.70 10.09 9.66
CA THR A 20 -0.75 11.12 9.24
C THR A 20 0.49 11.15 10.14
N LEU A 21 1.65 10.81 9.55
CA LEU A 21 2.94 10.83 10.24
C LEU A 21 4.07 10.98 9.22
N LEU A 22 5.27 11.30 9.72
CA LEU A 22 6.44 11.51 8.85
C LEU A 22 6.85 10.25 8.08
N PHE A 23 6.98 9.12 8.77
CA PHE A 23 7.40 7.87 8.11
C PHE A 23 6.22 7.15 7.46
N ASP A 24 5.06 7.23 8.10
CA ASP A 24 3.85 6.60 7.59
C ASP A 24 2.83 7.65 7.17
N LEU A 25 3.13 8.32 6.06
CA LEU A 25 2.26 9.36 5.49
C LEU A 25 0.76 8.97 5.55
N PRO A 26 -0.14 9.98 5.55
CA PRO A 26 -1.61 9.81 5.63
C PRO A 26 -2.16 8.61 4.85
N PRO A 27 -3.43 8.20 5.14
CA PRO A 27 -4.11 7.05 4.51
C PRO A 27 -4.04 7.03 2.98
N ALA A 28 -3.57 8.10 2.37
CA ALA A 28 -3.47 8.17 0.92
C ALA A 28 -2.66 6.98 0.38
N LEU A 29 -1.63 6.55 1.13
CA LEU A 29 -0.83 5.42 0.70
C LEU A 29 -1.08 4.15 1.53
N LEU A 30 -0.49 4.08 2.72
CA LEU A 30 -0.61 2.89 3.57
C LEU A 30 -2.06 2.61 4.01
N GLY A 31 -2.76 3.64 4.48
CA GLY A 31 -4.12 3.44 4.96
C GLY A 31 -5.08 2.92 3.90
N GLU A 32 -5.12 3.57 2.75
CA GLU A 32 -6.01 3.18 1.66
C GLU A 32 -5.57 1.87 1.00
N LEU A 33 -4.28 1.70 0.75
CA LEU A 33 -3.80 0.49 0.09
C LEU A 33 -3.96 -0.75 0.96
N CYS A 34 -3.73 -0.64 2.27
CA CYS A 34 -3.87 -1.79 3.15
C CYS A 34 -5.34 -2.14 3.40
N ALA A 35 -6.21 -1.13 3.38
CA ALA A 35 -7.64 -1.35 3.62
C ALA A 35 -8.41 -1.75 2.37
N VAL A 36 -8.34 -0.90 1.34
CA VAL A 36 -9.07 -1.14 0.09
C VAL A 36 -8.59 -2.41 -0.63
N LEU A 37 -7.28 -2.60 -0.74
CA LEU A 37 -6.76 -3.78 -1.43
C LEU A 37 -6.96 -5.05 -0.61
N ASP A 38 -7.17 -4.89 0.70
CA ASP A 38 -7.40 -6.04 1.58
C ASP A 38 -8.65 -6.79 1.16
N SER A 39 -9.66 -6.03 0.72
CA SER A 39 -10.92 -6.62 0.27
C SER A 39 -10.85 -7.01 -1.21
N CYS A 40 -9.67 -6.80 -1.81
CA CYS A 40 -9.47 -7.12 -3.22
C CYS A 40 -9.61 -8.62 -3.48
N ASP A 41 -10.25 -8.95 -4.59
CA ASP A 41 -10.48 -10.33 -4.96
C ASP A 41 -10.01 -10.57 -6.40
N GLY A 42 -8.81 -10.06 -6.69
CA GLY A 42 -8.24 -10.21 -8.02
C GLY A 42 -8.55 -9.04 -8.94
N ALA A 43 -9.46 -8.17 -8.52
CA ALA A 43 -9.83 -7.00 -9.32
C ALA A 43 -8.64 -6.06 -9.51
N LEU A 44 -7.89 -5.84 -8.43
CA LEU A 44 -6.70 -4.98 -8.48
C LEU A 44 -5.47 -5.82 -8.21
N GLY A 45 -5.68 -6.94 -7.53
CA GLY A 45 -4.60 -7.82 -7.17
C GLY A 45 -3.87 -7.33 -5.94
N TRP A 46 -4.01 -8.04 -4.82
CA TRP A 46 -3.32 -7.65 -3.58
C TRP A 46 -1.83 -7.43 -3.83
N ARG A 47 -1.19 -8.40 -4.48
CA ARG A 47 0.22 -8.30 -4.84
C ARG A 47 0.42 -7.54 -6.15
N GLY A 48 -0.65 -7.06 -6.76
CA GLY A 48 -0.52 -6.37 -8.04
C GLY A 48 0.42 -5.18 -7.98
N LEU A 49 0.24 -4.31 -7.00
CA LEU A 49 1.10 -3.15 -6.85
C LEU A 49 2.50 -3.55 -6.38
N ALA A 50 2.56 -4.49 -5.43
CA ALA A 50 3.84 -4.98 -4.88
C ALA A 50 4.68 -5.70 -5.92
N GLU A 51 4.02 -6.50 -6.74
CA GLU A 51 4.67 -7.30 -7.78
C GLU A 51 5.39 -6.40 -8.78
N ARG A 52 4.73 -5.32 -9.17
CA ARG A 52 5.29 -4.37 -10.12
C ARG A 52 6.54 -3.69 -9.56
N LEU A 53 6.48 -3.32 -8.27
CA LEU A 53 7.62 -2.67 -7.62
C LEU A 53 8.78 -3.64 -7.42
N SER A 54 8.48 -4.84 -6.93
CA SER A 54 9.51 -5.86 -6.70
C SER A 54 8.98 -7.26 -6.96
N SER A 55 9.79 -8.11 -7.58
CA SER A 55 9.37 -9.47 -7.86
C SER A 55 10.31 -10.48 -7.19
N SER A 56 9.76 -11.32 -6.32
CA SER A 56 10.56 -12.33 -5.63
C SER A 56 9.66 -13.47 -5.13
N TRP A 57 10.18 -14.70 -5.23
CA TRP A 57 9.43 -15.89 -4.80
C TRP A 57 9.14 -15.83 -3.30
N LEU A 58 10.15 -15.47 -2.51
CA LEU A 58 10.00 -15.39 -1.06
C LEU A 58 9.02 -14.28 -0.67
N ASP A 59 9.08 -13.17 -1.40
CA ASP A 59 8.21 -12.03 -1.13
C ASP A 59 6.74 -12.37 -1.33
N VAL A 60 6.41 -13.05 -2.43
CA VAL A 60 5.02 -13.41 -2.71
C VAL A 60 4.50 -14.48 -1.76
N ASP A 61 5.42 -15.29 -1.21
CA ASP A 61 5.06 -16.32 -0.27
C ASP A 61 4.45 -15.70 0.98
N HIS A 62 5.09 -14.64 1.47
CA HIS A 62 4.62 -13.91 2.65
C HIS A 62 3.35 -13.13 2.33
N ILE A 63 3.19 -12.74 1.06
CA ILE A 63 2.02 -11.99 0.61
C ILE A 63 0.74 -12.79 0.87
N GLU A 64 0.79 -14.08 0.58
CA GLU A 64 -0.35 -14.96 0.80
C GLU A 64 -0.64 -15.10 2.30
N LYS A 65 0.43 -15.13 3.09
CA LYS A 65 0.33 -15.29 4.55
C LYS A 65 -0.41 -14.15 5.28
N GLU A 66 -0.06 -12.89 5.02
CA GLU A 66 -0.72 -11.77 5.73
C GLU A 66 -1.96 -11.25 5.01
N VAL A 67 -2.29 -11.79 3.84
CA VAL A 67 -3.47 -11.33 3.10
C VAL A 67 -4.74 -11.45 3.96
N ASP A 68 -4.78 -12.48 4.82
CA ASP A 68 -5.92 -12.69 5.71
C ASP A 68 -5.72 -11.95 7.04
N GLN A 69 -4.56 -11.33 7.19
CA GLN A 69 -4.21 -10.60 8.40
C GLN A 69 -4.26 -9.08 8.19
N GLY A 70 -4.99 -8.64 7.18
CA GLY A 70 -5.10 -7.21 6.91
C GLY A 70 -4.27 -6.74 5.73
N LYS A 71 -3.92 -7.68 4.83
CA LYS A 71 -3.16 -7.40 3.59
C LYS A 71 -1.67 -7.65 3.76
N SER A 72 -1.06 -8.20 2.72
CA SER A 72 0.36 -8.47 2.67
C SER A 72 0.97 -7.95 1.38
N GLY A 73 0.18 -7.91 0.33
CA GLY A 73 0.67 -7.39 -0.94
C GLY A 73 1.24 -6.00 -0.80
N THR A 74 0.38 -5.05 -0.45
CA THR A 74 0.80 -3.68 -0.26
C THR A 74 1.27 -3.41 1.17
N ARG A 75 0.57 -3.97 2.15
CA ARG A 75 0.89 -3.74 3.55
C ARG A 75 2.28 -4.25 3.91
N GLU A 76 2.58 -5.49 3.56
CA GLU A 76 3.88 -6.09 3.87
C GLU A 76 5.02 -5.37 3.16
N LEU A 77 4.77 -4.97 1.91
CA LEU A 77 5.79 -4.26 1.14
C LEU A 77 6.16 -2.95 1.83
N LEU A 78 5.15 -2.20 2.26
CA LEU A 78 5.37 -0.93 2.96
C LEU A 78 5.93 -1.16 4.37
N TRP A 79 5.41 -2.19 5.04
CA TRP A 79 5.82 -2.54 6.42
C TRP A 79 7.20 -3.20 6.48
N SER A 80 7.78 -3.49 5.30
CA SER A 80 9.08 -4.16 5.23
C SER A 80 10.18 -3.38 5.97
N TRP A 81 10.21 -2.05 5.81
CA TRP A 81 11.22 -1.25 6.49
C TRP A 81 10.78 -0.89 7.91
N ALA A 82 10.10 0.24 8.05
CA ALA A 82 9.60 0.68 9.35
C ALA A 82 8.08 0.51 9.40
N GLN A 83 7.37 1.52 8.93
CA GLN A 83 5.92 1.49 8.85
C GLN A 83 5.52 1.45 7.39
N LYS A 84 5.97 2.46 6.64
CA LYS A 84 5.73 2.52 5.21
C LYS A 84 7.05 2.84 4.48
N ASN A 85 7.81 3.79 5.05
CA ASN A 85 9.11 4.22 4.52
C ASN A 85 9.07 4.45 3.00
N LYS A 86 7.94 4.93 2.53
CA LYS A 86 7.75 5.19 1.11
C LYS A 86 7.00 6.50 0.94
N THR A 87 6.93 7.00 -0.28
CA THR A 87 6.23 8.25 -0.52
C THR A 87 5.09 8.03 -1.50
N ILE A 88 4.11 8.93 -1.46
CA ILE A 88 2.94 8.85 -2.32
C ILE A 88 3.34 8.87 -3.80
N GLY A 89 4.35 9.67 -4.13
CA GLY A 89 4.83 9.75 -5.50
C GLY A 89 5.39 8.43 -6.01
N ASP A 90 6.10 7.70 -5.14
CA ASP A 90 6.70 6.41 -5.49
C ASP A 90 5.63 5.38 -5.85
N LEU A 91 4.60 5.28 -5.02
CA LEU A 91 3.51 4.32 -5.25
C LEU A 91 2.57 4.80 -6.36
N LEU A 92 2.54 6.12 -6.58
CA LEU A 92 1.68 6.72 -7.60
C LEU A 92 2.00 6.17 -8.99
N GLN A 93 3.28 5.95 -9.26
CA GLN A 93 3.74 5.45 -10.55
C GLN A 93 3.15 4.07 -10.86
N VAL A 94 3.10 3.18 -9.86
CA VAL A 94 2.55 1.85 -10.06
C VAL A 94 1.03 1.85 -9.93
N LEU A 95 0.50 2.85 -9.21
CA LEU A 95 -0.95 2.98 -9.03
C LEU A 95 -1.63 3.23 -10.38
N GLN A 96 -1.05 4.15 -11.16
CA GLN A 96 -1.57 4.48 -12.48
C GLN A 96 -1.43 3.29 -13.43
N GLU A 97 -0.30 2.59 -13.31
CA GLU A 97 -0.03 1.41 -14.14
C GLU A 97 -1.05 0.31 -13.88
N MET A 98 -1.35 0.09 -12.59
CA MET A 98 -2.32 -0.93 -12.19
C MET A 98 -3.74 -0.53 -12.60
N GLY A 99 -4.05 0.76 -12.48
CA GLY A 99 -5.36 1.24 -12.84
C GLY A 99 -6.31 1.34 -11.66
N HIS A 100 -5.76 1.45 -10.45
CA HIS A 100 -6.57 1.55 -9.24
C HIS A 100 -7.13 2.97 -9.08
N ARG A 101 -8.39 3.13 -9.48
CA ARG A 101 -9.08 4.42 -9.42
C ARG A 101 -9.28 4.91 -7.99
N ARG A 102 -9.63 3.99 -7.08
CA ARG A 102 -9.87 4.35 -5.68
C ARG A 102 -8.61 4.92 -5.04
N ALA A 103 -7.47 4.32 -5.36
CA ALA A 103 -6.19 4.77 -4.83
C ALA A 103 -5.92 6.20 -5.29
N ILE A 104 -6.27 6.50 -6.54
CA ILE A 104 -6.09 7.82 -7.11
C ILE A 104 -6.95 8.85 -6.37
N HIS A 105 -8.20 8.50 -6.10
CA HIS A 105 -9.11 9.40 -5.39
C HIS A 105 -8.64 9.68 -3.96
N LEU A 106 -8.14 8.65 -3.28
CA LEU A 106 -7.66 8.80 -1.91
C LEU A 106 -6.26 9.41 -1.84
N ILE A 107 -5.49 9.28 -2.92
CA ILE A 107 -4.12 9.82 -2.97
C ILE A 107 -4.12 11.35 -2.87
N THR A 108 -5.26 11.97 -3.18
CA THR A 108 -5.40 13.42 -3.13
C THR A 108 -5.48 13.93 -1.69
N ASN A 109 -5.64 13.01 -0.74
CA ASN A 109 -5.74 13.38 0.67
C ASN A 109 -4.37 13.45 1.34
N TYR A 110 -3.32 13.50 0.51
CA TYR A 110 -1.95 13.57 1.00
C TYR A 110 -1.52 15.02 1.23
N GLY A 111 -1.02 15.31 2.43
CA GLY A 111 -0.56 16.64 2.75
C GLY A 111 0.60 16.62 3.74
N ALA A 112 1.80 16.32 3.23
CA ALA A 112 2.98 16.24 4.08
C ALA A 112 4.23 16.62 3.31
N VAL A 113 5.34 16.83 4.02
CA VAL A 113 6.61 17.21 3.43
C VAL A 113 7.45 15.99 3.03
N LEU A 114 6.78 14.93 2.57
CA LEU A 114 7.42 13.70 2.13
C LEU A 114 8.00 12.91 3.31
N SER A 115 8.81 11.90 3.00
CA SER A 115 9.42 11.05 4.03
C SER A 115 10.93 10.94 3.79
N PRO A 116 11.70 10.76 4.88
CA PRO A 116 13.17 10.62 4.78
C PRO A 116 13.58 9.29 4.16
N SER A 117 14.77 9.26 3.55
CA SER A 117 15.26 8.05 2.92
C SER A 117 16.36 7.40 3.77
N GLU A 118 16.37 6.08 3.81
CA GLU A 118 17.36 5.34 4.58
C GLU A 118 18.07 4.31 3.71
N LYS A 119 19.35 4.09 3.98
CA LYS A 119 20.14 3.14 3.21
C LYS A 119 20.82 2.14 4.14
N SER A 120 21.04 0.92 3.64
CA SER A 120 21.67 -0.13 4.43
C SER A 120 22.44 -1.09 3.53
N TYR A 121 23.37 -1.84 4.11
CA TYR A 121 24.17 -2.79 3.35
C TYR A 121 24.55 -3.97 4.23
N GLN A 122 24.95 -5.07 3.60
CA GLN A 122 25.35 -6.28 4.33
C GLN A 122 26.39 -7.06 3.53
N GLU A 123 27.14 -7.92 4.23
CA GLU A 123 28.16 -8.74 3.61
C GLU A 123 27.55 -9.73 2.60
N GLY A 124 26.41 -10.30 2.98
CA GLY A 124 25.74 -11.25 2.11
C GLY A 124 25.97 -12.68 2.54
N SER A 1 0.40 -20.86 -11.66
CA SER A 1 -0.79 -20.39 -12.40
C SER A 1 -2.04 -20.49 -11.54
N GLU A 2 -1.88 -21.01 -10.33
CA GLU A 2 -2.99 -21.17 -9.40
C GLU A 2 -2.67 -20.47 -8.07
N PHE A 3 -3.70 -19.93 -7.44
CA PHE A 3 -3.54 -19.23 -6.17
C PHE A 3 -4.82 -19.34 -5.34
N GLY A 4 -4.69 -19.11 -4.03
CA GLY A 4 -5.84 -19.18 -3.15
C GLY A 4 -6.73 -17.96 -3.26
N SER A 5 -8.03 -18.16 -3.09
CA SER A 5 -8.99 -17.06 -3.17
C SER A 5 -9.43 -16.62 -1.78
N MET A 6 -8.65 -15.73 -1.16
CA MET A 6 -8.98 -15.23 0.16
C MET A 6 -9.07 -13.70 0.14
N ALA A 7 -10.04 -13.16 0.87
CA ALA A 7 -10.23 -11.71 0.91
C ALA A 7 -10.78 -11.26 2.25
N GLY A 8 -10.46 -10.03 2.64
CA GLY A 8 -10.94 -9.50 3.89
C GLY A 8 -12.08 -8.51 3.70
N ASN A 9 -12.42 -7.78 4.75
CA ASN A 9 -13.50 -6.80 4.67
C ASN A 9 -13.10 -5.51 5.38
N CYS A 10 -12.74 -4.49 4.61
CA CYS A 10 -12.35 -3.20 5.16
C CYS A 10 -12.68 -2.07 4.19
N GLY A 11 -13.21 -0.97 4.71
CA GLY A 11 -13.56 0.17 3.89
C GLY A 11 -12.47 1.22 3.85
N ALA A 12 -12.84 2.45 3.47
CA ALA A 12 -11.89 3.56 3.41
C ALA A 12 -11.36 3.92 4.79
N ARG A 13 -10.10 4.36 4.86
CA ARG A 13 -9.48 4.71 6.13
C ARG A 13 -10.21 5.86 6.83
N GLY A 14 -10.53 6.91 6.09
CA GLY A 14 -11.24 8.04 6.68
C GLY A 14 -10.99 9.35 5.97
N ALA A 15 -11.76 10.37 6.32
CA ALA A 15 -11.65 11.70 5.72
C ALA A 15 -10.32 12.37 6.05
N LEU A 16 -9.84 12.19 7.28
CA LEU A 16 -8.58 12.80 7.71
C LEU A 16 -7.46 11.75 7.73
N SER A 17 -6.22 12.22 7.69
CA SER A 17 -5.09 11.30 7.69
C SER A 17 -4.52 11.09 9.10
N ALA A 18 -4.74 9.90 9.63
CA ALA A 18 -4.24 9.54 10.96
C ALA A 18 -2.86 8.88 10.87
N HIS A 19 -2.46 8.55 9.64
CA HIS A 19 -1.17 7.90 9.40
C HIS A 19 -0.12 8.85 8.85
N THR A 20 -0.30 10.15 9.06
CA THR A 20 0.64 11.14 8.56
C THR A 20 2.01 11.03 9.26
N LEU A 21 3.06 10.77 8.48
CA LEU A 21 4.42 10.66 9.00
C LEU A 21 5.44 10.74 7.86
N LEU A 22 6.71 10.99 8.20
CA LEU A 22 7.78 11.11 7.20
C LEU A 22 8.05 9.82 6.43
N PHE A 23 8.24 8.70 7.15
CA PHE A 23 8.53 7.42 6.49
C PHE A 23 7.24 6.71 6.08
N ASP A 24 6.22 6.87 6.90
CA ASP A 24 4.91 6.29 6.64
C ASP A 24 3.93 7.38 6.29
N LEU A 25 4.12 7.95 5.09
CA LEU A 25 3.27 9.03 4.58
C LEU A 25 1.79 8.73 4.78
N PRO A 26 0.94 9.79 4.84
CA PRO A 26 -0.51 9.69 5.06
C PRO A 26 -1.18 8.48 4.40
N PRO A 27 -2.40 8.12 4.89
CA PRO A 27 -3.18 6.97 4.39
C PRO A 27 -3.32 6.88 2.88
N ALA A 28 -2.92 7.93 2.16
CA ALA A 28 -3.01 7.93 0.71
C ALA A 28 -2.31 6.71 0.12
N LEU A 29 -1.22 6.27 0.74
CA LEU A 29 -0.51 5.08 0.25
C LEU A 29 -0.70 3.86 1.16
N LEU A 30 0.03 3.80 2.28
CA LEU A 30 -0.04 2.65 3.20
C LEU A 30 -1.44 2.43 3.79
N GLY A 31 -2.06 3.49 4.31
CA GLY A 31 -3.37 3.35 4.93
C GLY A 31 -4.47 2.86 4.01
N GLU A 32 -4.64 3.52 2.87
CA GLU A 32 -5.69 3.17 1.91
C GLU A 32 -5.40 1.87 1.16
N LEU A 33 -4.14 1.67 0.74
CA LEU A 33 -3.79 0.46 0.01
C LEU A 33 -3.93 -0.79 0.87
N CYS A 34 -3.56 -0.70 2.15
CA CYS A 34 -3.68 -1.85 3.04
C CYS A 34 -5.14 -2.14 3.39
N ALA A 35 -5.97 -1.09 3.40
CA ALA A 35 -7.39 -1.25 3.74
C ALA A 35 -8.26 -1.63 2.54
N VAL A 36 -8.28 -0.80 1.52
CA VAL A 36 -9.11 -1.01 0.33
C VAL A 36 -8.72 -2.28 -0.45
N LEU A 37 -7.43 -2.50 -0.66
CA LEU A 37 -6.99 -3.69 -1.42
C LEU A 37 -7.22 -4.96 -0.61
N ASP A 38 -7.37 -4.81 0.70
CA ASP A 38 -7.62 -5.95 1.58
C ASP A 38 -8.92 -6.66 1.19
N SER A 39 -9.91 -5.86 0.81
CA SER A 39 -11.22 -6.39 0.42
C SER A 39 -11.20 -6.89 -1.03
N CYS A 40 -10.03 -6.82 -1.66
CA CYS A 40 -9.88 -7.25 -3.05
C CYS A 40 -10.11 -8.75 -3.20
N ASP A 41 -10.80 -9.11 -4.27
CA ASP A 41 -11.11 -10.50 -4.57
C ASP A 41 -10.71 -10.81 -6.01
N GLY A 42 -9.52 -10.34 -6.39
CA GLY A 42 -9.02 -10.55 -7.73
C GLY A 42 -9.32 -9.40 -8.67
N ALA A 43 -10.22 -8.50 -8.25
CA ALA A 43 -10.58 -7.34 -9.07
C ALA A 43 -9.39 -6.40 -9.27
N LEU A 44 -8.64 -6.17 -8.21
CA LEU A 44 -7.47 -5.30 -8.28
C LEU A 44 -6.20 -6.11 -8.07
N GLY A 45 -6.37 -7.32 -7.51
CA GLY A 45 -5.26 -8.19 -7.25
C GLY A 45 -4.41 -7.72 -6.08
N TRP A 46 -4.54 -8.39 -4.92
CA TRP A 46 -3.72 -8.02 -3.75
C TRP A 46 -2.24 -7.95 -4.12
N ARG A 47 -1.73 -9.03 -4.73
CA ARG A 47 -0.35 -9.08 -5.19
C ARG A 47 -0.19 -8.46 -6.57
N GLY A 48 -1.28 -7.97 -7.16
CA GLY A 48 -1.22 -7.39 -8.49
C GLY A 48 -0.25 -6.23 -8.60
N LEU A 49 -0.22 -5.41 -7.56
CA LEU A 49 0.67 -4.26 -7.52
C LEU A 49 2.05 -4.67 -7.00
N ALA A 50 2.07 -5.45 -5.92
CA ALA A 50 3.33 -5.90 -5.32
C ALA A 50 4.15 -6.77 -6.26
N GLU A 51 3.48 -7.65 -6.99
CA GLU A 51 4.14 -8.58 -7.90
C GLU A 51 4.88 -7.83 -9.00
N ARG A 52 4.26 -6.76 -9.52
CA ARG A 52 4.89 -5.96 -10.57
C ARG A 52 6.15 -5.27 -10.07
N LEU A 53 6.11 -4.76 -8.83
CA LEU A 53 7.28 -4.09 -8.26
C LEU A 53 8.39 -5.10 -7.98
N SER A 54 8.02 -6.24 -7.41
CA SER A 54 8.98 -7.29 -7.11
C SER A 54 8.38 -8.66 -7.42
N SER A 55 9.07 -9.45 -8.25
CA SER A 55 8.57 -10.76 -8.63
C SER A 55 9.40 -11.87 -8.00
N SER A 56 8.79 -12.59 -7.06
CA SER A 56 9.46 -13.71 -6.40
C SER A 56 8.46 -14.83 -6.13
N TRP A 57 8.92 -16.08 -6.23
CA TRP A 57 8.06 -17.23 -6.03
C TRP A 57 7.89 -17.56 -4.54
N LEU A 58 8.70 -16.92 -3.70
CA LEU A 58 8.63 -17.15 -2.25
C LEU A 58 7.77 -16.10 -1.55
N ASP A 59 7.79 -14.88 -2.10
CA ASP A 59 7.02 -13.77 -1.53
C ASP A 59 5.52 -14.02 -1.55
N VAL A 60 5.04 -14.64 -2.64
CA VAL A 60 3.62 -14.92 -2.80
C VAL A 60 3.10 -15.92 -1.76
N ASP A 61 4.00 -16.69 -1.16
CA ASP A 61 3.62 -17.69 -0.16
C ASP A 61 2.99 -17.02 1.06
N HIS A 62 3.63 -15.97 1.55
CA HIS A 62 3.13 -15.26 2.73
C HIS A 62 2.10 -14.20 2.36
N ILE A 63 2.01 -13.83 1.08
CA ILE A 63 1.01 -12.85 0.63
C ILE A 63 -0.39 -13.37 0.96
N GLU A 64 -0.61 -14.65 0.75
CA GLU A 64 -1.89 -15.29 1.05
C GLU A 64 -2.13 -15.41 2.56
N LYS A 65 -1.05 -15.37 3.34
CA LYS A 65 -1.15 -15.51 4.80
C LYS A 65 -1.72 -14.26 5.50
N GLU A 66 -1.13 -13.10 5.23
CA GLU A 66 -1.59 -11.87 5.90
C GLU A 66 -2.73 -11.19 5.15
N VAL A 67 -3.14 -11.73 4.00
CA VAL A 67 -4.23 -11.15 3.23
C VAL A 67 -5.52 -11.07 4.08
N ASP A 68 -5.71 -12.05 4.96
CA ASP A 68 -6.87 -12.08 5.84
C ASP A 68 -6.57 -11.36 7.15
N GLN A 69 -5.32 -10.92 7.30
CA GLN A 69 -4.85 -10.23 8.50
C GLN A 69 -4.65 -8.74 8.25
N GLY A 70 -5.31 -8.19 7.22
CA GLY A 70 -5.15 -6.78 6.92
C GLY A 70 -4.30 -6.50 5.69
N LYS A 71 -4.15 -7.52 4.83
CA LYS A 71 -3.41 -7.43 3.55
C LYS A 71 -1.95 -7.85 3.70
N SER A 72 -1.47 -8.54 2.69
CA SER A 72 -0.09 -8.98 2.64
C SER A 72 0.55 -8.59 1.31
N GLY A 73 -0.28 -8.50 0.27
CA GLY A 73 0.23 -8.14 -1.03
C GLY A 73 0.95 -6.81 -1.01
N THR A 74 0.21 -5.75 -0.73
CA THR A 74 0.78 -4.42 -0.67
C THR A 74 1.33 -4.09 0.71
N ARG A 75 0.66 -4.57 1.75
CA ARG A 75 1.08 -4.29 3.13
C ARG A 75 2.47 -4.85 3.42
N GLU A 76 2.70 -6.11 3.06
CA GLU A 76 4.01 -6.74 3.28
C GLU A 76 5.10 -6.01 2.51
N LEU A 77 4.78 -5.63 1.28
CA LEU A 77 5.73 -4.92 0.42
C LEU A 77 6.16 -3.59 1.04
N LEU A 78 5.19 -2.82 1.54
CA LEU A 78 5.48 -1.54 2.17
C LEU A 78 6.19 -1.70 3.52
N TRP A 79 5.77 -2.70 4.28
CA TRP A 79 6.34 -2.98 5.61
C TRP A 79 7.69 -3.70 5.56
N SER A 80 8.13 -4.07 4.36
CA SER A 80 9.40 -4.81 4.20
C SER A 80 10.60 -4.03 4.77
N TRP A 81 10.63 -2.71 4.55
CA TRP A 81 11.74 -1.91 5.06
C TRP A 81 11.48 -1.46 6.50
N ALA A 82 10.84 -0.30 6.68
CA ALA A 82 10.51 0.21 7.99
C ALA A 82 9.01 0.11 8.22
N GLN A 83 8.29 1.15 7.79
CA GLN A 83 6.83 1.17 7.87
C GLN A 83 6.29 1.08 6.46
N LYS A 84 6.69 2.02 5.61
CA LYS A 84 6.32 2.01 4.21
C LYS A 84 7.55 2.25 3.35
N ASN A 85 8.39 3.21 3.79
CA ASN A 85 9.64 3.57 3.10
C ASN A 85 9.44 3.76 1.60
N LYS A 86 8.29 4.29 1.23
CA LYS A 86 7.95 4.51 -0.17
C LYS A 86 7.25 5.85 -0.32
N THR A 87 7.02 6.27 -1.55
CA THR A 87 6.34 7.53 -1.79
C THR A 87 5.13 7.30 -2.66
N ILE A 88 4.19 8.24 -2.60
CA ILE A 88 2.95 8.16 -3.38
C ILE A 88 3.24 8.11 -4.88
N GLY A 89 4.21 8.92 -5.33
CA GLY A 89 4.57 8.93 -6.74
C GLY A 89 5.11 7.59 -7.22
N ASP A 90 5.91 6.94 -6.38
CA ASP A 90 6.50 5.65 -6.72
C ASP A 90 5.45 4.55 -6.91
N LEU A 91 4.49 4.49 -5.99
CA LEU A 91 3.42 3.49 -6.06
C LEU A 91 2.38 3.86 -7.11
N LEU A 92 2.26 5.16 -7.41
CA LEU A 92 1.30 5.65 -8.38
C LEU A 92 1.52 5.01 -9.76
N GLN A 93 2.78 4.88 -10.15
CA GLN A 93 3.13 4.29 -11.43
C GLN A 93 2.66 2.84 -11.51
N VAL A 94 2.87 2.09 -10.42
CA VAL A 94 2.45 0.69 -10.35
C VAL A 94 0.92 0.58 -10.29
N LEU A 95 0.32 1.44 -9.47
CA LEU A 95 -1.13 1.46 -9.29
C LEU A 95 -1.83 1.80 -10.60
N GLN A 96 -1.25 2.72 -11.37
CA GLN A 96 -1.81 3.15 -12.64
C GLN A 96 -1.94 1.96 -13.60
N GLU A 97 -0.93 1.09 -13.60
CA GLU A 97 -0.93 -0.07 -14.46
C GLU A 97 -2.10 -1.00 -14.09
N MET A 98 -2.30 -1.22 -12.78
CA MET A 98 -3.38 -2.07 -12.30
C MET A 98 -4.75 -1.44 -12.51
N GLY A 99 -4.87 -0.14 -12.31
CA GLY A 99 -6.16 0.52 -12.50
C GLY A 99 -6.87 0.87 -11.19
N HIS A 100 -6.09 1.38 -10.23
CA HIS A 100 -6.63 1.74 -8.91
C HIS A 100 -7.79 2.75 -9.01
N ARG A 101 -9.00 2.32 -8.67
CA ARG A 101 -10.17 3.20 -8.72
C ARG A 101 -10.34 4.02 -7.44
N ARG A 102 -10.59 3.32 -6.33
CA ARG A 102 -10.79 3.98 -5.03
C ARG A 102 -9.53 4.67 -4.53
N ALA A 103 -8.38 4.07 -4.80
CA ALA A 103 -7.10 4.63 -4.36
C ALA A 103 -6.89 6.04 -4.89
N ILE A 104 -7.41 6.33 -6.09
CA ILE A 104 -7.30 7.68 -6.67
C ILE A 104 -7.95 8.71 -5.74
N HIS A 105 -9.10 8.32 -5.19
CA HIS A 105 -9.86 9.19 -4.29
C HIS A 105 -9.03 9.59 -3.06
N LEU A 106 -8.40 8.61 -2.42
CA LEU A 106 -7.61 8.88 -1.20
C LEU A 106 -6.17 9.34 -1.49
N ILE A 107 -5.62 8.97 -2.66
CA ILE A 107 -4.24 9.36 -2.99
C ILE A 107 -4.10 10.89 -3.07
N THR A 108 -5.22 11.58 -3.26
CA THR A 108 -5.24 13.04 -3.34
C THR A 108 -4.97 13.67 -1.97
N ASN A 109 -4.98 12.85 -0.92
CA ASN A 109 -4.74 13.34 0.44
C ASN A 109 -3.28 13.76 0.62
N TYR A 110 -2.39 13.17 -0.15
CA TYR A 110 -0.97 13.52 -0.08
C TYR A 110 -0.68 14.72 -0.98
N GLY A 111 -0.40 15.86 -0.36
CA GLY A 111 -0.10 17.05 -1.13
C GLY A 111 0.96 17.93 -0.48
N ALA A 112 1.77 17.32 0.38
CA ALA A 112 2.82 18.05 1.08
C ALA A 112 4.02 17.15 1.35
N VAL A 113 5.17 17.76 1.58
CA VAL A 113 6.39 17.00 1.86
C VAL A 113 7.03 17.48 3.15
N LEU A 114 7.83 16.62 3.77
CA LEU A 114 8.51 16.96 5.01
C LEU A 114 10.03 16.95 4.83
N SER A 115 10.71 17.88 5.46
CA SER A 115 12.16 17.97 5.36
C SER A 115 12.82 17.55 6.67
N PRO A 116 13.54 16.41 6.67
CA PRO A 116 14.23 15.90 7.86
C PRO A 116 15.52 16.65 8.17
N SER A 117 15.40 17.93 8.48
CA SER A 117 16.57 18.75 8.80
C SER A 117 16.88 18.72 10.29
N GLU A 118 16.01 18.06 11.05
CA GLU A 118 16.20 17.96 12.50
C GLU A 118 17.32 16.99 12.83
N LYS A 119 18.11 17.32 13.84
CA LYS A 119 19.23 16.49 14.26
C LYS A 119 19.14 16.17 15.74
N SER A 120 19.59 14.98 16.12
CA SER A 120 19.58 14.56 17.52
C SER A 120 20.96 14.11 17.96
N TYR A 121 21.29 14.38 19.23
CA TYR A 121 22.59 14.00 19.76
C TYR A 121 22.43 13.20 21.05
N GLN A 122 23.32 12.24 21.26
CA GLN A 122 23.28 11.40 22.46
C GLN A 122 23.53 12.22 23.73
N GLU A 123 24.46 13.17 23.63
CA GLU A 123 24.79 14.03 24.77
C GLU A 123 24.71 15.49 24.37
N GLY A 124 24.31 16.35 25.31
CA GLY A 124 24.20 17.77 25.03
C GLY A 124 23.93 18.57 26.28
N SER A 1 -10.38 -1.46 -25.30
CA SER A 1 -10.08 -2.85 -25.74
C SER A 1 -10.78 -3.87 -24.85
N GLU A 2 -11.35 -3.36 -23.74
CA GLU A 2 -12.08 -4.19 -22.78
C GLU A 2 -11.22 -5.31 -22.21
N PHE A 3 -10.02 -4.97 -21.74
CA PHE A 3 -9.11 -5.96 -21.15
C PHE A 3 -9.70 -6.58 -19.89
N GLY A 4 -10.35 -5.76 -19.08
CA GLY A 4 -10.95 -6.25 -17.84
C GLY A 4 -9.95 -6.32 -16.70
N SER A 5 -8.73 -5.86 -16.95
CA SER A 5 -7.68 -5.87 -15.93
C SER A 5 -8.04 -4.98 -14.74
N MET A 6 -8.64 -3.83 -15.02
CA MET A 6 -9.02 -2.90 -13.96
C MET A 6 -10.42 -3.24 -13.45
N ALA A 7 -10.51 -4.27 -12.61
CA ALA A 7 -11.79 -4.69 -12.03
C ALA A 7 -12.37 -3.60 -11.12
N GLY A 8 -11.49 -2.98 -10.33
CA GLY A 8 -11.94 -1.92 -9.43
C GLY A 8 -12.31 -2.46 -8.06
N ASN A 9 -12.43 -1.56 -7.09
CA ASN A 9 -12.79 -1.94 -5.72
C ASN A 9 -13.35 -0.73 -4.97
N CYS A 10 -14.23 -0.99 -4.02
CA CYS A 10 -14.84 0.08 -3.23
C CYS A 10 -14.56 -0.10 -1.75
N GLY A 11 -14.40 1.01 -1.03
CA GLY A 11 -14.15 0.96 0.39
C GLY A 11 -13.92 2.34 0.98
N ALA A 12 -13.72 2.40 2.29
CA ALA A 12 -13.47 3.68 2.98
C ALA A 12 -12.75 3.43 4.29
N ARG A 13 -11.96 4.42 4.73
CA ARG A 13 -11.23 4.29 5.99
C ARG A 13 -11.69 5.34 6.99
N GLY A 14 -11.36 6.60 6.74
CA GLY A 14 -11.76 7.67 7.63
C GLY A 14 -11.61 9.04 7.02
N ALA A 15 -12.37 10.01 7.53
CA ALA A 15 -12.33 11.39 7.04
C ALA A 15 -10.97 12.04 7.30
N LEU A 16 -10.40 11.78 8.47
CA LEU A 16 -9.11 12.37 8.84
C LEU A 16 -8.00 11.32 8.81
N SER A 17 -6.79 11.76 8.49
CA SER A 17 -5.64 10.87 8.41
C SER A 17 -5.07 10.58 9.79
N ALA A 18 -5.25 9.33 10.25
CA ALA A 18 -4.74 8.90 11.55
C ALA A 18 -3.32 8.35 11.43
N HIS A 19 -2.87 8.17 10.20
CA HIS A 19 -1.54 7.63 9.93
C HIS A 19 -0.58 8.73 9.47
N THR A 20 -0.90 9.98 9.79
CA THR A 20 -0.05 11.10 9.38
C THR A 20 1.32 11.06 10.08
N LEU A 21 2.37 10.88 9.29
CA LEU A 21 3.75 10.84 9.80
C LEU A 21 4.73 10.96 8.63
N LEU A 22 6.03 11.07 8.94
CA LEU A 22 7.05 11.21 7.89
C LEU A 22 7.42 9.89 7.23
N PHE A 23 7.86 8.91 8.01
CA PHE A 23 8.24 7.60 7.47
C PHE A 23 7.00 6.81 7.05
N ASP A 24 5.94 6.98 7.82
CA ASP A 24 4.67 6.33 7.55
C ASP A 24 3.65 7.38 7.15
N LEU A 25 3.84 7.94 5.96
CA LEU A 25 2.97 8.98 5.41
C LEU A 25 1.48 8.62 5.57
N PRO A 26 0.60 9.64 5.58
CA PRO A 26 -0.86 9.49 5.73
C PRO A 26 -1.46 8.27 5.04
N PRO A 27 -2.70 7.89 5.43
CA PRO A 27 -3.42 6.72 4.89
C PRO A 27 -3.44 6.62 3.37
N ALA A 28 -2.99 7.65 2.67
CA ALA A 28 -2.97 7.63 1.23
C ALA A 28 -2.21 6.41 0.71
N LEU A 29 -1.15 6.01 1.42
CA LEU A 29 -0.38 4.84 1.00
C LEU A 29 -0.60 3.62 1.92
N LEU A 30 0.06 3.62 3.07
CA LEU A 30 -0.01 2.49 4.02
C LEU A 30 -1.43 2.23 4.53
N GLY A 31 -2.12 3.28 4.96
CA GLY A 31 -3.47 3.12 5.51
C GLY A 31 -4.50 2.58 4.53
N GLU A 32 -4.61 3.21 3.37
CA GLU A 32 -5.58 2.81 2.35
C GLU A 32 -5.22 1.50 1.66
N LEU A 33 -3.96 1.33 1.28
CA LEU A 33 -3.55 0.13 0.58
C LEU A 33 -3.70 -1.12 1.43
N CYS A 34 -3.34 -1.05 2.71
CA CYS A 34 -3.45 -2.24 3.56
C CYS A 34 -4.91 -2.59 3.84
N ALA A 35 -5.72 -1.57 4.16
CA ALA A 35 -7.13 -1.80 4.48
C ALA A 35 -7.99 -2.17 3.27
N VAL A 36 -7.91 -1.38 2.20
CA VAL A 36 -8.72 -1.61 1.00
C VAL A 36 -8.32 -2.89 0.26
N LEU A 37 -7.03 -3.13 0.09
CA LEU A 37 -6.58 -4.32 -0.62
C LEU A 37 -6.65 -5.57 0.26
N ASP A 38 -6.79 -5.39 1.57
CA ASP A 38 -6.90 -6.51 2.51
C ASP A 38 -8.10 -7.38 2.17
N SER A 39 -9.19 -6.73 1.78
CA SER A 39 -10.42 -7.44 1.42
C SER A 39 -10.45 -7.76 -0.06
N CYS A 40 -9.31 -7.56 -0.74
CA CYS A 40 -9.22 -7.82 -2.17
C CYS A 40 -9.31 -9.31 -2.47
N ASP A 41 -9.98 -9.64 -3.56
CA ASP A 41 -10.17 -11.02 -3.97
C ASP A 41 -9.98 -11.16 -5.48
N GLY A 42 -8.79 -10.75 -5.94
CA GLY A 42 -8.48 -10.85 -7.37
C GLY A 42 -8.82 -9.58 -8.14
N ALA A 43 -9.54 -8.65 -7.51
CA ALA A 43 -9.90 -7.39 -8.18
C ALA A 43 -8.65 -6.58 -8.50
N LEU A 44 -7.73 -6.52 -7.55
CA LEU A 44 -6.47 -5.81 -7.73
C LEU A 44 -5.32 -6.75 -7.41
N GLY A 45 -5.57 -7.65 -6.47
CA GLY A 45 -4.57 -8.62 -6.05
C GLY A 45 -3.74 -8.09 -4.89
N TRP A 46 -3.84 -8.75 -3.73
CA TRP A 46 -3.05 -8.33 -2.56
C TRP A 46 -1.55 -8.29 -2.91
N ARG A 47 -1.08 -9.33 -3.58
CA ARG A 47 0.32 -9.39 -4.02
C ARG A 47 0.52 -8.66 -5.34
N GLY A 48 -0.54 -8.09 -5.90
CA GLY A 48 -0.42 -7.42 -7.18
C GLY A 48 0.60 -6.29 -7.18
N LEU A 49 0.54 -5.42 -6.19
CA LEU A 49 1.47 -4.31 -6.09
C LEU A 49 2.88 -4.80 -5.69
N ALA A 50 2.92 -5.72 -4.73
CA ALA A 50 4.19 -6.28 -4.24
C ALA A 50 4.91 -7.10 -5.29
N GLU A 51 4.15 -7.87 -6.07
CA GLU A 51 4.70 -8.73 -7.10
C GLU A 51 5.48 -7.94 -8.15
N ARG A 52 4.90 -6.82 -8.58
CA ARG A 52 5.52 -5.95 -9.58
C ARG A 52 6.81 -5.31 -9.05
N LEU A 53 6.78 -4.88 -7.79
CA LEU A 53 7.93 -4.22 -7.17
C LEU A 53 9.04 -5.22 -6.82
N SER A 54 8.65 -6.38 -6.33
CA SER A 54 9.62 -7.41 -5.94
C SER A 54 9.92 -8.38 -7.07
N SER A 55 10.61 -9.47 -6.75
CA SER A 55 10.95 -10.48 -7.74
C SER A 55 10.70 -11.87 -7.18
N SER A 56 10.49 -12.84 -8.07
CA SER A 56 10.24 -14.24 -7.70
C SER A 56 8.84 -14.40 -7.07
N TRP A 57 8.37 -15.64 -6.98
CA TRP A 57 7.06 -15.91 -6.41
C TRP A 57 7.17 -16.64 -5.07
N LEU A 58 8.38 -16.78 -4.57
CA LEU A 58 8.62 -17.45 -3.28
C LEU A 58 8.09 -16.61 -2.11
N ASP A 59 8.10 -15.29 -2.30
CA ASP A 59 7.66 -14.34 -1.28
C ASP A 59 6.17 -14.45 -0.95
N VAL A 60 5.38 -15.06 -1.86
CA VAL A 60 3.93 -15.18 -1.64
C VAL A 60 3.59 -16.02 -0.39
N ASP A 61 4.54 -16.82 0.08
CA ASP A 61 4.32 -17.65 1.26
C ASP A 61 4.00 -16.79 2.49
N HIS A 62 4.80 -15.75 2.71
CA HIS A 62 4.58 -14.83 3.82
C HIS A 62 3.38 -13.93 3.55
N ILE A 63 3.12 -13.66 2.27
CA ILE A 63 2.00 -12.81 1.85
C ILE A 63 0.67 -13.41 2.34
N GLU A 64 0.54 -14.72 2.24
CA GLU A 64 -0.65 -15.41 2.71
C GLU A 64 -0.78 -15.33 4.23
N LYS A 65 0.36 -15.37 4.92
CA LYS A 65 0.41 -15.36 6.39
C LYS A 65 -0.16 -14.09 7.05
N GLU A 66 0.24 -12.90 6.61
CA GLU A 66 -0.25 -11.66 7.25
C GLU A 66 -1.54 -11.13 6.62
N VAL A 67 -2.03 -11.77 5.56
CA VAL A 67 -3.27 -11.32 4.91
C VAL A 67 -4.44 -11.23 5.91
N ASP A 68 -4.40 -12.06 6.95
CA ASP A 68 -5.44 -12.05 7.99
C ASP A 68 -5.10 -11.06 9.11
N GLN A 69 -3.92 -10.45 9.02
CA GLN A 69 -3.46 -9.50 10.03
C GLN A 69 -3.50 -8.06 9.52
N GLY A 70 -4.32 -7.80 8.51
CA GLY A 70 -4.43 -6.46 7.95
C GLY A 70 -3.73 -6.30 6.62
N LYS A 71 -3.32 -7.44 6.01
CA LYS A 71 -2.67 -7.52 4.69
C LYS A 71 -1.19 -7.88 4.80
N SER A 72 -0.70 -8.57 3.78
CA SER A 72 0.70 -8.94 3.69
C SER A 72 1.24 -8.66 2.29
N GLY A 73 0.37 -8.53 1.32
CA GLY A 73 0.82 -8.25 -0.03
C GLY A 73 1.56 -6.93 -0.10
N THR A 74 0.86 -5.83 0.10
CA THR A 74 1.47 -4.52 0.07
C THR A 74 2.01 -4.13 1.45
N ARG A 75 1.30 -4.58 2.50
CA ARG A 75 1.68 -4.24 3.88
C ARG A 75 3.06 -4.77 4.23
N GLU A 76 3.34 -6.02 3.88
CA GLU A 76 4.64 -6.63 4.16
C GLU A 76 5.74 -5.88 3.45
N LEU A 77 5.48 -5.50 2.20
CA LEU A 77 6.46 -4.76 1.40
C LEU A 77 6.78 -3.41 2.04
N LEU A 78 5.74 -2.69 2.48
CA LEU A 78 5.92 -1.39 3.11
C LEU A 78 6.61 -1.52 4.48
N TRP A 79 6.24 -2.56 5.22
CA TRP A 79 6.79 -2.81 6.56
C TRP A 79 8.16 -3.50 6.52
N SER A 80 8.64 -3.88 5.34
CA SER A 80 9.93 -4.57 5.22
C SER A 80 11.09 -3.75 5.78
N TRP A 81 11.09 -2.44 5.55
CA TRP A 81 12.15 -1.59 6.06
C TRP A 81 11.85 -1.13 7.50
N ALA A 82 11.16 0.00 7.64
CA ALA A 82 10.79 0.51 8.95
C ALA A 82 9.29 0.33 9.17
N GLN A 83 8.52 1.31 8.71
CA GLN A 83 7.06 1.25 8.79
C GLN A 83 6.51 1.19 7.38
N LYS A 84 6.90 2.15 6.55
CA LYS A 84 6.53 2.15 5.15
C LYS A 84 7.78 2.43 4.30
N ASN A 85 8.58 3.41 4.76
CA ASN A 85 9.84 3.81 4.10
C ASN A 85 9.67 3.98 2.59
N LYS A 86 8.50 4.46 2.21
CA LYS A 86 8.18 4.68 0.81
C LYS A 86 7.43 5.99 0.65
N THR A 87 7.23 6.41 -0.59
CA THR A 87 6.51 7.64 -0.84
C THR A 87 5.31 7.36 -1.73
N ILE A 88 4.34 8.27 -1.69
CA ILE A 88 3.12 8.14 -2.48
C ILE A 88 3.44 8.09 -3.98
N GLY A 89 4.43 8.87 -4.41
CA GLY A 89 4.82 8.88 -5.80
C GLY A 89 5.36 7.54 -6.27
N ASP A 90 6.15 6.88 -5.41
CA ASP A 90 6.73 5.57 -5.73
C ASP A 90 5.67 4.51 -5.96
N LEU A 91 4.68 4.44 -5.06
CA LEU A 91 3.61 3.46 -5.16
C LEU A 91 2.63 3.84 -6.27
N LEU A 92 2.57 5.12 -6.60
CA LEU A 92 1.67 5.62 -7.65
C LEU A 92 1.96 4.95 -8.99
N GLN A 93 3.25 4.71 -9.27
CA GLN A 93 3.66 4.09 -10.53
C GLN A 93 3.08 2.69 -10.69
N VAL A 94 3.06 1.90 -9.62
CA VAL A 94 2.50 0.55 -9.68
C VAL A 94 0.98 0.57 -9.51
N LEU A 95 0.47 1.63 -8.86
CA LEU A 95 -0.97 1.78 -8.67
C LEU A 95 -1.68 1.90 -10.01
N GLN A 96 -1.05 2.66 -10.91
CA GLN A 96 -1.58 2.85 -12.26
C GLN A 96 -1.56 1.54 -13.04
N GLU A 97 -0.51 0.75 -12.83
CA GLU A 97 -0.35 -0.53 -13.51
C GLU A 97 -1.48 -1.50 -13.16
N MET A 98 -1.90 -1.52 -11.90
CA MET A 98 -2.99 -2.39 -11.48
C MET A 98 -4.34 -1.72 -11.62
N GLY A 99 -4.34 -0.41 -11.84
CA GLY A 99 -5.57 0.33 -12.01
C GLY A 99 -6.39 0.46 -10.73
N HIS A 100 -5.72 0.66 -9.59
CA HIS A 100 -6.42 0.81 -8.32
C HIS A 100 -7.01 2.21 -8.20
N ARG A 101 -8.27 2.34 -8.57
CA ARG A 101 -8.99 3.61 -8.54
C ARG A 101 -9.17 4.17 -7.13
N ARG A 102 -9.48 3.30 -6.17
CA ARG A 102 -9.70 3.72 -4.79
C ARG A 102 -8.44 4.37 -4.20
N ALA A 103 -7.28 3.80 -4.53
CA ALA A 103 -6.02 4.33 -4.04
C ALA A 103 -5.81 5.76 -4.54
N ILE A 104 -6.21 6.00 -5.79
CA ILE A 104 -6.08 7.32 -6.41
C ILE A 104 -6.92 8.35 -5.65
N HIS A 105 -8.13 7.97 -5.27
CA HIS A 105 -9.03 8.88 -4.55
C HIS A 105 -8.46 9.25 -3.18
N LEU A 106 -7.88 8.29 -2.48
CA LEU A 106 -7.30 8.55 -1.15
C LEU A 106 -5.87 9.11 -1.24
N ILE A 107 -5.20 8.88 -2.37
CA ILE A 107 -3.83 9.35 -2.56
C ILE A 107 -3.74 10.88 -2.49
N THR A 108 -4.88 11.56 -2.72
CA THR A 108 -4.94 13.00 -2.69
C THR A 108 -4.70 13.56 -1.28
N ASN A 109 -4.78 12.69 -0.26
CA ASN A 109 -4.57 13.11 1.12
C ASN A 109 -3.08 13.38 1.41
N TYR A 110 -2.22 12.98 0.47
CA TYR A 110 -0.79 13.18 0.61
C TYR A 110 -0.43 14.67 0.57
N GLY A 111 0.50 15.07 1.44
CA GLY A 111 0.91 16.46 1.49
C GLY A 111 0.62 17.11 2.83
N ALA A 112 -0.05 16.37 3.71
CA ALA A 112 -0.39 16.86 5.04
C ALA A 112 0.86 17.17 5.87
N VAL A 113 1.88 16.32 5.73
CA VAL A 113 3.14 16.50 6.46
C VAL A 113 3.99 17.63 5.88
N LEU A 114 3.66 18.02 4.64
CA LEU A 114 4.38 19.09 3.92
C LEU A 114 5.79 18.66 3.50
N SER A 115 6.60 18.24 4.46
CA SER A 115 7.97 17.82 4.17
C SER A 115 8.21 16.37 4.57
N PRO A 116 8.11 15.43 3.59
CA PRO A 116 8.33 14.00 3.85
C PRO A 116 9.81 13.68 4.08
N SER A 117 10.07 12.56 4.75
CA SER A 117 11.44 12.13 5.04
C SER A 117 12.21 11.79 3.77
N GLU A 118 11.51 11.26 2.78
CA GLU A 118 12.13 10.88 1.51
C GLU A 118 11.48 11.65 0.37
N LYS A 119 12.30 12.01 -0.63
CA LYS A 119 11.83 12.75 -1.82
C LYS A 119 11.18 14.08 -1.43
N SER A 120 11.78 14.76 -0.46
CA SER A 120 11.27 16.05 0.00
C SER A 120 11.56 17.16 -1.01
N TYR A 121 10.84 18.27 -0.89
CA TYR A 121 11.01 19.40 -1.80
C TYR A 121 11.40 20.65 -1.02
N GLN A 122 12.48 21.29 -1.44
CA GLN A 122 12.96 22.51 -0.79
C GLN A 122 13.11 23.63 -1.80
N GLU A 123 12.82 24.86 -1.38
CA GLU A 123 12.93 26.02 -2.25
C GLU A 123 14.05 26.93 -1.79
N GLY A 124 14.97 27.25 -2.71
CA GLY A 124 16.07 28.13 -2.37
C GLY A 124 16.90 28.50 -3.59
N SER A 1 -23.56 -12.49 22.11
CA SER A 1 -22.92 -12.57 20.78
C SER A 1 -22.82 -11.17 20.14
N GLU A 2 -22.15 -11.11 18.98
CA GLU A 2 -21.98 -9.85 18.24
C GLU A 2 -21.24 -8.79 19.07
N PHE A 3 -20.15 -9.19 19.70
CA PHE A 3 -19.35 -8.26 20.51
C PHE A 3 -17.87 -8.62 20.43
N GLY A 4 -17.02 -7.66 20.78
CA GLY A 4 -15.58 -7.89 20.73
C GLY A 4 -14.99 -7.70 19.35
N SER A 5 -15.84 -7.31 18.40
CA SER A 5 -15.39 -7.09 17.03
C SER A 5 -14.85 -5.67 16.85
N MET A 6 -13.66 -5.43 17.38
CA MET A 6 -13.01 -4.12 17.28
C MET A 6 -12.26 -3.99 15.96
N ALA A 7 -12.33 -2.80 15.37
CA ALA A 7 -11.64 -2.55 14.10
C ALA A 7 -10.13 -2.49 14.30
N GLY A 8 -9.39 -3.07 13.36
CA GLY A 8 -7.95 -3.07 13.44
C GLY A 8 -7.32 -1.90 12.71
N ASN A 9 -5.99 -1.87 12.66
CA ASN A 9 -5.28 -0.79 11.98
C ASN A 9 -5.57 -0.81 10.49
N CYS A 10 -5.92 0.36 9.94
CA CYS A 10 -6.25 0.53 8.52
C CYS A 10 -7.52 -0.24 8.15
N GLY A 11 -8.34 -0.57 9.15
CA GLY A 11 -9.57 -1.30 8.91
C GLY A 11 -10.57 -0.52 8.06
N ALA A 12 -10.70 0.77 8.32
CA ALA A 12 -11.63 1.61 7.57
C ALA A 12 -11.19 3.08 7.61
N ARG A 13 -11.64 3.85 6.62
CA ARG A 13 -11.31 5.27 6.54
C ARG A 13 -12.41 6.03 5.81
N GLY A 14 -12.47 7.34 6.04
CA GLY A 14 -13.48 8.15 5.38
C GLY A 14 -13.35 9.61 5.76
N ALA A 15 -14.00 10.49 4.98
CA ALA A 15 -13.99 11.94 5.21
C ALA A 15 -12.57 12.52 5.07
N LEU A 16 -11.83 12.54 6.17
CA LEU A 16 -10.48 13.06 6.18
C LEU A 16 -9.46 11.94 6.35
N SER A 17 -8.22 12.20 5.99
CA SER A 17 -7.16 11.19 6.12
C SER A 17 -6.79 10.99 7.58
N ALA A 18 -7.17 9.83 8.13
CA ALA A 18 -6.87 9.50 9.52
C ALA A 18 -5.55 8.74 9.63
N HIS A 19 -4.99 8.41 8.47
CA HIS A 19 -3.73 7.67 8.41
C HIS A 19 -2.58 8.59 8.03
N THR A 20 -2.74 9.89 8.26
CA THR A 20 -1.70 10.86 7.91
C THR A 20 -0.56 10.85 8.94
N LEU A 21 0.67 10.61 8.44
CA LEU A 21 1.86 10.59 9.30
C LEU A 21 3.13 10.68 8.44
N LEU A 22 4.26 10.94 9.09
CA LEU A 22 5.55 11.07 8.39
C LEU A 22 5.99 9.76 7.70
N PHE A 23 5.96 8.66 8.44
CA PHE A 23 6.38 7.36 7.90
C PHE A 23 5.23 6.68 7.15
N ASP A 24 4.04 6.90 7.65
CA ASP A 24 2.82 6.33 7.07
C ASP A 24 1.95 7.43 6.49
N LEU A 25 2.37 8.01 5.36
CA LEU A 25 1.62 9.07 4.68
C LEU A 25 0.13 8.70 4.56
N PRO A 26 -0.75 9.73 4.40
CA PRO A 26 -2.22 9.57 4.29
C PRO A 26 -2.69 8.34 3.50
N PRO A 27 -3.99 7.95 3.68
CA PRO A 27 -4.60 6.78 3.02
C PRO A 27 -4.39 6.71 1.52
N ALA A 28 -3.86 7.76 0.91
CA ALA A 28 -3.63 7.78 -0.52
C ALA A 28 -2.79 6.57 -0.97
N LEU A 29 -1.85 6.15 -0.12
CA LEU A 29 -1.03 4.99 -0.46
C LEU A 29 -1.37 3.76 0.38
N LEU A 30 -0.89 3.72 1.62
CA LEU A 30 -1.10 2.56 2.50
C LEU A 30 -2.57 2.29 2.79
N GLY A 31 -3.32 3.33 3.17
CA GLY A 31 -4.74 3.15 3.51
C GLY A 31 -5.58 2.62 2.37
N GLU A 32 -5.50 3.26 1.22
CA GLU A 32 -6.28 2.89 0.04
C GLU A 32 -5.82 1.58 -0.58
N LEU A 33 -4.51 1.38 -0.71
CA LEU A 33 -3.99 0.16 -1.32
C LEU A 33 -4.22 -1.07 -0.47
N CYS A 34 -4.10 -0.95 0.86
CA CYS A 34 -4.32 -2.11 1.73
C CYS A 34 -5.79 -2.49 1.81
N ALA A 35 -6.68 -1.51 1.69
CA ALA A 35 -8.12 -1.77 1.78
C ALA A 35 -8.73 -2.20 0.45
N VAL A 36 -8.57 -1.38 -0.58
CA VAL A 36 -9.15 -1.66 -1.90
C VAL A 36 -8.57 -2.91 -2.56
N LEU A 37 -7.24 -3.07 -2.53
CA LEU A 37 -6.61 -4.23 -3.16
C LEU A 37 -6.86 -5.51 -2.35
N ASP A 38 -7.24 -5.36 -1.08
CA ASP A 38 -7.52 -6.51 -0.23
C ASP A 38 -8.62 -7.37 -0.83
N SER A 39 -9.62 -6.72 -1.42
CA SER A 39 -10.74 -7.42 -2.05
C SER A 39 -10.47 -7.71 -3.52
N CYS A 40 -9.23 -7.45 -3.95
CA CYS A 40 -8.82 -7.67 -5.34
C CYS A 40 -8.84 -9.15 -5.68
N ASP A 41 -9.28 -9.45 -6.90
CA ASP A 41 -9.37 -10.82 -7.38
C ASP A 41 -8.84 -10.91 -8.80
N GLY A 42 -7.62 -10.44 -8.99
CA GLY A 42 -6.99 -10.47 -10.30
C GLY A 42 -7.20 -9.21 -11.11
N ALA A 43 -8.09 -8.32 -10.63
CA ALA A 43 -8.36 -7.06 -11.35
C ALA A 43 -7.11 -6.19 -11.39
N LEU A 44 -6.41 -6.11 -10.26
CA LEU A 44 -5.17 -5.34 -10.17
C LEU A 44 -4.04 -6.25 -9.70
N GLY A 45 -4.42 -7.29 -8.97
CA GLY A 45 -3.48 -8.24 -8.44
C GLY A 45 -2.91 -7.77 -7.11
N TRP A 46 -3.20 -8.50 -6.04
CA TRP A 46 -2.66 -8.15 -4.71
C TRP A 46 -1.14 -8.01 -4.77
N ARG A 47 -0.48 -8.97 -5.40
CA ARG A 47 0.96 -8.94 -5.59
C ARG A 47 1.37 -8.11 -6.79
N GLY A 48 0.41 -7.51 -7.48
CA GLY A 48 0.73 -6.75 -8.68
C GLY A 48 1.71 -5.62 -8.42
N LEU A 49 1.48 -4.87 -7.35
CA LEU A 49 2.38 -3.77 -7.00
C LEU A 49 3.71 -4.28 -6.46
N ALA A 50 3.65 -5.29 -5.58
CA ALA A 50 4.83 -5.88 -4.98
C ALA A 50 5.73 -6.59 -5.99
N GLU A 51 5.08 -7.28 -6.93
CA GLU A 51 5.77 -8.04 -7.96
C GLU A 51 6.65 -7.13 -8.81
N ARG A 52 6.12 -5.97 -9.18
CA ARG A 52 6.84 -5.00 -10.00
C ARG A 52 8.09 -4.49 -9.28
N LEU A 53 7.97 -4.21 -7.98
CA LEU A 53 9.12 -3.73 -7.22
C LEU A 53 10.18 -4.82 -7.08
N SER A 54 9.73 -6.06 -6.87
CA SER A 54 10.62 -7.21 -6.71
C SER A 54 11.62 -7.04 -5.57
N SER A 55 11.11 -6.69 -4.39
CA SER A 55 11.96 -6.48 -3.21
C SER A 55 12.66 -7.78 -2.79
N SER A 56 11.95 -8.89 -2.91
CA SER A 56 12.52 -10.19 -2.54
C SER A 56 11.80 -11.32 -3.29
N TRP A 57 12.55 -12.37 -3.62
CA TRP A 57 12.00 -13.52 -4.33
C TRP A 57 11.06 -14.34 -3.45
N LEU A 58 11.35 -14.35 -2.15
CA LEU A 58 10.54 -15.11 -1.19
C LEU A 58 9.38 -14.27 -0.65
N ASP A 59 9.27 -13.04 -1.12
CA ASP A 59 8.20 -12.13 -0.70
C ASP A 59 6.82 -12.68 -1.05
N VAL A 60 6.71 -13.29 -2.23
CA VAL A 60 5.44 -13.86 -2.70
C VAL A 60 4.91 -14.96 -1.79
N ASP A 61 5.81 -15.65 -1.10
CA ASP A 61 5.44 -16.72 -0.19
C ASP A 61 4.58 -16.19 0.97
N HIS A 62 4.96 -15.02 1.47
CA HIS A 62 4.23 -14.41 2.58
C HIS A 62 3.02 -13.62 2.09
N ILE A 63 3.01 -13.30 0.79
CA ILE A 63 1.90 -12.56 0.19
C ILE A 63 0.59 -13.34 0.33
N GLU A 64 0.66 -14.64 0.12
CA GLU A 64 -0.52 -15.50 0.22
C GLU A 64 -1.07 -15.55 1.66
N LYS A 65 -0.17 -15.57 2.64
CA LYS A 65 -0.56 -15.68 4.05
C LYS A 65 -1.33 -14.47 4.61
N GLU A 66 -0.90 -13.24 4.35
CA GLU A 66 -1.60 -12.07 4.91
C GLU A 66 -2.71 -11.53 3.99
N VAL A 67 -2.87 -12.11 2.80
CA VAL A 67 -3.89 -11.62 1.88
C VAL A 67 -5.29 -11.66 2.52
N ASP A 68 -5.54 -12.66 3.36
CA ASP A 68 -6.82 -12.79 4.06
C ASP A 68 -6.79 -12.05 5.39
N GLN A 69 -5.61 -11.52 5.73
CA GLN A 69 -5.41 -10.81 7.00
C GLN A 69 -5.34 -9.30 6.79
N GLY A 70 -5.90 -8.81 5.69
CA GLY A 70 -5.88 -7.38 5.42
C GLY A 70 -4.88 -6.96 4.36
N LYS A 71 -4.49 -7.92 3.49
CA LYS A 71 -3.57 -7.70 2.35
C LYS A 71 -2.12 -7.99 2.73
N SER A 72 -1.40 -8.59 1.78
CA SER A 72 0.00 -8.90 1.95
C SER A 72 0.79 -8.42 0.76
N GLY A 73 0.16 -8.42 -0.42
CA GLY A 73 0.83 -7.98 -1.61
C GLY A 73 1.42 -6.59 -1.47
N THR A 74 0.57 -5.60 -1.29
CA THR A 74 1.02 -4.24 -1.13
C THR A 74 1.33 -3.92 0.34
N ARG A 75 0.49 -4.44 1.25
CA ARG A 75 0.65 -4.17 2.68
C ARG A 75 1.99 -4.64 3.21
N GLU A 76 2.37 -5.87 2.90
CA GLU A 76 3.64 -6.43 3.35
C GLU A 76 4.81 -5.63 2.77
N LEU A 77 4.68 -5.25 1.51
CA LEU A 77 5.72 -4.49 0.83
C LEU A 77 5.95 -3.15 1.54
N LEU A 78 4.86 -2.45 1.86
CA LEU A 78 4.93 -1.17 2.55
C LEU A 78 5.35 -1.34 4.01
N TRP A 79 4.83 -2.39 4.64
CA TRP A 79 5.10 -2.70 6.05
C TRP A 79 6.50 -3.31 6.28
N SER A 80 7.21 -3.61 5.20
CA SER A 80 8.53 -4.24 5.31
C SER A 80 9.52 -3.41 6.14
N TRP A 81 9.47 -2.09 6.00
CA TRP A 81 10.35 -1.22 6.77
C TRP A 81 9.73 -0.87 8.11
N ALA A 82 8.96 0.23 8.14
CA ALA A 82 8.27 0.65 9.35
C ALA A 82 6.78 0.38 9.19
N GLN A 83 6.08 1.36 8.61
CA GLN A 83 4.65 1.23 8.33
C GLN A 83 4.45 1.26 6.82
N LYS A 84 4.99 2.29 6.18
CA LYS A 84 4.94 2.40 4.72
C LYS A 84 6.33 2.75 4.19
N ASN A 85 6.99 3.70 4.86
CA ASN A 85 8.35 4.16 4.50
C ASN A 85 8.47 4.42 3.01
N LYS A 86 7.40 4.92 2.42
CA LYS A 86 7.36 5.18 1.00
C LYS A 86 6.64 6.49 0.74
N THR A 87 6.72 6.96 -0.50
CA THR A 87 6.04 8.18 -0.87
C THR A 87 5.01 7.90 -1.96
N ILE A 88 4.02 8.76 -2.03
CA ILE A 88 2.93 8.62 -2.99
C ILE A 88 3.46 8.64 -4.44
N GLY A 89 4.43 9.50 -4.70
CA GLY A 89 5.01 9.59 -6.03
C GLY A 89 5.69 8.30 -6.46
N ASP A 90 6.37 7.64 -5.51
CA ASP A 90 7.07 6.38 -5.80
C ASP A 90 6.11 5.26 -6.21
N LEU A 91 5.00 5.11 -5.47
CA LEU A 91 4.01 4.08 -5.77
C LEU A 91 3.15 4.46 -6.97
N LEU A 92 3.05 5.76 -7.25
CA LEU A 92 2.25 6.26 -8.37
C LEU A 92 2.73 5.68 -9.69
N GLN A 93 4.05 5.62 -9.85
CA GLN A 93 4.66 5.08 -11.07
C GLN A 93 4.27 3.60 -11.25
N VAL A 94 4.29 2.85 -10.15
CA VAL A 94 3.92 1.44 -10.17
C VAL A 94 2.42 1.28 -10.45
N LEU A 95 1.63 2.16 -9.84
CA LEU A 95 0.17 2.15 -10.00
C LEU A 95 -0.22 2.38 -11.45
N GLN A 96 0.52 3.25 -12.14
CA GLN A 96 0.26 3.55 -13.55
C GLN A 96 0.37 2.29 -14.41
N GLU A 97 1.37 1.45 -14.10
CA GLU A 97 1.57 0.22 -14.84
C GLU A 97 0.37 -0.72 -14.65
N MET A 98 -0.09 -0.83 -13.40
CA MET A 98 -1.24 -1.66 -13.07
C MET A 98 -2.55 -1.11 -13.64
N GLY A 99 -2.67 0.22 -13.66
CA GLY A 99 -3.87 0.84 -14.17
C GLY A 99 -4.97 0.93 -13.14
N HIS A 100 -4.58 1.04 -11.86
CA HIS A 100 -5.54 1.13 -10.77
C HIS A 100 -6.20 2.51 -10.73
N ARG A 101 -7.38 2.59 -11.32
CA ARG A 101 -8.15 3.83 -11.39
C ARG A 101 -8.58 4.33 -10.01
N ARG A 102 -9.02 3.42 -9.14
CA ARG A 102 -9.48 3.79 -7.81
C ARG A 102 -8.35 4.42 -7.00
N ALA A 103 -7.15 3.84 -7.12
CA ALA A 103 -5.98 4.35 -6.42
C ALA A 103 -5.69 5.78 -6.85
N ILE A 104 -5.86 6.05 -8.14
CA ILE A 104 -5.62 7.38 -8.69
C ILE A 104 -6.57 8.41 -8.07
N HIS A 105 -7.84 8.04 -7.94
CA HIS A 105 -8.84 8.94 -7.36
C HIS A 105 -8.53 9.27 -5.90
N LEU A 106 -8.13 8.27 -5.11
CA LEU A 106 -7.83 8.49 -3.70
C LEU A 106 -6.41 9.02 -3.47
N ILE A 107 -5.51 8.78 -4.42
CA ILE A 107 -4.12 9.22 -4.29
C ILE A 107 -4.02 10.76 -4.32
N THR A 108 -5.05 11.40 -4.85
CA THR A 108 -5.09 12.86 -4.95
C THR A 108 -5.27 13.52 -3.58
N ASN A 109 -5.58 12.70 -2.56
CA ASN A 109 -5.77 13.21 -1.20
C ASN A 109 -4.44 13.67 -0.60
N TYR A 110 -3.35 13.09 -1.08
CA TYR A 110 -2.01 13.43 -0.60
C TYR A 110 -1.65 14.86 -1.03
N GLY A 111 -1.24 15.69 -0.08
CA GLY A 111 -0.87 17.06 -0.39
C GLY A 111 0.01 17.70 0.66
N ALA A 112 1.10 17.02 1.01
CA ALA A 112 2.04 17.52 2.01
C ALA A 112 3.47 17.11 1.66
N VAL A 113 4.44 17.89 2.10
CA VAL A 113 5.83 17.57 1.83
C VAL A 113 6.48 16.89 3.03
N LEU A 114 6.42 15.57 3.06
CA LEU A 114 7.02 14.80 4.15
C LEU A 114 7.93 13.71 3.59
N SER A 115 9.10 13.55 4.18
CA SER A 115 10.06 12.54 3.73
C SER A 115 10.50 11.66 4.90
N PRO A 116 10.17 10.35 4.85
CA PRO A 116 10.55 9.40 5.91
C PRO A 116 12.05 9.11 5.90
N SER A 117 12.62 8.86 7.08
CA SER A 117 14.05 8.58 7.19
C SER A 117 14.29 7.33 8.04
N GLU A 118 15.30 6.56 7.66
CA GLU A 118 15.67 5.34 8.38
C GLU A 118 17.16 5.31 8.64
N LYS A 119 17.56 4.71 9.76
CA LYS A 119 18.97 4.62 10.11
C LYS A 119 19.42 3.16 10.11
N SER A 120 20.49 2.88 9.37
CA SER A 120 21.02 1.52 9.28
C SER A 120 22.51 1.52 9.59
N TYR A 121 22.98 0.44 10.24
CA TYR A 121 24.39 0.31 10.59
C TYR A 121 25.25 0.14 9.34
N GLN A 122 24.73 -0.60 8.37
CA GLN A 122 25.44 -0.84 7.13
C GLN A 122 24.45 -1.08 5.99
N GLU A 123 24.92 -0.89 4.74
CA GLU A 123 24.10 -1.08 3.55
C GLU A 123 22.88 -0.16 3.56
N GLY A 124 21.70 -0.72 3.82
CA GLY A 124 20.49 0.07 3.85
C GLY A 124 19.33 -0.64 3.19
N SER A 1 -7.55 8.78 -18.90
CA SER A 1 -8.80 9.32 -18.31
C SER A 1 -9.20 8.56 -17.06
N GLU A 2 -8.22 8.28 -16.21
CA GLU A 2 -8.44 7.55 -14.94
C GLU A 2 -9.06 6.18 -15.17
N PHE A 3 -8.53 5.43 -16.12
CA PHE A 3 -9.03 4.09 -16.43
C PHE A 3 -8.61 3.11 -15.35
N GLY A 4 -9.49 2.15 -15.05
CA GLY A 4 -9.20 1.16 -14.04
C GLY A 4 -10.29 0.10 -13.93
N SER A 5 -10.17 -0.76 -12.94
CA SER A 5 -11.14 -1.83 -12.73
C SER A 5 -12.01 -1.52 -11.51
N MET A 6 -13.32 -1.52 -11.70
CA MET A 6 -14.25 -1.24 -10.60
C MET A 6 -14.61 -2.52 -9.86
N ALA A 7 -13.64 -3.07 -9.14
CA ALA A 7 -13.85 -4.29 -8.37
C ALA A 7 -13.00 -4.27 -7.11
N GLY A 8 -13.48 -4.92 -6.06
CA GLY A 8 -12.75 -4.96 -4.81
C GLY A 8 -12.96 -3.70 -3.96
N ASN A 9 -13.84 -2.83 -4.43
CA ASN A 9 -14.13 -1.59 -3.70
C ASN A 9 -14.92 -1.87 -2.43
N CYS A 10 -14.64 -1.09 -1.39
CA CYS A 10 -15.32 -1.25 -0.11
C CYS A 10 -15.40 0.08 0.62
N GLY A 11 -16.24 0.13 1.65
CA GLY A 11 -16.39 1.36 2.41
C GLY A 11 -15.45 1.44 3.59
N ALA A 12 -14.28 2.01 3.37
CA ALA A 12 -13.28 2.15 4.43
C ALA A 12 -12.47 3.43 4.24
N ARG A 13 -11.96 3.97 5.36
CA ARG A 13 -11.15 5.20 5.35
C ARG A 13 -11.90 6.37 4.70
N GLY A 14 -13.17 6.53 5.08
CA GLY A 14 -13.98 7.61 4.54
C GLY A 14 -13.97 8.84 5.41
N ALA A 15 -13.18 8.81 6.48
CA ALA A 15 -13.08 9.92 7.42
C ALA A 15 -11.76 10.66 7.24
N LEU A 16 -11.39 11.45 8.25
CA LEU A 16 -10.13 12.21 8.22
C LEU A 16 -8.93 11.27 8.29
N SER A 17 -7.77 11.75 7.86
CA SER A 17 -6.57 10.94 7.86
C SER A 17 -6.01 10.74 9.27
N ALA A 18 -6.12 9.51 9.76
CA ALA A 18 -5.61 9.16 11.08
C ALA A 18 -4.18 8.67 10.98
N HIS A 19 -3.72 8.48 9.75
CA HIS A 19 -2.38 7.98 9.48
C HIS A 19 -1.47 9.08 8.95
N THR A 20 -1.82 10.34 9.21
CA THR A 20 -1.02 11.47 8.73
C THR A 20 0.33 11.58 9.45
N LEU A 21 1.41 11.36 8.70
CA LEU A 21 2.78 11.45 9.22
C LEU A 21 3.77 11.56 8.05
N LEU A 22 5.06 11.75 8.35
CA LEU A 22 6.06 11.88 7.30
C LEU A 22 6.51 10.53 6.72
N PHE A 23 7.01 9.63 7.59
CA PHE A 23 7.46 8.31 7.13
C PHE A 23 6.27 7.44 6.77
N ASP A 24 5.20 7.60 7.53
CA ASP A 24 3.96 6.88 7.32
C ASP A 24 2.88 7.85 6.86
N LEU A 25 3.04 8.35 5.63
CA LEU A 25 2.11 9.30 5.03
C LEU A 25 0.65 8.86 5.19
N PRO A 26 -0.29 9.85 5.11
CA PRO A 26 -1.74 9.63 5.26
C PRO A 26 -2.26 8.34 4.60
N PRO A 27 -3.51 7.93 4.94
CA PRO A 27 -4.14 6.69 4.43
C PRO A 27 -4.09 6.53 2.90
N ALA A 28 -3.67 7.56 2.19
CA ALA A 28 -3.58 7.49 0.74
C ALA A 28 -2.69 6.32 0.30
N LEU A 29 -1.64 6.03 1.08
CA LEU A 29 -0.74 4.92 0.72
C LEU A 29 -0.91 3.71 1.66
N LEU A 30 -0.33 3.78 2.86
CA LEU A 30 -0.41 2.68 3.83
C LEU A 30 -1.83 2.37 4.29
N GLY A 31 -2.58 3.39 4.72
CA GLY A 31 -3.92 3.17 5.23
C GLY A 31 -4.89 2.51 4.25
N GLU A 32 -5.01 3.06 3.05
CA GLU A 32 -5.92 2.53 2.05
C GLU A 32 -5.46 1.19 1.47
N LEU A 33 -4.18 1.08 1.17
CA LEU A 33 -3.66 -0.16 0.59
C LEU A 33 -3.69 -1.33 1.56
N CYS A 34 -3.39 -1.10 2.83
CA CYS A 34 -3.41 -2.20 3.79
C CYS A 34 -4.84 -2.61 4.15
N ALA A 35 -5.77 -1.66 4.15
CA ALA A 35 -7.16 -1.94 4.51
C ALA A 35 -8.01 -2.44 3.34
N VAL A 36 -8.05 -1.66 2.26
CA VAL A 36 -8.87 -2.00 1.09
C VAL A 36 -8.39 -3.28 0.38
N LEU A 37 -7.08 -3.41 0.17
CA LEU A 37 -6.56 -4.60 -0.51
C LEU A 37 -6.62 -5.82 0.39
N ASP A 38 -6.77 -5.60 1.70
CA ASP A 38 -6.86 -6.70 2.65
C ASP A 38 -8.06 -7.60 2.33
N SER A 39 -9.15 -6.99 1.90
CA SER A 39 -10.37 -7.72 1.56
C SER A 39 -10.34 -8.19 0.09
N CYS A 40 -9.19 -7.99 -0.56
CA CYS A 40 -9.02 -8.39 -1.95
C CYS A 40 -9.09 -9.90 -2.12
N ASP A 41 -9.71 -10.34 -3.21
CA ASP A 41 -9.87 -11.76 -3.50
C ASP A 41 -9.45 -12.05 -4.93
N GLY A 42 -8.30 -11.50 -5.32
CA GLY A 42 -7.78 -11.70 -6.66
C GLY A 42 -8.18 -10.62 -7.64
N ALA A 43 -9.14 -9.77 -7.25
CA ALA A 43 -9.60 -8.69 -8.13
C ALA A 43 -8.47 -7.70 -8.41
N LEU A 44 -7.72 -7.36 -7.37
CA LEU A 44 -6.57 -6.46 -7.50
C LEU A 44 -5.29 -7.21 -7.19
N GLY A 45 -5.45 -8.28 -6.42
CA GLY A 45 -4.31 -9.08 -6.01
C GLY A 45 -3.57 -8.43 -4.86
N TRP A 46 -3.59 -9.07 -3.68
CA TRP A 46 -2.87 -8.52 -2.53
C TRP A 46 -1.41 -8.25 -2.89
N ARG A 47 -0.78 -9.21 -3.56
CA ARG A 47 0.59 -9.08 -4.02
C ARG A 47 0.68 -8.36 -5.36
N GLY A 48 -0.45 -7.92 -5.92
CA GLY A 48 -0.44 -7.27 -7.22
C GLY A 48 0.46 -6.05 -7.29
N LEU A 49 0.32 -5.14 -6.35
CA LEU A 49 1.14 -3.93 -6.33
C LEU A 49 2.58 -4.25 -5.91
N ALA A 50 2.73 -5.11 -4.92
CA ALA A 50 4.05 -5.51 -4.42
C ALA A 50 4.87 -6.28 -5.45
N GLU A 51 4.21 -7.19 -6.16
CA GLU A 51 4.86 -8.03 -7.16
C GLU A 51 5.50 -7.19 -8.26
N ARG A 52 4.76 -6.18 -8.73
CA ARG A 52 5.26 -5.30 -9.78
C ARG A 52 6.47 -4.50 -9.29
N LEU A 53 6.43 -4.06 -8.04
CA LEU A 53 7.54 -3.29 -7.46
C LEU A 53 8.78 -4.17 -7.27
N SER A 54 8.57 -5.39 -6.76
CA SER A 54 9.67 -6.32 -6.54
C SER A 54 9.15 -7.76 -6.54
N SER A 55 9.90 -8.67 -7.14
CA SER A 55 9.50 -10.07 -7.19
C SER A 55 10.56 -10.98 -6.57
N SER A 56 10.13 -11.85 -5.66
CA SER A 56 11.03 -12.78 -4.99
C SER A 56 10.24 -13.98 -4.46
N TRP A 57 10.81 -15.17 -4.55
CA TRP A 57 10.15 -16.39 -4.08
C TRP A 57 9.93 -16.35 -2.58
N LEU A 58 10.92 -15.85 -1.85
CA LEU A 58 10.83 -15.75 -0.39
C LEU A 58 9.78 -14.71 0.02
N ASP A 59 9.75 -13.60 -0.71
CA ASP A 59 8.82 -12.51 -0.42
C ASP A 59 7.36 -12.92 -0.59
N VAL A 60 7.04 -13.60 -1.69
CA VAL A 60 5.66 -14.03 -1.94
C VAL A 60 5.19 -15.08 -0.95
N ASP A 61 6.14 -15.85 -0.40
CA ASP A 61 5.81 -16.88 0.58
C ASP A 61 5.24 -16.26 1.85
N HIS A 62 5.87 -15.17 2.30
CA HIS A 62 5.43 -14.45 3.50
C HIS A 62 4.15 -13.66 3.24
N ILE A 63 3.92 -13.30 1.98
CA ILE A 63 2.72 -12.53 1.59
C ILE A 63 1.45 -13.31 1.95
N GLU A 64 1.47 -14.61 1.75
CA GLU A 64 0.33 -15.46 2.05
C GLU A 64 0.12 -15.59 3.57
N LYS A 65 1.17 -15.32 4.36
CA LYS A 65 1.10 -15.45 5.81
C LYS A 65 0.37 -14.27 6.50
N GLU A 66 0.77 -13.02 6.23
CA GLU A 66 0.15 -11.88 6.90
C GLU A 66 -1.11 -11.39 6.17
N VAL A 67 -1.44 -11.99 5.03
CA VAL A 67 -2.63 -11.59 4.28
C VAL A 67 -3.89 -11.65 5.16
N ASP A 68 -3.93 -12.64 6.07
CA ASP A 68 -5.06 -12.79 6.99
C ASP A 68 -4.84 -11.99 8.27
N GLN A 69 -3.65 -11.39 8.37
CA GLN A 69 -3.27 -10.61 9.54
C GLN A 69 -3.32 -9.11 9.26
N GLY A 70 -4.09 -8.71 8.25
CA GLY A 70 -4.19 -7.30 7.91
C GLY A 70 -3.41 -6.90 6.67
N LYS A 71 -3.14 -7.88 5.79
CA LYS A 71 -2.43 -7.68 4.50
C LYS A 71 -0.94 -7.91 4.61
N SER A 72 -0.39 -8.56 3.60
CA SER A 72 1.04 -8.83 3.53
C SER A 72 1.60 -8.45 2.16
N GLY A 73 0.73 -8.36 1.17
CA GLY A 73 1.18 -7.99 -0.16
C GLY A 73 1.82 -6.62 -0.16
N THR A 74 1.02 -5.60 0.07
CA THR A 74 1.52 -4.24 0.09
C THR A 74 2.02 -3.84 1.48
N ARG A 75 1.35 -4.36 2.53
CA ARG A 75 1.70 -4.01 3.91
C ARG A 75 3.13 -4.44 4.23
N GLU A 76 3.47 -5.68 3.90
CA GLU A 76 4.82 -6.19 4.16
C GLU A 76 5.87 -5.40 3.40
N LEU A 77 5.56 -5.04 2.16
CA LEU A 77 6.48 -4.28 1.32
C LEU A 77 6.76 -2.90 1.95
N LEU A 78 5.69 -2.22 2.37
CA LEU A 78 5.82 -0.90 2.98
C LEU A 78 6.45 -0.99 4.39
N TRP A 79 6.05 -2.01 5.15
CA TRP A 79 6.53 -2.23 6.51
C TRP A 79 7.94 -2.85 6.55
N SER A 80 8.45 -3.22 5.38
CA SER A 80 9.77 -3.86 5.26
C SER A 80 10.89 -3.00 5.83
N TRP A 81 10.87 -1.70 5.55
CA TRP A 81 11.92 -0.81 6.06
C TRP A 81 11.59 -0.32 7.47
N ALA A 82 10.87 0.80 7.57
CA ALA A 82 10.47 1.34 8.87
C ALA A 82 8.98 1.11 9.10
N GLN A 83 8.17 2.04 8.60
CA GLN A 83 6.72 1.93 8.69
C GLN A 83 6.18 1.77 7.28
N LYS A 84 6.52 2.74 6.43
CA LYS A 84 6.14 2.68 5.03
C LYS A 84 7.36 3.00 4.17
N ASN A 85 8.11 4.03 4.59
CA ASN A 85 9.34 4.48 3.93
C ASN A 85 9.16 4.61 2.41
N LYS A 86 7.96 4.96 1.99
CA LYS A 86 7.66 5.11 0.57
C LYS A 86 6.78 6.33 0.37
N THR A 87 6.59 6.71 -0.88
CA THR A 87 5.76 7.87 -1.18
C THR A 87 4.70 7.50 -2.22
N ILE A 88 3.65 8.31 -2.26
CA ILE A 88 2.56 8.11 -3.20
C ILE A 88 3.01 8.14 -4.65
N GLY A 89 3.96 9.01 -4.98
CA GLY A 89 4.45 9.09 -6.35
C GLY A 89 5.07 7.80 -6.83
N ASP A 90 5.82 7.13 -5.94
CA ASP A 90 6.47 5.86 -6.27
C ASP A 90 5.42 4.77 -6.50
N LEU A 91 4.42 4.71 -5.62
CA LEU A 91 3.35 3.71 -5.71
C LEU A 91 2.38 4.03 -6.85
N LEU A 92 2.23 5.31 -7.17
CA LEU A 92 1.31 5.76 -8.22
C LEU A 92 1.63 5.11 -9.56
N GLN A 93 2.92 5.01 -9.88
CA GLN A 93 3.33 4.42 -11.15
C GLN A 93 2.88 2.96 -11.23
N VAL A 94 3.04 2.24 -10.13
CA VAL A 94 2.63 0.84 -10.05
C VAL A 94 1.10 0.74 -10.02
N LEU A 95 0.48 1.66 -9.28
CA LEU A 95 -0.96 1.72 -9.11
C LEU A 95 -1.68 1.95 -10.45
N GLN A 96 -1.12 2.83 -11.28
CA GLN A 96 -1.72 3.13 -12.58
C GLN A 96 -1.80 1.88 -13.45
N GLU A 97 -0.76 1.06 -13.40
CA GLU A 97 -0.72 -0.18 -14.18
C GLU A 97 -1.82 -1.14 -13.70
N MET A 98 -1.98 -1.25 -12.39
CA MET A 98 -3.00 -2.13 -11.80
C MET A 98 -4.40 -1.59 -12.07
N GLY A 99 -4.56 -0.28 -11.96
CA GLY A 99 -5.86 0.34 -12.21
C GLY A 99 -6.87 0.20 -11.09
N HIS A 100 -6.43 0.34 -9.84
CA HIS A 100 -7.34 0.24 -8.71
C HIS A 100 -8.09 1.56 -8.50
N ARG A 101 -9.39 1.51 -8.74
CA ARG A 101 -10.26 2.70 -8.64
C ARG A 101 -10.35 3.27 -7.22
N ARG A 102 -10.48 2.43 -6.20
CA ARG A 102 -10.62 2.90 -4.82
C ARG A 102 -9.37 3.67 -4.39
N ALA A 103 -8.21 3.19 -4.80
CA ALA A 103 -6.94 3.83 -4.46
C ALA A 103 -6.91 5.24 -5.00
N ILE A 104 -7.45 5.43 -6.21
CA ILE A 104 -7.49 6.73 -6.86
C ILE A 104 -8.31 7.72 -6.02
N HIS A 105 -9.44 7.26 -5.51
CA HIS A 105 -10.30 8.09 -4.68
C HIS A 105 -9.63 8.51 -3.36
N LEU A 106 -8.89 7.58 -2.75
CA LEU A 106 -8.20 7.85 -1.49
C LEU A 106 -6.85 8.57 -1.68
N ILE A 107 -6.19 8.31 -2.81
CA ILE A 107 -4.87 8.91 -3.09
C ILE A 107 -4.94 10.43 -3.19
N THR A 108 -6.12 10.96 -3.48
CA THR A 108 -6.31 12.41 -3.61
C THR A 108 -6.17 13.12 -2.25
N ASN A 109 -6.05 12.35 -1.17
CA ASN A 109 -5.91 12.92 0.17
C ASN A 109 -4.43 13.17 0.50
N TYR A 110 -3.55 12.90 -0.45
CA TYR A 110 -2.12 13.11 -0.26
C TYR A 110 -1.71 14.47 -0.80
N GLY A 111 -1.16 15.33 0.06
CA GLY A 111 -0.76 16.66 -0.37
C GLY A 111 0.63 17.04 0.13
N ALA A 112 1.52 16.07 0.27
CA ALA A 112 2.87 16.33 0.74
C ALA A 112 3.84 16.49 -0.43
N VAL A 113 4.65 17.54 -0.38
CA VAL A 113 5.63 17.79 -1.44
C VAL A 113 7.03 17.34 -1.04
N LEU A 114 7.14 16.73 0.14
CA LEU A 114 8.41 16.25 0.65
C LEU A 114 8.43 14.73 0.70
N SER A 115 9.59 14.14 0.40
CA SER A 115 9.74 12.69 0.43
C SER A 115 10.85 12.26 1.39
N PRO A 116 10.50 12.09 2.68
CA PRO A 116 11.47 11.69 3.70
C PRO A 116 11.74 10.19 3.73
N SER A 117 12.33 9.68 2.65
CA SER A 117 12.65 8.26 2.57
C SER A 117 14.13 8.04 2.86
N GLU A 118 14.44 7.00 3.64
CA GLU A 118 15.82 6.72 4.00
C GLU A 118 16.18 5.27 3.68
N LYS A 119 17.47 5.02 3.48
CA LYS A 119 17.95 3.67 3.17
C LYS A 119 19.30 3.44 3.84
N SER A 120 19.65 2.17 4.05
CA SER A 120 20.91 1.83 4.68
C SER A 120 21.65 0.78 3.86
N TYR A 121 22.98 0.81 3.92
CA TYR A 121 23.80 -0.14 3.19
C TYR A 121 24.67 -0.94 4.17
N GLN A 122 24.61 -2.26 4.06
CA GLN A 122 25.40 -3.13 4.92
C GLN A 122 26.26 -4.08 4.10
N GLU A 123 27.46 -4.37 4.61
CA GLU A 123 28.39 -5.26 3.92
C GLU A 123 27.83 -6.68 3.83
N GLY A 124 27.17 -7.13 4.91
CA GLY A 124 26.61 -8.46 4.92
C GLY A 124 26.05 -8.83 6.29
N SER A 1 -1.22 -12.27 -14.33
CA SER A 1 -2.40 -12.88 -15.02
C SER A 1 -2.88 -14.11 -14.27
N GLU A 2 -2.21 -14.42 -13.16
CA GLU A 2 -2.55 -15.58 -12.36
C GLU A 2 -3.23 -15.13 -11.06
N PHE A 3 -4.41 -15.69 -10.81
CA PHE A 3 -5.17 -15.35 -9.60
C PHE A 3 -5.55 -16.60 -8.83
N GLY A 4 -5.68 -16.48 -7.51
CA GLY A 4 -6.02 -17.61 -6.69
C GLY A 4 -6.38 -17.20 -5.27
N SER A 5 -6.65 -18.19 -4.42
CA SER A 5 -7.03 -17.96 -3.01
C SER A 5 -8.44 -17.39 -2.87
N MET A 6 -8.70 -16.24 -3.51
CA MET A 6 -10.00 -15.58 -3.47
C MET A 6 -10.45 -15.31 -2.04
N ALA A 7 -9.57 -14.69 -1.26
CA ALA A 7 -9.86 -14.36 0.13
C ALA A 7 -9.44 -12.95 0.47
N GLY A 8 -10.11 -12.34 1.44
CA GLY A 8 -9.80 -10.99 1.85
C GLY A 8 -10.62 -10.55 3.05
N ASN A 9 -10.50 -9.28 3.42
CA ASN A 9 -11.24 -8.75 4.56
C ASN A 9 -11.81 -7.37 4.26
N CYS A 10 -12.99 -7.07 4.81
CA CYS A 10 -13.63 -5.79 4.59
C CYS A 10 -12.87 -4.66 5.29
N GLY A 11 -12.58 -3.59 4.55
CA GLY A 11 -11.86 -2.47 5.12
C GLY A 11 -12.57 -1.15 4.90
N ALA A 12 -12.18 -0.13 5.67
CA ALA A 12 -12.79 1.18 5.55
C ALA A 12 -11.76 2.28 5.82
N ARG A 13 -12.00 3.46 5.26
CA ARG A 13 -11.08 4.58 5.44
C ARG A 13 -11.78 5.76 6.12
N GLY A 14 -11.15 6.30 7.16
CA GLY A 14 -11.73 7.42 7.88
C GLY A 14 -11.47 8.75 7.20
N ALA A 15 -12.30 9.75 7.50
CA ALA A 15 -12.18 11.08 6.93
C ALA A 15 -10.86 11.75 7.33
N LEU A 16 -10.46 11.57 8.58
CA LEU A 16 -9.22 12.16 9.09
C LEU A 16 -8.08 11.16 8.99
N SER A 17 -6.88 11.66 8.72
CA SER A 17 -5.71 10.79 8.60
C SER A 17 -5.16 10.39 9.96
N ALA A 18 -5.37 9.12 10.32
CA ALA A 18 -4.86 8.59 11.58
C ALA A 18 -3.49 7.95 11.40
N HIS A 19 -3.11 7.77 10.14
CA HIS A 19 -1.84 7.14 9.79
C HIS A 19 -0.81 8.15 9.30
N THR A 20 -0.97 9.43 9.65
CA THR A 20 -0.03 10.45 9.20
C THR A 20 1.23 10.51 10.07
N LEU A 21 2.40 10.27 9.45
CA LEU A 21 3.68 10.31 10.14
C LEU A 21 4.82 10.53 9.14
N LEU A 22 6.04 10.75 9.66
CA LEU A 22 7.21 11.00 8.81
C LEU A 22 7.57 9.80 7.91
N PHE A 23 7.68 8.60 8.48
CA PHE A 23 8.04 7.42 7.70
C PHE A 23 6.79 6.71 7.19
N ASP A 24 5.76 6.73 7.99
CA ASP A 24 4.48 6.13 7.65
C ASP A 24 3.50 7.23 7.27
N LEU A 25 3.74 7.83 6.11
CA LEU A 25 2.92 8.92 5.59
C LEU A 25 1.42 8.59 5.66
N PRO A 26 0.56 9.64 5.68
CA PRO A 26 -0.91 9.53 5.76
C PRO A 26 -1.52 8.38 4.95
N PRO A 27 -2.81 8.05 5.22
CA PRO A 27 -3.55 6.96 4.55
C PRO A 27 -3.45 6.95 3.03
N ALA A 28 -2.89 7.98 2.43
CA ALA A 28 -2.76 8.03 0.99
C ALA A 28 -2.02 6.79 0.47
N LEU A 29 -1.03 6.31 1.24
CA LEU A 29 -0.30 5.12 0.82
C LEU A 29 -0.65 3.89 1.67
N LEU A 30 -0.09 3.80 2.88
CA LEU A 30 -0.32 2.66 3.76
C LEU A 30 -1.79 2.45 4.13
N GLY A 31 -2.45 3.50 4.60
CA GLY A 31 -3.84 3.38 5.03
C GLY A 31 -4.79 2.94 3.92
N GLU A 32 -4.73 3.60 2.76
CA GLU A 32 -5.61 3.28 1.64
C GLU A 32 -5.27 1.95 0.99
N LEU A 33 -3.98 1.69 0.78
CA LEU A 33 -3.57 0.45 0.12
C LEU A 33 -3.82 -0.78 0.99
N CYS A 34 -3.59 -0.67 2.30
CA CYS A 34 -3.81 -1.82 3.18
C CYS A 34 -5.30 -2.08 3.42
N ALA A 35 -6.11 -1.02 3.43
CA ALA A 35 -7.55 -1.15 3.66
C ALA A 35 -8.35 -1.47 2.40
N VAL A 36 -8.21 -0.63 1.37
CA VAL A 36 -8.96 -0.80 0.13
C VAL A 36 -8.59 -2.09 -0.62
N LEU A 37 -7.30 -2.38 -0.73
CA LEU A 37 -6.86 -3.59 -1.44
C LEU A 37 -7.16 -4.85 -0.60
N ASP A 38 -7.36 -4.67 0.68
CA ASP A 38 -7.66 -5.78 1.59
C ASP A 38 -8.94 -6.50 1.17
N SER A 39 -9.91 -5.73 0.68
CA SER A 39 -11.20 -6.28 0.25
C SER A 39 -11.13 -6.75 -1.21
N CYS A 40 -9.93 -6.70 -1.78
CA CYS A 40 -9.71 -7.11 -3.17
C CYS A 40 -9.96 -8.61 -3.36
N ASP A 41 -10.55 -8.93 -4.51
CA ASP A 41 -10.85 -10.31 -4.85
C ASP A 41 -10.35 -10.60 -6.26
N GLY A 42 -9.17 -10.08 -6.56
CA GLY A 42 -8.56 -10.28 -7.87
C GLY A 42 -8.83 -9.13 -8.82
N ALA A 43 -9.80 -8.28 -8.49
CA ALA A 43 -10.14 -7.13 -9.34
C ALA A 43 -8.99 -6.14 -9.44
N LEU A 44 -8.34 -5.87 -8.31
CA LEU A 44 -7.19 -4.94 -8.28
C LEU A 44 -5.90 -5.73 -8.06
N GLY A 45 -6.05 -6.91 -7.47
CA GLY A 45 -4.91 -7.75 -7.17
C GLY A 45 -4.15 -7.26 -5.95
N TRP A 46 -4.26 -8.00 -4.84
CA TRP A 46 -3.53 -7.63 -3.61
C TRP A 46 -2.04 -7.46 -3.91
N ARG A 47 -1.46 -8.43 -4.61
CA ARG A 47 -0.06 -8.39 -5.01
C ARG A 47 0.13 -7.59 -6.31
N GLY A 48 -0.95 -7.08 -6.87
CA GLY A 48 -0.86 -6.35 -8.13
C GLY A 48 0.07 -5.16 -8.07
N LEU A 49 0.01 -4.40 -6.98
CA LEU A 49 0.87 -3.24 -6.83
C LEU A 49 2.25 -3.63 -6.29
N ALA A 50 2.26 -4.52 -5.29
CA ALA A 50 3.49 -4.98 -4.66
C ALA A 50 4.40 -5.78 -5.61
N GLU A 51 3.79 -6.65 -6.43
CA GLU A 51 4.55 -7.51 -7.34
C GLU A 51 5.35 -6.67 -8.34
N ARG A 52 4.73 -5.62 -8.89
CA ARG A 52 5.40 -4.74 -9.84
C ARG A 52 6.56 -3.99 -9.19
N LEU A 53 6.35 -3.54 -7.95
CA LEU A 53 7.39 -2.81 -7.23
C LEU A 53 8.56 -3.73 -6.86
N SER A 54 8.25 -4.92 -6.35
CA SER A 54 9.28 -5.88 -5.98
C SER A 54 8.83 -7.30 -6.31
N SER A 55 9.72 -8.06 -6.95
CA SER A 55 9.40 -9.44 -7.30
C SER A 55 10.31 -10.39 -6.53
N SER A 56 9.72 -11.30 -5.77
CA SER A 56 10.49 -12.28 -5.00
C SER A 56 9.87 -13.66 -5.10
N TRP A 57 10.72 -14.69 -5.02
CA TRP A 57 10.27 -16.07 -5.11
C TRP A 57 10.06 -16.65 -3.72
N LEU A 58 8.98 -17.44 -3.55
CA LEU A 58 8.64 -18.10 -2.28
C LEU A 58 8.01 -17.12 -1.28
N ASP A 59 8.42 -15.85 -1.35
CA ASP A 59 7.91 -14.82 -0.44
C ASP A 59 6.42 -14.56 -0.70
N VAL A 60 5.96 -14.93 -1.89
CA VAL A 60 4.56 -14.74 -2.28
C VAL A 60 3.62 -15.55 -1.39
N ASP A 61 4.16 -16.58 -0.73
CA ASP A 61 3.37 -17.42 0.16
C ASP A 61 2.83 -16.61 1.35
N HIS A 62 3.67 -15.72 1.87
CA HIS A 62 3.28 -14.87 3.00
C HIS A 62 2.21 -13.87 2.58
N ILE A 63 2.18 -13.53 1.28
CA ILE A 63 1.18 -12.60 0.75
C ILE A 63 -0.23 -13.15 1.00
N GLU A 64 -0.39 -14.45 0.79
CA GLU A 64 -1.67 -15.11 1.01
C GLU A 64 -2.01 -15.18 2.51
N LYS A 65 -0.99 -15.35 3.34
CA LYS A 65 -1.16 -15.49 4.79
C LYS A 65 -1.79 -14.27 5.49
N GLU A 66 -1.31 -13.05 5.22
CA GLU A 66 -1.86 -11.87 5.90
C GLU A 66 -3.05 -11.26 5.17
N VAL A 67 -3.41 -11.78 4.00
CA VAL A 67 -4.53 -11.23 3.23
C VAL A 67 -5.82 -11.21 4.08
N ASP A 68 -5.98 -12.20 4.95
CA ASP A 68 -7.15 -12.27 5.84
C ASP A 68 -6.88 -11.53 7.15
N GLN A 69 -5.65 -11.04 7.30
CA GLN A 69 -5.24 -10.34 8.51
C GLN A 69 -5.05 -8.84 8.27
N GLY A 70 -5.69 -8.30 7.24
CA GLY A 70 -5.57 -6.88 6.95
C GLY A 70 -4.69 -6.55 5.77
N LYS A 71 -4.39 -7.56 4.92
CA LYS A 71 -3.59 -7.42 3.68
C LYS A 71 -2.14 -7.81 3.89
N SER A 72 -1.57 -8.43 2.86
CA SER A 72 -0.17 -8.85 2.87
C SER A 72 0.51 -8.42 1.59
N GLY A 73 -0.25 -8.29 0.51
CA GLY A 73 0.36 -7.89 -0.75
C GLY A 73 1.13 -6.58 -0.62
N THR A 74 0.42 -5.50 -0.38
CA THR A 74 1.06 -4.20 -0.22
C THR A 74 1.50 -3.96 1.22
N ARG A 75 0.69 -4.44 2.18
CA ARG A 75 0.97 -4.24 3.60
C ARG A 75 2.32 -4.85 4.00
N GLU A 76 2.57 -6.10 3.58
CA GLU A 76 3.82 -6.78 3.91
C GLU A 76 5.01 -6.03 3.33
N LEU A 77 4.87 -5.57 2.07
CA LEU A 77 5.94 -4.85 1.39
C LEU A 77 6.29 -3.55 2.12
N LEU A 78 5.26 -2.80 2.50
CA LEU A 78 5.47 -1.52 3.19
C LEU A 78 6.05 -1.74 4.60
N TRP A 79 5.58 -2.78 5.28
CA TRP A 79 6.04 -3.09 6.64
C TRP A 79 7.37 -3.84 6.68
N SER A 80 7.90 -4.21 5.51
CA SER A 80 9.16 -4.95 5.44
C SER A 80 10.33 -4.20 6.07
N TRP A 81 10.40 -2.88 5.86
CA TRP A 81 11.48 -2.09 6.45
C TRP A 81 11.14 -1.65 7.87
N ALA A 82 10.53 -0.48 8.01
CA ALA A 82 10.13 0.04 9.31
C ALA A 82 8.62 -0.03 9.45
N GLN A 83 7.95 1.03 8.99
CA GLN A 83 6.49 1.09 9.00
C GLN A 83 6.01 1.01 7.56
N LYS A 84 6.47 1.94 6.75
CA LYS A 84 6.17 1.94 5.33
C LYS A 84 7.46 2.16 4.52
N ASN A 85 8.29 3.09 5.01
CA ASN A 85 9.60 3.42 4.40
C ASN A 85 9.47 3.64 2.89
N LYS A 86 8.34 4.18 2.46
CA LYS A 86 8.10 4.44 1.05
C LYS A 86 7.42 5.79 0.90
N THR A 87 7.32 6.28 -0.32
CA THR A 87 6.66 7.56 -0.55
C THR A 87 5.54 7.41 -1.57
N ILE A 88 4.61 8.36 -1.54
CA ILE A 88 3.47 8.37 -2.43
C ILE A 88 3.89 8.42 -3.90
N GLY A 89 4.92 9.21 -4.22
CA GLY A 89 5.40 9.31 -5.58
C GLY A 89 5.90 7.98 -6.12
N ASP A 90 6.61 7.22 -5.28
CA ASP A 90 7.15 5.92 -5.68
C ASP A 90 6.05 4.91 -6.00
N LEU A 91 4.99 4.92 -5.20
CA LEU A 91 3.87 3.99 -5.40
C LEU A 91 2.91 4.52 -6.47
N LEU A 92 2.91 5.83 -6.68
CA LEU A 92 2.04 6.46 -7.67
C LEU A 92 2.30 5.91 -9.07
N GLN A 93 3.57 5.70 -9.39
CA GLN A 93 3.95 5.17 -10.70
C GLN A 93 3.35 3.78 -10.91
N VAL A 94 3.38 2.96 -9.86
CA VAL A 94 2.83 1.61 -9.90
C VAL A 94 1.29 1.69 -9.99
N LEU A 95 0.72 2.61 -9.22
CA LEU A 95 -0.73 2.82 -9.19
C LEU A 95 -1.25 3.18 -10.58
N GLN A 96 -0.45 3.95 -11.32
CA GLN A 96 -0.82 4.36 -12.67
C GLN A 96 -0.95 3.16 -13.60
N GLU A 97 -0.06 2.18 -13.45
CA GLU A 97 -0.09 0.99 -14.29
C GLU A 97 -1.40 0.23 -14.09
N MET A 98 -1.78 0.02 -12.83
CA MET A 98 -3.03 -0.67 -12.50
C MET A 98 -4.26 0.17 -12.82
N GLY A 99 -4.16 1.48 -12.61
CA GLY A 99 -5.29 2.36 -12.87
C GLY A 99 -6.31 2.33 -11.76
N HIS A 100 -5.84 2.14 -10.53
CA HIS A 100 -6.71 2.08 -9.36
C HIS A 100 -7.37 3.45 -9.10
N ARG A 101 -8.67 3.51 -9.38
CA ARG A 101 -9.44 4.75 -9.24
C ARG A 101 -9.51 5.26 -7.79
N ARG A 102 -9.78 4.37 -6.84
CA ARG A 102 -9.89 4.77 -5.43
C ARG A 102 -8.57 5.30 -4.90
N ALA A 103 -7.49 4.64 -5.28
CA ALA A 103 -6.16 5.02 -4.85
C ALA A 103 -5.81 6.43 -5.32
N ILE A 104 -6.21 6.74 -6.56
CA ILE A 104 -5.96 8.06 -7.13
C ILE A 104 -6.69 9.16 -6.33
N HIS A 105 -7.95 8.91 -6.00
CA HIS A 105 -8.75 9.88 -5.25
C HIS A 105 -8.22 10.08 -3.82
N LEU A 106 -7.79 9.01 -3.17
CA LEU A 106 -7.29 9.10 -1.79
C LEU A 106 -5.81 9.51 -1.73
N ILE A 107 -5.06 9.29 -2.80
CA ILE A 107 -3.65 9.64 -2.85
C ILE A 107 -3.45 11.17 -2.79
N THR A 108 -4.51 11.90 -3.14
CA THR A 108 -4.47 13.37 -3.14
C THR A 108 -4.41 13.94 -1.73
N ASN A 109 -4.61 13.09 -0.73
CA ASN A 109 -4.58 13.52 0.67
C ASN A 109 -3.15 13.87 1.09
N TYR A 110 -2.18 13.26 0.43
CA TYR A 110 -0.77 13.52 0.72
C TYR A 110 -0.38 14.93 0.26
N GLY A 111 0.24 15.70 1.15
CA GLY A 111 0.63 17.06 0.82
C GLY A 111 1.81 17.12 -0.14
N ALA A 112 1.81 18.13 -1.00
CA ALA A 112 2.88 18.30 -1.97
C ALA A 112 3.95 19.27 -1.45
N VAL A 113 5.17 19.15 -1.98
CA VAL A 113 6.30 20.00 -1.59
C VAL A 113 6.87 19.57 -0.24
N LEU A 114 8.21 19.57 -0.13
CA LEU A 114 8.92 19.18 1.09
C LEU A 114 8.67 17.70 1.41
N SER A 115 8.67 16.87 0.38
CA SER A 115 8.46 15.44 0.54
C SER A 115 9.67 14.77 1.17
N PRO A 116 9.45 13.91 2.18
CA PRO A 116 10.53 13.20 2.89
C PRO A 116 11.12 12.04 2.07
N SER A 117 11.68 12.37 0.91
CA SER A 117 12.29 11.36 0.04
C SER A 117 13.72 11.06 0.50
N GLU A 118 14.22 11.88 1.40
CA GLU A 118 15.59 11.72 1.92
C GLU A 118 15.56 11.72 3.45
N LYS A 119 16.59 11.11 4.05
CA LYS A 119 16.70 11.02 5.51
C LYS A 119 16.90 12.40 6.14
N SER A 120 17.36 13.36 5.32
CA SER A 120 17.59 14.73 5.78
C SER A 120 16.30 15.38 6.28
N TYR A 121 15.20 15.09 5.58
CA TYR A 121 13.89 15.64 5.94
C TYR A 121 13.36 15.02 7.23
N GLN A 122 12.75 15.84 8.07
CA GLN A 122 12.19 15.37 9.34
C GLN A 122 10.97 16.19 9.74
N GLU A 123 10.15 15.62 10.63
CA GLU A 123 8.94 16.29 11.12
C GLU A 123 7.97 16.60 9.96
N GLY A 124 7.80 17.87 9.65
CA GLY A 124 6.91 18.27 8.57
C GLY A 124 6.62 19.76 8.58
N SER A 1 1.38 8.30 -15.79
CA SER A 1 0.72 9.61 -16.00
C SER A 1 -0.68 9.43 -16.59
N GLU A 2 -1.23 8.23 -16.44
CA GLU A 2 -2.57 7.92 -16.95
C GLU A 2 -3.49 7.53 -15.81
N PHE A 3 -4.70 8.08 -15.80
CA PHE A 3 -5.69 7.80 -14.77
C PHE A 3 -6.10 6.32 -14.81
N GLY A 4 -6.37 5.82 -16.01
CA GLY A 4 -6.77 4.43 -16.16
C GLY A 4 -8.28 4.24 -16.16
N SER A 5 -8.72 3.06 -16.58
CA SER A 5 -10.16 2.76 -16.61
C SER A 5 -10.45 1.39 -15.98
N MET A 6 -10.97 1.40 -14.77
CA MET A 6 -11.29 0.16 -14.05
C MET A 6 -12.67 0.27 -13.41
N ALA A 7 -13.33 -0.88 -13.22
CA ALA A 7 -14.64 -0.92 -12.60
C ALA A 7 -14.64 -1.84 -11.38
N GLY A 8 -15.28 -1.38 -10.31
CA GLY A 8 -15.33 -2.17 -9.09
C GLY A 8 -16.06 -1.43 -7.98
N ASN A 9 -16.16 -2.07 -6.81
CA ASN A 9 -16.83 -1.47 -5.67
C ASN A 9 -16.00 -1.63 -4.41
N CYS A 10 -15.34 -0.54 -3.98
CA CYS A 10 -14.52 -0.56 -2.78
C CYS A 10 -14.87 0.63 -1.89
N GLY A 11 -14.56 0.52 -0.60
CA GLY A 11 -14.85 1.60 0.32
C GLY A 11 -13.62 2.09 1.07
N ALA A 12 -13.57 3.40 1.31
CA ALA A 12 -12.45 4.00 2.02
C ALA A 12 -12.50 3.68 3.51
N ARG A 13 -11.33 3.58 4.15
CA ARG A 13 -11.26 3.26 5.57
C ARG A 13 -11.72 4.43 6.45
N GLY A 14 -11.65 5.65 5.93
CA GLY A 14 -12.08 6.81 6.70
C GLY A 14 -11.91 8.11 5.95
N ALA A 15 -12.33 9.21 6.58
CA ALA A 15 -12.24 10.54 5.96
C ALA A 15 -11.00 11.30 6.44
N LEU A 16 -10.65 11.14 7.71
CA LEU A 16 -9.49 11.83 8.28
C LEU A 16 -8.32 10.86 8.41
N SER A 17 -7.12 11.33 8.09
CA SER A 17 -5.94 10.47 8.14
C SER A 17 -5.40 10.34 9.57
N ALA A 18 -5.58 9.15 10.14
CA ALA A 18 -5.09 8.84 11.48
C ALA A 18 -3.69 8.22 11.42
N HIS A 19 -3.27 7.89 10.21
CA HIS A 19 -1.97 7.26 9.98
C HIS A 19 -0.94 8.25 9.44
N THR A 20 -1.17 9.53 9.67
CA THR A 20 -0.26 10.57 9.18
C THR A 20 1.06 10.60 9.97
N LEU A 21 2.18 10.40 9.25
CA LEU A 21 3.51 10.42 9.84
C LEU A 21 4.57 10.46 8.72
N LEU A 22 5.80 10.87 9.05
CA LEU A 22 6.86 10.96 8.04
C LEU A 22 7.28 9.58 7.49
N PHE A 23 7.57 8.64 8.38
CA PHE A 23 7.98 7.29 7.95
C PHE A 23 6.78 6.48 7.47
N ASP A 24 5.66 6.67 8.13
CA ASP A 24 4.42 5.99 7.79
C ASP A 24 3.40 7.01 7.30
N LEU A 25 3.64 7.54 6.10
CA LEU A 25 2.77 8.54 5.48
C LEU A 25 1.29 8.15 5.59
N PRO A 26 0.38 9.16 5.57
CA PRO A 26 -1.09 9.00 5.70
C PRO A 26 -1.67 7.75 5.00
N PRO A 27 -2.92 7.38 5.38
CA PRO A 27 -3.63 6.21 4.84
C PRO A 27 -3.63 6.09 3.32
N ALA A 28 -3.18 7.13 2.62
CA ALA A 28 -3.14 7.10 1.16
C ALA A 28 -2.39 5.87 0.67
N LEU A 29 -1.36 5.45 1.40
CA LEU A 29 -0.61 4.27 1.01
C LEU A 29 -0.88 3.09 1.95
N LEU A 30 -0.27 3.10 3.14
CA LEU A 30 -0.41 2.00 4.10
C LEU A 30 -1.86 1.75 4.54
N GLY A 31 -2.54 2.78 5.02
CA GLY A 31 -3.90 2.61 5.51
C GLY A 31 -4.90 2.09 4.49
N GLU A 32 -4.96 2.72 3.33
CA GLU A 32 -5.91 2.33 2.29
C GLU A 32 -5.54 1.02 1.62
N LEU A 33 -4.25 0.82 1.32
CA LEU A 33 -3.82 -0.40 0.66
C LEU A 33 -3.97 -1.63 1.55
N CYS A 34 -3.66 -1.49 2.84
CA CYS A 34 -3.78 -2.63 3.76
C CYS A 34 -5.24 -2.98 4.03
N ALA A 35 -6.12 -1.97 3.97
CA ALA A 35 -7.55 -2.21 4.22
C ALA A 35 -8.30 -2.67 2.97
N VAL A 36 -8.22 -1.88 1.90
CA VAL A 36 -8.93 -2.17 0.65
C VAL A 36 -8.46 -3.47 -0.02
N LEU A 37 -7.14 -3.68 -0.11
CA LEU A 37 -6.62 -4.88 -0.76
C LEU A 37 -6.73 -6.10 0.16
N ASP A 38 -6.93 -5.88 1.45
CA ASP A 38 -7.08 -6.99 2.41
C ASP A 38 -8.26 -7.87 2.03
N SER A 39 -9.32 -7.23 1.59
CA SER A 39 -10.53 -7.95 1.18
C SER A 39 -10.53 -8.23 -0.32
N CYS A 40 -9.38 -8.02 -0.96
CA CYS A 40 -9.24 -8.25 -2.38
C CYS A 40 -9.35 -9.73 -2.73
N ASP A 41 -9.95 -10.03 -3.87
CA ASP A 41 -10.14 -11.41 -4.30
C ASP A 41 -9.82 -11.56 -5.79
N GLY A 42 -8.62 -11.15 -6.17
CA GLY A 42 -8.18 -11.26 -7.55
C GLY A 42 -8.45 -10.03 -8.39
N ALA A 43 -9.26 -9.10 -7.88
CA ALA A 43 -9.57 -7.86 -8.61
C ALA A 43 -8.30 -7.02 -8.82
N LEU A 44 -7.51 -6.94 -7.77
CA LEU A 44 -6.24 -6.19 -7.81
C LEU A 44 -5.10 -7.11 -7.36
N GLY A 45 -5.43 -8.04 -6.47
CA GLY A 45 -4.46 -8.98 -5.97
C GLY A 45 -3.68 -8.42 -4.81
N TRP A 46 -3.80 -9.05 -3.63
CA TRP A 46 -3.05 -8.61 -2.45
C TRP A 46 -1.55 -8.58 -2.74
N ARG A 47 -1.06 -9.61 -3.41
CA ARG A 47 0.35 -9.70 -3.79
C ARG A 47 0.64 -8.95 -5.09
N GLY A 48 -0.39 -8.35 -5.69
CA GLY A 48 -0.20 -7.67 -6.96
C GLY A 48 0.81 -6.54 -6.88
N LEU A 49 0.72 -5.72 -5.84
CA LEU A 49 1.66 -4.62 -5.68
C LEU A 49 3.05 -5.12 -5.27
N ALA A 50 3.08 -6.08 -4.33
CA ALA A 50 4.34 -6.65 -3.85
C ALA A 50 5.10 -7.42 -4.93
N GLU A 51 4.36 -8.20 -5.71
CA GLU A 51 4.95 -9.02 -6.76
C GLU A 51 5.64 -8.17 -7.82
N ARG A 52 5.00 -7.08 -8.22
CA ARG A 52 5.56 -6.18 -9.22
C ARG A 52 6.85 -5.49 -8.74
N LEU A 53 6.88 -5.08 -7.47
CA LEU A 53 8.06 -4.40 -6.95
C LEU A 53 9.27 -5.35 -6.87
N SER A 54 9.03 -6.56 -6.33
CA SER A 54 10.05 -7.62 -6.16
C SER A 54 9.76 -8.47 -4.94
N SER A 55 9.05 -9.57 -5.12
CA SER A 55 8.72 -10.47 -4.01
C SER A 55 9.87 -11.45 -3.75
N SER A 56 10.81 -11.51 -4.71
CA SER A 56 11.97 -12.40 -4.63
C SER A 56 11.58 -13.87 -4.57
N TRP A 57 10.32 -14.16 -4.92
CA TRP A 57 9.78 -15.53 -4.92
C TRP A 57 9.98 -16.23 -3.58
N LEU A 58 10.10 -15.44 -2.50
CA LEU A 58 10.28 -16.00 -1.17
C LEU A 58 9.27 -15.39 -0.20
N ASP A 59 9.07 -14.08 -0.32
CA ASP A 59 8.13 -13.35 0.53
C ASP A 59 6.69 -13.79 0.30
N VAL A 60 6.44 -14.39 -0.87
CA VAL A 60 5.10 -14.85 -1.24
C VAL A 60 4.52 -15.85 -0.22
N ASP A 61 5.39 -16.63 0.41
CA ASP A 61 4.96 -17.61 1.41
C ASP A 61 4.32 -16.90 2.60
N HIS A 62 4.94 -15.79 3.00
CA HIS A 62 4.45 -15.00 4.12
C HIS A 62 3.23 -14.17 3.70
N ILE A 63 3.12 -13.89 2.40
CA ILE A 63 1.98 -13.13 1.87
C ILE A 63 0.67 -13.84 2.19
N GLU A 64 0.66 -15.15 1.99
CA GLU A 64 -0.53 -15.95 2.28
C GLU A 64 -0.80 -15.99 3.79
N LYS A 65 0.27 -16.02 4.58
CA LYS A 65 0.17 -16.10 6.04
C LYS A 65 -0.52 -14.89 6.70
N GLU A 66 -0.13 -13.66 6.37
CA GLU A 66 -0.75 -12.49 7.01
C GLU A 66 -1.98 -11.96 6.27
N VAL A 67 -2.32 -12.54 5.12
CA VAL A 67 -3.49 -12.08 4.36
C VAL A 67 -4.76 -12.12 5.21
N ASP A 68 -4.85 -13.11 6.11
CA ASP A 68 -6.00 -13.24 7.00
C ASP A 68 -5.78 -12.46 8.29
N GLN A 69 -4.58 -11.88 8.42
CA GLN A 69 -4.21 -11.13 9.62
C GLN A 69 -4.17 -9.62 9.36
N GLY A 70 -4.88 -9.17 8.32
CA GLY A 70 -4.90 -7.75 8.01
C GLY A 70 -4.05 -7.37 6.81
N LYS A 71 -3.77 -8.36 5.94
CA LYS A 71 -3.01 -8.18 4.68
C LYS A 71 -1.53 -8.50 4.86
N SER A 72 -0.95 -9.02 3.78
CA SER A 72 0.46 -9.36 3.75
C SER A 72 1.09 -8.94 2.43
N GLY A 73 0.30 -8.96 1.35
CA GLY A 73 0.82 -8.57 0.05
C GLY A 73 1.50 -7.22 0.07
N THR A 74 0.73 -6.17 0.29
CA THR A 74 1.30 -4.83 0.34
C THR A 74 1.77 -4.48 1.75
N ARG A 75 1.05 -4.98 2.77
CA ARG A 75 1.38 -4.69 4.16
C ARG A 75 2.77 -5.19 4.52
N GLU A 76 3.07 -6.43 4.19
CA GLU A 76 4.39 -7.01 4.49
C GLU A 76 5.49 -6.25 3.77
N LEU A 77 5.23 -5.90 2.51
CA LEU A 77 6.19 -5.17 1.69
C LEU A 77 6.52 -3.81 2.32
N LEU A 78 5.49 -3.09 2.73
CA LEU A 78 5.66 -1.77 3.35
C LEU A 78 6.27 -1.91 4.76
N TRP A 79 5.83 -2.94 5.48
CA TRP A 79 6.29 -3.21 6.85
C TRP A 79 7.69 -3.83 6.90
N SER A 80 8.25 -4.16 5.74
CA SER A 80 9.57 -4.81 5.68
C SER A 80 10.68 -3.95 6.31
N TRP A 81 10.64 -2.64 6.09
CA TRP A 81 11.66 -1.77 6.67
C TRP A 81 11.27 -1.33 8.09
N ALA A 82 10.55 -0.22 8.19
CA ALA A 82 10.09 0.28 9.48
C ALA A 82 8.57 0.08 9.59
N GLN A 83 7.83 1.06 9.08
CA GLN A 83 6.38 0.99 9.06
C GLN A 83 5.95 0.89 7.61
N LYS A 84 6.36 1.86 6.81
CA LYS A 84 6.10 1.86 5.37
C LYS A 84 7.40 2.17 4.63
N ASN A 85 8.14 3.16 5.15
CA ASN A 85 9.43 3.59 4.59
C ASN A 85 9.35 3.79 3.07
N LYS A 86 8.20 4.28 2.63
CA LYS A 86 7.96 4.49 1.22
C LYS A 86 7.23 5.80 1.02
N THR A 87 7.10 6.22 -0.23
CA THR A 87 6.40 7.45 -0.52
C THR A 87 5.18 7.16 -1.39
N ILE A 88 4.20 8.05 -1.32
CA ILE A 88 2.96 7.92 -2.07
C ILE A 88 3.25 7.86 -3.57
N GLY A 89 4.20 8.68 -4.02
CA GLY A 89 4.57 8.70 -5.43
C GLY A 89 5.17 7.37 -5.91
N ASP A 90 5.99 6.75 -5.05
CA ASP A 90 6.63 5.48 -5.39
C ASP A 90 5.63 4.36 -5.63
N LEU A 91 4.64 4.23 -4.75
CA LEU A 91 3.62 3.19 -4.90
C LEU A 91 2.61 3.55 -5.98
N LEU A 92 2.47 4.85 -6.26
CA LEU A 92 1.53 5.33 -7.27
C LEU A 92 1.84 4.73 -8.64
N GLN A 93 3.12 4.61 -8.96
CA GLN A 93 3.55 4.04 -10.25
C GLN A 93 3.06 2.60 -10.38
N VAL A 94 3.18 1.85 -9.28
CA VAL A 94 2.73 0.45 -9.24
C VAL A 94 1.20 0.38 -9.25
N LEU A 95 0.58 1.29 -8.50
CA LEU A 95 -0.88 1.36 -8.38
C LEU A 95 -1.56 1.62 -9.71
N GLN A 96 -0.98 2.52 -10.52
CA GLN A 96 -1.56 2.83 -11.82
C GLN A 96 -1.43 1.65 -12.77
N GLU A 97 -0.41 0.82 -12.58
CA GLU A 97 -0.20 -0.35 -13.43
C GLU A 97 -1.36 -1.33 -13.25
N MET A 98 -1.70 -1.61 -11.99
CA MET A 98 -2.82 -2.50 -11.67
C MET A 98 -4.15 -1.83 -11.96
N GLY A 99 -4.23 -0.52 -11.70
CA GLY A 99 -5.46 0.19 -11.92
C GLY A 99 -6.26 0.37 -10.64
N HIS A 100 -5.56 0.66 -9.55
CA HIS A 100 -6.19 0.85 -8.24
C HIS A 100 -6.94 2.18 -8.16
N ARG A 101 -8.20 2.15 -8.57
CA ARG A 101 -9.05 3.34 -8.54
C ARG A 101 -9.28 3.89 -7.13
N ARG A 102 -9.54 3.01 -6.18
CA ARG A 102 -9.79 3.42 -4.80
C ARG A 102 -8.57 4.11 -4.20
N ALA A 103 -7.38 3.58 -4.50
CA ALA A 103 -6.14 4.14 -4.01
C ALA A 103 -5.95 5.55 -4.52
N ILE A 104 -6.34 5.79 -5.77
CA ILE A 104 -6.23 7.11 -6.39
C ILE A 104 -7.07 8.13 -5.63
N HIS A 105 -8.30 7.75 -5.27
CA HIS A 105 -9.19 8.63 -4.53
C HIS A 105 -8.65 8.94 -3.12
N LEU A 106 -8.09 7.92 -2.47
CA LEU A 106 -7.55 8.09 -1.11
C LEU A 106 -6.13 8.69 -1.13
N ILE A 107 -5.43 8.56 -2.25
CA ILE A 107 -4.08 9.09 -2.37
C ILE A 107 -4.07 10.61 -2.25
N THR A 108 -5.23 11.23 -2.49
CA THR A 108 -5.37 12.69 -2.40
C THR A 108 -5.34 13.17 -0.95
N ASN A 109 -5.48 12.25 0.00
CA ASN A 109 -5.47 12.58 1.42
C ASN A 109 -4.06 12.93 1.91
N TYR A 110 -3.05 12.66 1.09
CA TYR A 110 -1.67 12.96 1.45
C TYR A 110 -1.49 14.48 1.65
N GLY A 111 -0.91 14.86 2.78
CA GLY A 111 -0.72 16.27 3.07
C GLY A 111 0.46 16.86 2.32
N ALA A 112 0.25 18.06 1.75
CA ALA A 112 1.30 18.74 1.00
C ALA A 112 2.20 19.56 1.92
N VAL A 113 1.86 19.59 3.20
CA VAL A 113 2.63 20.35 4.19
C VAL A 113 4.05 19.81 4.29
N LEU A 114 4.20 18.49 4.35
CA LEU A 114 5.51 17.87 4.44
C LEU A 114 5.71 16.89 3.29
N SER A 115 6.64 17.19 2.40
CA SER A 115 6.93 16.33 1.27
C SER A 115 8.43 16.07 1.13
N PRO A 116 8.84 14.80 1.10
CA PRO A 116 10.26 14.43 0.95
C PRO A 116 10.76 14.68 -0.47
N SER A 117 12.07 14.86 -0.62
CA SER A 117 12.67 15.11 -1.93
C SER A 117 12.46 13.92 -2.87
N GLU A 118 11.72 14.14 -3.95
CA GLU A 118 11.44 13.10 -4.93
C GLU A 118 11.59 13.63 -6.35
N LYS A 119 11.85 12.73 -7.29
CA LYS A 119 12.01 13.11 -8.68
C LYS A 119 10.68 12.91 -9.42
N SER A 120 10.59 13.45 -10.64
CA SER A 120 9.38 13.32 -11.43
C SER A 120 9.16 11.86 -11.85
N TYR A 121 7.97 11.34 -11.58
CA TYR A 121 7.64 9.95 -11.93
C TYR A 121 6.61 9.88 -13.05
N GLN A 122 6.29 11.04 -13.63
CA GLN A 122 5.32 11.11 -14.72
C GLN A 122 5.88 11.85 -15.91
N GLU A 123 5.43 11.49 -17.11
CA GLU A 123 5.89 12.12 -18.35
C GLU A 123 5.49 13.60 -18.39
N GLY A 124 4.28 13.89 -17.93
CA GLY A 124 3.80 15.26 -17.93
C GLY A 124 2.31 15.34 -17.70
N SER A 1 4.56 -14.19 -9.26
CA SER A 1 3.95 -15.55 -9.36
C SER A 1 2.43 -15.47 -9.30
N GLU A 2 1.92 -14.29 -8.93
CA GLU A 2 0.48 -14.03 -8.84
C GLU A 2 -0.22 -15.01 -7.89
N PHE A 3 0.39 -15.25 -6.73
CA PHE A 3 -0.19 -16.17 -5.74
C PHE A 3 -0.91 -15.39 -4.65
N GLY A 4 -2.05 -15.91 -4.19
CA GLY A 4 -2.82 -15.25 -3.15
C GLY A 4 -4.10 -15.98 -2.83
N SER A 5 -4.90 -15.43 -1.94
CA SER A 5 -6.17 -16.03 -1.56
C SER A 5 -7.32 -15.04 -1.77
N MET A 6 -8.49 -15.56 -2.12
CA MET A 6 -9.66 -14.72 -2.36
C MET A 6 -10.43 -14.46 -1.07
N ALA A 7 -9.85 -13.64 -0.19
CA ALA A 7 -10.47 -13.31 1.08
C ALA A 7 -10.00 -11.95 1.59
N GLY A 8 -10.84 -11.29 2.39
CA GLY A 8 -10.49 -9.99 2.94
C GLY A 8 -11.71 -9.13 3.19
N ASN A 9 -11.67 -8.34 4.27
CA ASN A 9 -12.78 -7.46 4.62
C ASN A 9 -12.28 -6.24 5.40
N CYS A 10 -12.41 -5.06 4.80
CA CYS A 10 -11.97 -3.83 5.44
C CYS A 10 -12.70 -2.63 4.85
N GLY A 11 -12.88 -1.59 5.67
CA GLY A 11 -13.58 -0.39 5.21
C GLY A 11 -12.76 0.44 4.21
N ALA A 12 -13.44 1.31 3.48
CA ALA A 12 -12.79 2.17 2.49
C ALA A 12 -12.22 3.45 3.11
N ARG A 13 -12.47 3.63 4.41
CA ARG A 13 -12.00 4.81 5.14
C ARG A 13 -12.67 6.10 4.64
N GLY A 14 -11.88 7.06 4.17
CA GLY A 14 -12.44 8.31 3.67
C GLY A 14 -12.66 9.34 4.76
N ALA A 15 -12.16 9.04 5.97
CA ALA A 15 -12.30 9.95 7.10
C ALA A 15 -11.00 10.70 7.38
N LEU A 16 -10.89 11.30 8.56
CA LEU A 16 -9.70 12.05 8.96
C LEU A 16 -8.49 11.12 8.99
N SER A 17 -7.36 11.59 8.46
CA SER A 17 -6.15 10.79 8.41
C SER A 17 -5.52 10.61 9.79
N ALA A 18 -5.66 9.40 10.33
CA ALA A 18 -5.07 9.06 11.63
C ALA A 18 -3.69 8.43 11.45
N HIS A 19 -3.36 8.13 10.20
CA HIS A 19 -2.09 7.49 9.87
C HIS A 19 -1.07 8.49 9.35
N THR A 20 -1.24 9.77 9.67
CA THR A 20 -0.29 10.78 9.20
C THR A 20 0.98 10.79 10.05
N LEU A 21 2.10 10.41 9.43
CA LEU A 21 3.41 10.38 10.11
C LEU A 21 4.55 10.52 9.08
N LEU A 22 5.77 10.72 9.59
CA LEU A 22 6.96 10.91 8.74
C LEU A 22 7.29 9.71 7.83
N PHE A 23 7.37 8.50 8.40
CA PHE A 23 7.72 7.32 7.59
C PHE A 23 6.47 6.62 7.07
N ASP A 24 5.43 6.62 7.88
CA ASP A 24 4.16 6.02 7.49
C ASP A 24 3.16 7.11 7.17
N LEU A 25 3.40 7.77 6.04
CA LEU A 25 2.56 8.87 5.55
C LEU A 25 1.07 8.54 5.65
N PRO A 26 0.19 9.59 5.66
CA PRO A 26 -1.28 9.47 5.77
C PRO A 26 -1.88 8.30 4.99
N PRO A 27 -3.16 7.96 5.28
CA PRO A 27 -3.89 6.85 4.64
C PRO A 27 -3.83 6.84 3.12
N ALA A 28 -3.29 7.89 2.51
CA ALA A 28 -3.19 7.96 1.07
C ALA A 28 -2.43 6.75 0.53
N LEU A 29 -1.41 6.30 1.27
CA LEU A 29 -0.65 5.13 0.83
C LEU A 29 -0.94 3.89 1.69
N LEU A 30 -0.34 3.81 2.88
CA LEU A 30 -0.50 2.66 3.76
C LEU A 30 -1.95 2.41 4.18
N GLY A 31 -2.65 3.45 4.62
CA GLY A 31 -4.03 3.27 5.08
C GLY A 31 -4.99 2.78 3.99
N GLU A 32 -4.99 3.46 2.85
CA GLU A 32 -5.87 3.11 1.73
C GLU A 32 -5.48 1.80 1.05
N LEU A 33 -4.19 1.61 0.81
CA LEU A 33 -3.73 0.40 0.14
C LEU A 33 -3.95 -0.86 0.98
N CYS A 34 -3.75 -0.77 2.29
CA CYS A 34 -3.95 -1.93 3.15
C CYS A 34 -5.43 -2.23 3.37
N ALA A 35 -6.26 -1.18 3.37
CA ALA A 35 -7.69 -1.34 3.61
C ALA A 35 -8.49 -1.67 2.34
N VAL A 36 -8.41 -0.78 1.35
CA VAL A 36 -9.16 -0.94 0.10
C VAL A 36 -8.74 -2.19 -0.68
N LEU A 37 -7.43 -2.44 -0.80
CA LEU A 37 -6.97 -3.59 -1.56
C LEU A 37 -7.25 -4.90 -0.81
N ASP A 38 -7.46 -4.80 0.50
CA ASP A 38 -7.75 -5.98 1.31
C ASP A 38 -9.05 -6.65 0.85
N SER A 39 -10.02 -5.82 0.46
CA SER A 39 -11.31 -6.32 0.00
C SER A 39 -11.27 -6.58 -1.52
N CYS A 40 -10.10 -6.37 -2.12
CA CYS A 40 -9.92 -6.55 -3.56
C CYS A 40 -10.05 -8.02 -3.94
N ASP A 41 -10.65 -8.26 -5.10
CA ASP A 41 -10.84 -9.62 -5.59
C ASP A 41 -10.39 -9.72 -7.06
N GLY A 42 -9.19 -9.25 -7.33
CA GLY A 42 -8.65 -9.29 -8.67
C GLY A 42 -8.91 -8.03 -9.48
N ALA A 43 -9.78 -7.16 -8.99
CA ALA A 43 -10.09 -5.91 -9.69
C ALA A 43 -8.86 -5.01 -9.77
N LEU A 44 -8.13 -4.94 -8.66
CA LEU A 44 -6.90 -4.15 -8.58
C LEU A 44 -5.71 -5.07 -8.35
N GLY A 45 -5.99 -6.18 -7.67
CA GLY A 45 -4.96 -7.15 -7.37
C GLY A 45 -4.18 -6.79 -6.12
N TRP A 46 -4.40 -7.54 -5.03
CA TRP A 46 -3.68 -7.29 -3.79
C TRP A 46 -2.15 -7.30 -4.04
N ARG A 47 -1.69 -8.29 -4.80
CA ARG A 47 -0.28 -8.40 -5.14
C ARG A 47 0.09 -7.56 -6.37
N GLY A 48 -0.89 -6.88 -6.96
CA GLY A 48 -0.61 -6.11 -8.16
C GLY A 48 0.45 -5.05 -7.96
N LEU A 49 0.32 -4.28 -6.88
CA LEU A 49 1.30 -3.24 -6.58
C LEU A 49 2.61 -3.85 -6.09
N ALA A 50 2.52 -4.88 -5.23
CA ALA A 50 3.70 -5.55 -4.71
C ALA A 50 4.53 -6.23 -5.80
N GLU A 51 3.83 -6.90 -6.72
CA GLU A 51 4.47 -7.60 -7.82
C GLU A 51 5.24 -6.64 -8.72
N ARG A 52 4.63 -5.49 -9.01
CA ARG A 52 5.26 -4.48 -9.86
C ARG A 52 6.46 -3.84 -9.15
N LEU A 53 6.29 -3.55 -7.86
CA LEU A 53 7.38 -2.96 -7.07
C LEU A 53 8.55 -3.93 -6.94
N SER A 54 8.23 -5.21 -6.73
CA SER A 54 9.24 -6.28 -6.59
C SER A 54 10.08 -6.14 -5.33
N SER A 55 9.94 -7.08 -4.41
CA SER A 55 10.71 -7.07 -3.17
C SER A 55 12.01 -7.86 -3.31
N SER A 56 12.20 -8.48 -4.48
CA SER A 56 13.39 -9.28 -4.78
C SER A 56 13.53 -10.44 -3.78
N TRP A 57 12.40 -11.03 -3.41
CA TRP A 57 12.37 -12.14 -2.47
C TRP A 57 11.07 -12.92 -2.62
N LEU A 58 10.88 -13.95 -1.80
CA LEU A 58 9.67 -14.76 -1.84
C LEU A 58 8.50 -14.04 -1.16
N ASP A 59 8.13 -12.89 -1.72
CA ASP A 59 7.05 -12.07 -1.20
C ASP A 59 5.70 -12.80 -1.24
N VAL A 60 5.48 -13.57 -2.31
CA VAL A 60 4.23 -14.30 -2.49
C VAL A 60 3.96 -15.30 -1.36
N ASP A 61 5.03 -15.75 -0.70
CA ASP A 61 4.89 -16.69 0.42
C ASP A 61 4.11 -16.02 1.55
N HIS A 62 4.47 -14.78 1.83
CA HIS A 62 3.82 -14.00 2.88
C HIS A 62 2.50 -13.40 2.41
N ILE A 63 2.34 -13.21 1.09
CA ILE A 63 1.12 -12.61 0.55
C ILE A 63 -0.12 -13.42 0.95
N GLU A 64 -0.03 -14.73 0.84
CA GLU A 64 -1.13 -15.59 1.25
C GLU A 64 -1.36 -15.53 2.76
N LYS A 65 -0.25 -15.45 3.51
CA LYS A 65 -0.28 -15.42 4.96
C LYS A 65 -0.97 -14.20 5.60
N GLU A 66 -0.63 -12.97 5.18
CA GLU A 66 -1.22 -11.79 5.81
C GLU A 66 -2.51 -11.33 5.11
N VAL A 67 -2.89 -11.96 4.00
CA VAL A 67 -4.10 -11.55 3.29
C VAL A 67 -5.33 -11.65 4.21
N ASP A 68 -5.31 -12.62 5.12
CA ASP A 68 -6.41 -12.80 6.07
C ASP A 68 -6.17 -11.96 7.33
N GLN A 69 -5.01 -11.33 7.39
CA GLN A 69 -4.63 -10.51 8.54
C GLN A 69 -4.75 -9.01 8.24
N GLY A 70 -5.54 -8.65 7.23
CA GLY A 70 -5.72 -7.26 6.89
C GLY A 70 -4.96 -6.80 5.65
N LYS A 71 -4.41 -7.77 4.87
CA LYS A 71 -3.68 -7.54 3.59
C LYS A 71 -2.20 -7.87 3.72
N SER A 72 -1.67 -8.45 2.66
CA SER A 72 -0.27 -8.81 2.59
C SER A 72 0.36 -8.27 1.32
N GLY A 73 -0.40 -8.26 0.24
CA GLY A 73 0.13 -7.75 -1.02
C GLY A 73 0.78 -6.40 -0.85
N THR A 74 0.00 -5.41 -0.44
CA THR A 74 0.54 -4.08 -0.22
C THR A 74 1.05 -3.88 1.20
N ARG A 75 0.28 -4.37 2.18
CA ARG A 75 0.62 -4.19 3.60
C ARG A 75 1.96 -4.84 3.98
N GLU A 76 2.17 -6.09 3.58
CA GLU A 76 3.39 -6.80 3.91
C GLU A 76 4.61 -6.12 3.32
N LEU A 77 4.51 -5.68 2.07
CA LEU A 77 5.62 -5.02 1.40
C LEU A 77 5.98 -3.69 2.07
N LEU A 78 4.95 -2.90 2.42
CA LEU A 78 5.17 -1.60 3.06
C LEU A 78 5.81 -1.78 4.44
N TRP A 79 5.38 -2.80 5.18
CA TRP A 79 5.89 -3.08 6.53
C TRP A 79 7.20 -3.87 6.50
N SER A 80 7.63 -4.30 5.32
CA SER A 80 8.87 -5.09 5.20
C SER A 80 10.10 -4.33 5.71
N TRP A 81 10.18 -3.03 5.44
CA TRP A 81 11.33 -2.25 5.89
C TRP A 81 11.13 -1.74 7.32
N ALA A 82 10.55 -0.55 7.45
CA ALA A 82 10.28 0.02 8.76
C ALA A 82 8.79 0.01 9.06
N GLN A 83 8.11 1.05 8.60
CA GLN A 83 6.66 1.16 8.76
C GLN A 83 6.03 1.07 7.37
N LYS A 84 6.45 1.98 6.49
CA LYS A 84 6.01 1.98 5.11
C LYS A 84 7.23 2.11 4.20
N ASN A 85 8.14 3.02 4.60
CA ASN A 85 9.40 3.30 3.89
C ASN A 85 9.17 3.52 2.40
N LYS A 86 8.03 4.11 2.08
CA LYS A 86 7.66 4.39 0.71
C LYS A 86 7.00 5.77 0.64
N THR A 87 6.83 6.30 -0.55
CA THR A 87 6.19 7.61 -0.69
C THR A 87 5.03 7.53 -1.68
N ILE A 88 4.12 8.50 -1.56
CA ILE A 88 2.95 8.56 -2.43
C ILE A 88 3.35 8.68 -3.90
N GLY A 89 4.35 9.51 -4.19
CA GLY A 89 4.81 9.68 -5.56
C GLY A 89 5.35 8.39 -6.16
N ASP A 90 6.09 7.63 -5.35
CA ASP A 90 6.66 6.35 -5.80
C ASP A 90 5.58 5.33 -6.14
N LEU A 91 4.57 5.22 -5.28
CA LEU A 91 3.48 4.27 -5.49
C LEU A 91 2.50 4.77 -6.54
N LEU A 92 2.45 6.09 -6.73
CA LEU A 92 1.54 6.70 -7.70
C LEU A 92 1.81 6.19 -9.11
N GLN A 93 3.08 6.06 -9.45
CA GLN A 93 3.47 5.57 -10.77
C GLN A 93 2.96 4.14 -10.99
N VAL A 94 3.08 3.33 -9.94
CA VAL A 94 2.63 1.94 -9.97
C VAL A 94 1.09 1.88 -9.99
N LEU A 95 0.47 2.77 -9.22
CA LEU A 95 -1.00 2.84 -9.13
C LEU A 95 -1.59 3.16 -10.49
N GLN A 96 -0.94 4.06 -11.22
CA GLN A 96 -1.40 4.48 -12.54
C GLN A 96 -1.34 3.30 -13.52
N GLU A 97 -0.28 2.49 -13.42
CA GLU A 97 -0.11 1.33 -14.29
C GLU A 97 -1.24 0.32 -14.10
N MET A 98 -1.53 -0.01 -12.84
CA MET A 98 -2.60 -0.96 -12.53
C MET A 98 -3.99 -0.37 -12.80
N GLY A 99 -4.16 0.91 -12.50
CA GLY A 99 -5.46 1.54 -12.71
C GLY A 99 -6.24 1.68 -11.42
N HIS A 100 -5.54 2.04 -10.35
CA HIS A 100 -6.16 2.19 -9.03
C HIS A 100 -6.91 3.53 -8.91
N ARG A 101 -8.14 3.55 -9.39
CA ARG A 101 -8.97 4.75 -9.34
C ARG A 101 -9.28 5.18 -7.91
N ARG A 102 -9.57 4.21 -7.04
CA ARG A 102 -9.87 4.50 -5.64
C ARG A 102 -8.66 5.11 -4.94
N ALA A 103 -7.48 4.58 -5.24
CA ALA A 103 -6.24 5.07 -4.65
C ALA A 103 -6.02 6.52 -5.01
N ILE A 104 -6.35 6.88 -6.26
CA ILE A 104 -6.20 8.26 -6.74
C ILE A 104 -7.10 9.20 -5.94
N HIS A 105 -8.33 8.76 -5.70
CA HIS A 105 -9.30 9.56 -4.95
C HIS A 105 -8.81 9.84 -3.51
N LEU A 106 -8.36 8.80 -2.82
CA LEU A 106 -7.89 8.94 -1.44
C LEU A 106 -6.47 9.49 -1.33
N ILE A 107 -5.68 9.36 -2.39
CA ILE A 107 -4.30 9.85 -2.40
C ILE A 107 -4.25 11.37 -2.21
N THR A 108 -5.36 12.03 -2.51
CA THR A 108 -5.49 13.48 -2.39
C THR A 108 -5.34 13.94 -0.92
N ASN A 109 -5.41 12.99 0.01
CA ASN A 109 -5.28 13.30 1.44
C ASN A 109 -3.86 13.71 1.79
N TYR A 110 -2.88 13.25 1.02
CA TYR A 110 -1.48 13.59 1.26
C TYR A 110 -1.22 15.05 0.88
N GLY A 111 -0.64 15.81 1.81
CA GLY A 111 -0.36 17.22 1.55
C GLY A 111 0.67 17.79 2.50
N ALA A 112 1.88 17.24 2.45
CA ALA A 112 2.96 17.70 3.32
C ALA A 112 4.30 17.58 2.61
N VAL A 113 5.26 18.43 2.98
CA VAL A 113 6.58 18.40 2.37
C VAL A 113 7.53 17.56 3.22
N LEU A 114 7.65 16.29 2.86
CA LEU A 114 8.53 15.36 3.56
C LEU A 114 9.39 14.61 2.55
N SER A 115 10.53 14.08 3.01
CA SER A 115 11.41 13.34 2.12
C SER A 115 11.79 11.97 2.71
N PRO A 116 10.81 11.04 2.82
CA PRO A 116 11.05 9.69 3.35
C PRO A 116 11.95 8.86 2.43
N SER A 117 12.63 7.87 3.00
CA SER A 117 13.52 7.01 2.22
C SER A 117 12.72 6.24 1.17
N GLU A 118 13.31 6.04 0.00
CA GLU A 118 12.64 5.33 -1.08
C GLU A 118 13.46 4.14 -1.56
N LYS A 119 12.81 3.01 -1.75
CA LYS A 119 13.48 1.80 -2.23
C LYS A 119 12.77 1.24 -3.46
N SER A 120 13.52 0.93 -4.51
CA SER A 120 12.94 0.39 -5.73
C SER A 120 13.80 -0.77 -6.26
N TYR A 121 13.14 -1.82 -6.74
CA TYR A 121 13.85 -2.96 -7.29
C TYR A 121 13.39 -3.28 -8.70
N GLN A 122 12.06 -3.42 -8.87
CA GLN A 122 11.45 -3.71 -10.16
C GLN A 122 12.03 -5.00 -10.78
N GLU A 123 12.02 -5.09 -12.10
CA GLU A 123 12.55 -6.26 -12.80
C GLU A 123 14.06 -6.41 -12.55
N GLY A 124 14.76 -5.29 -12.54
CA GLY A 124 16.19 -5.32 -12.32
C GLY A 124 16.87 -4.05 -12.83
N SER A 1 4.35 8.42 30.66
CA SER A 1 3.40 9.13 31.56
C SER A 1 1.96 8.91 31.12
N GLU A 2 1.80 8.20 30.01
CA GLU A 2 0.47 7.91 29.47
C GLU A 2 0.48 6.57 28.74
N PHE A 3 -0.71 5.99 28.56
CA PHE A 3 -0.84 4.72 27.87
C PHE A 3 -1.83 4.82 26.72
N GLY A 4 -1.60 4.07 25.66
CA GLY A 4 -2.48 4.10 24.51
C GLY A 4 -2.06 3.10 23.45
N SER A 5 -2.83 3.06 22.36
CA SER A 5 -2.53 2.14 21.26
C SER A 5 -2.51 2.89 19.93
N MET A 6 -1.70 2.40 18.99
CA MET A 6 -1.58 3.02 17.69
C MET A 6 -2.09 2.08 16.60
N ALA A 7 -2.79 2.65 15.61
CA ALA A 7 -3.35 1.89 14.50
C ALA A 7 -4.30 0.79 15.00
N GLY A 8 -4.24 -0.38 14.37
CA GLY A 8 -5.10 -1.49 14.78
C GLY A 8 -6.49 -1.41 14.15
N ASN A 9 -6.71 -0.39 13.32
CA ASN A 9 -7.98 -0.20 12.65
C ASN A 9 -7.78 0.60 11.37
N CYS A 10 -8.80 0.61 10.52
CA CYS A 10 -8.73 1.35 9.25
C CYS A 10 -8.95 2.83 9.48
N GLY A 11 -8.50 3.65 8.53
CA GLY A 11 -8.66 5.09 8.63
C GLY A 11 -9.92 5.59 7.96
N ALA A 12 -10.02 6.90 7.79
CA ALA A 12 -11.18 7.53 7.16
C ALA A 12 -11.34 7.07 5.71
N ARG A 13 -10.20 6.94 5.00
CA ARG A 13 -10.18 6.50 3.60
C ARG A 13 -11.00 7.44 2.71
N GLY A 14 -10.89 8.73 2.98
CA GLY A 14 -11.63 9.71 2.20
C GLY A 14 -10.89 11.03 2.09
N ALA A 15 -11.61 12.13 2.33
CA ALA A 15 -11.02 13.46 2.27
C ALA A 15 -9.91 13.64 3.30
N LEU A 16 -10.12 13.09 4.49
CA LEU A 16 -9.14 13.19 5.57
C LEU A 16 -8.27 11.93 5.65
N SER A 17 -6.98 12.13 5.87
CA SER A 17 -6.04 11.02 5.96
C SER A 17 -5.70 10.73 7.43
N ALA A 18 -6.14 9.58 7.92
CA ALA A 18 -5.89 9.17 9.31
C ALA A 18 -4.59 8.39 9.42
N HIS A 19 -4.01 8.05 8.28
CA HIS A 19 -2.76 7.29 8.23
C HIS A 19 -1.58 8.19 7.87
N THR A 20 -1.74 9.50 8.10
CA THR A 20 -0.68 10.46 7.77
C THR A 20 0.54 10.31 8.69
N LEU A 21 1.69 10.02 8.07
CA LEU A 21 2.96 9.88 8.79
C LEU A 21 4.11 9.88 7.79
N LEU A 22 5.35 9.82 8.28
CA LEU A 22 6.52 9.84 7.39
C LEU A 22 6.81 8.46 6.78
N PHE A 23 7.02 7.46 7.63
CA PHE A 23 7.31 6.10 7.15
C PHE A 23 6.05 5.45 6.58
N ASP A 24 4.93 5.77 7.21
CA ASP A 24 3.63 5.26 6.79
C ASP A 24 2.78 6.39 6.25
N LEU A 25 3.15 6.88 5.07
CA LEU A 25 2.45 7.98 4.39
C LEU A 25 0.93 7.74 4.37
N PRO A 26 0.14 8.85 4.21
CA PRO A 26 -1.34 8.83 4.16
C PRO A 26 -1.94 7.63 3.42
N PRO A 27 -3.28 7.39 3.60
CA PRO A 27 -4.01 6.28 2.98
C PRO A 27 -3.79 6.14 1.48
N ALA A 28 -3.16 7.12 0.85
CA ALA A 28 -2.91 7.07 -0.58
C ALA A 28 -2.15 5.79 -0.94
N LEU A 29 -1.24 5.35 -0.08
CA LEU A 29 -0.48 4.13 -0.35
C LEU A 29 -0.90 2.96 0.54
N LEU A 30 -0.43 2.94 1.78
CA LEU A 30 -0.74 1.83 2.71
C LEU A 30 -2.23 1.70 3.00
N GLY A 31 -2.90 2.81 3.34
CA GLY A 31 -4.32 2.75 3.68
C GLY A 31 -5.21 2.21 2.57
N GLU A 32 -5.11 2.77 1.38
CA GLU A 32 -5.93 2.36 0.24
C GLU A 32 -5.52 1.00 -0.33
N LEU A 33 -4.22 0.77 -0.47
CA LEU A 33 -3.75 -0.49 -1.05
C LEU A 33 -4.03 -1.69 -0.15
N CYS A 34 -3.89 -1.55 1.17
CA CYS A 34 -4.15 -2.68 2.06
C CYS A 34 -5.64 -2.94 2.26
N ALA A 35 -6.45 -1.89 2.23
CA ALA A 35 -7.89 -2.03 2.44
C ALA A 35 -8.67 -2.36 1.16
N VAL A 36 -8.53 -1.51 0.15
CA VAL A 36 -9.26 -1.69 -1.12
C VAL A 36 -8.84 -2.96 -1.86
N LEU A 37 -7.54 -3.22 -1.95
CA LEU A 37 -7.05 -4.39 -2.67
C LEU A 37 -7.32 -5.67 -1.89
N ASP A 38 -7.58 -5.54 -0.59
CA ASP A 38 -7.88 -6.70 0.25
C ASP A 38 -9.10 -7.45 -0.27
N SER A 39 -10.08 -6.69 -0.77
CA SER A 39 -11.32 -7.27 -1.30
C SER A 39 -11.15 -7.69 -2.77
N CYS A 40 -9.92 -7.57 -3.29
CA CYS A 40 -9.63 -7.92 -4.67
C CYS A 40 -9.88 -9.40 -4.95
N ASP A 41 -10.40 -9.67 -6.13
CA ASP A 41 -10.71 -11.04 -6.55
C ASP A 41 -10.18 -11.27 -7.96
N GLY A 42 -8.94 -10.85 -8.19
CA GLY A 42 -8.31 -11.01 -9.48
C GLY A 42 -8.46 -9.81 -10.40
N ALA A 43 -9.34 -8.87 -10.01
CA ALA A 43 -9.57 -7.66 -10.81
C ALA A 43 -8.30 -6.80 -10.88
N LEU A 44 -7.62 -6.66 -9.75
CA LEU A 44 -6.38 -5.89 -9.68
C LEU A 44 -5.21 -6.80 -9.32
N GLY A 45 -5.55 -7.92 -8.68
CA GLY A 45 -4.54 -8.87 -8.26
C GLY A 45 -3.86 -8.44 -6.97
N TRP A 46 -4.13 -9.15 -5.87
CA TRP A 46 -3.50 -8.82 -4.59
C TRP A 46 -1.97 -8.76 -4.74
N ARG A 47 -1.40 -9.78 -5.39
CA ARG A 47 0.04 -9.85 -5.64
C ARG A 47 0.42 -9.06 -6.89
N GLY A 48 -0.54 -8.40 -7.53
CA GLY A 48 -0.26 -7.68 -8.76
C GLY A 48 0.83 -6.63 -8.58
N LEU A 49 0.86 -5.98 -7.44
CA LEU A 49 1.87 -4.97 -7.16
C LEU A 49 3.17 -5.61 -6.67
N ALA A 50 3.04 -6.58 -5.75
CA ALA A 50 4.20 -7.30 -5.22
C ALA A 50 4.96 -8.06 -6.31
N GLU A 51 4.20 -8.63 -7.24
CA GLU A 51 4.75 -9.40 -8.33
C GLU A 51 5.70 -8.57 -9.20
N ARG A 52 5.29 -7.32 -9.49
CA ARG A 52 6.11 -6.42 -10.29
C ARG A 52 7.42 -6.07 -9.59
N LEU A 53 7.35 -5.89 -8.27
CA LEU A 53 8.55 -5.57 -7.50
C LEU A 53 9.51 -6.77 -7.52
N SER A 54 8.95 -7.98 -7.46
CA SER A 54 9.73 -9.23 -7.50
C SER A 54 10.64 -9.38 -6.29
N SER A 55 10.03 -9.56 -5.12
CA SER A 55 10.78 -9.75 -3.88
C SER A 55 11.57 -11.06 -3.90
N SER A 56 12.65 -11.10 -3.12
CA SER A 56 13.51 -12.28 -3.06
C SER A 56 12.80 -13.47 -2.41
N TRP A 57 13.22 -14.68 -2.79
CA TRP A 57 12.66 -15.94 -2.28
C TRP A 57 11.21 -16.14 -2.73
N LEU A 58 10.50 -17.02 -2.05
CA LEU A 58 9.11 -17.31 -2.40
C LEU A 58 8.14 -16.54 -1.49
N ASP A 59 8.07 -15.23 -1.71
CA ASP A 59 7.19 -14.36 -0.92
C ASP A 59 5.72 -14.61 -1.26
N VAL A 60 5.48 -15.22 -2.42
CA VAL A 60 4.12 -15.50 -2.87
C VAL A 60 3.37 -16.43 -1.92
N ASP A 61 4.10 -17.32 -1.24
CA ASP A 61 3.49 -18.24 -0.29
C ASP A 61 2.88 -17.47 0.87
N HIS A 62 3.59 -16.44 1.32
CA HIS A 62 3.13 -15.60 2.42
C HIS A 62 2.02 -14.67 1.94
N ILE A 63 2.01 -14.36 0.64
CA ILE A 63 0.99 -13.49 0.06
C ILE A 63 -0.40 -14.10 0.27
N GLU A 64 -0.50 -15.40 0.04
CA GLU A 64 -1.75 -16.12 0.24
C GLU A 64 -2.13 -16.18 1.72
N LYS A 65 -1.13 -16.31 2.57
CA LYS A 65 -1.33 -16.42 4.02
C LYS A 65 -1.98 -15.19 4.67
N GLU A 66 -1.47 -13.98 4.40
CA GLU A 66 -2.05 -12.78 5.02
C GLU A 66 -3.18 -12.15 4.20
N VAL A 67 -3.47 -12.68 3.01
CA VAL A 67 -4.53 -12.11 2.18
C VAL A 67 -5.87 -12.08 2.93
N ASP A 68 -6.10 -13.07 3.79
CA ASP A 68 -7.31 -13.14 4.60
C ASP A 68 -7.13 -12.41 5.93
N GLN A 69 -5.91 -11.94 6.16
CA GLN A 69 -5.56 -11.23 7.40
C GLN A 69 -5.42 -9.73 7.19
N GLY A 70 -6.03 -9.21 6.13
CA GLY A 70 -5.93 -7.78 5.86
C GLY A 70 -4.98 -7.42 4.73
N LYS A 71 -4.72 -8.40 3.84
CA LYS A 71 -3.87 -8.22 2.65
C LYS A 71 -2.42 -8.62 2.91
N SER A 72 -1.82 -9.24 1.90
CA SER A 72 -0.44 -9.67 1.96
C SER A 72 0.28 -9.25 0.68
N GLY A 73 -0.45 -9.17 -0.43
CA GLY A 73 0.17 -8.78 -1.68
C GLY A 73 0.81 -7.41 -1.59
N THR A 74 0.05 -6.42 -1.18
CA THR A 74 0.58 -5.08 -1.04
C THR A 74 1.10 -4.82 0.37
N ARG A 75 0.33 -5.27 1.37
CA ARG A 75 0.66 -5.05 2.77
C ARG A 75 2.00 -5.67 3.15
N GLU A 76 2.23 -6.92 2.77
CA GLU A 76 3.49 -7.60 3.11
C GLU A 76 4.67 -6.89 2.46
N LEU A 77 4.49 -6.46 1.22
CA LEU A 77 5.53 -5.77 0.48
C LEU A 77 5.93 -4.47 1.18
N LEU A 78 4.93 -3.70 1.59
CA LEU A 78 5.16 -2.43 2.27
C LEU A 78 5.68 -2.67 3.71
N TRP A 79 5.12 -3.69 4.36
CA TRP A 79 5.48 -4.05 5.74
C TRP A 79 6.83 -4.75 5.85
N SER A 80 7.46 -5.07 4.72
CA SER A 80 8.73 -5.79 4.71
C SER A 80 9.83 -5.04 5.47
N TRP A 81 9.90 -3.72 5.34
CA TRP A 81 10.92 -2.95 6.05
C TRP A 81 10.43 -2.58 7.46
N ALA A 82 9.78 -1.43 7.57
CA ALA A 82 9.24 -0.97 8.86
C ALA A 82 7.72 -1.09 8.83
N GLN A 83 7.07 -0.05 8.32
CA GLN A 83 5.61 -0.05 8.17
C GLN A 83 5.29 -0.07 6.69
N LYS A 84 5.84 0.92 5.96
CA LYS A 84 5.69 0.97 4.51
C LYS A 84 7.04 1.24 3.86
N ASN A 85 7.78 2.20 4.45
CA ASN A 85 9.13 2.58 3.98
C ASN A 85 9.17 2.80 2.47
N LYS A 86 8.09 3.33 1.92
CA LYS A 86 7.99 3.56 0.49
C LYS A 86 7.33 4.91 0.24
N THR A 87 7.39 5.39 -0.99
CA THR A 87 6.76 6.65 -1.31
C THR A 87 5.65 6.46 -2.33
N ILE A 88 4.72 7.40 -2.37
CA ILE A 88 3.59 7.36 -3.28
C ILE A 88 4.04 7.30 -4.74
N GLY A 89 5.08 8.07 -5.07
CA GLY A 89 5.59 8.09 -6.44
C GLY A 89 6.13 6.74 -6.89
N ASP A 90 6.83 6.04 -5.99
CA ASP A 90 7.40 4.73 -6.29
C ASP A 90 6.34 3.68 -6.60
N LEU A 91 5.25 3.70 -5.82
CA LEU A 91 4.17 2.74 -6.01
C LEU A 91 3.24 3.19 -7.14
N LEU A 92 3.21 4.48 -7.41
CA LEU A 92 2.36 5.05 -8.47
C LEU A 92 2.70 4.44 -9.82
N GLN A 93 3.99 4.28 -10.09
CA GLN A 93 4.45 3.71 -11.34
C GLN A 93 3.96 2.27 -11.49
N VAL A 94 4.01 1.52 -10.38
CA VAL A 94 3.55 0.14 -10.35
C VAL A 94 2.04 0.08 -10.56
N LEU A 95 1.34 1.00 -9.90
CA LEU A 95 -0.12 1.09 -9.98
C LEU A 95 -0.57 1.36 -11.41
N GLN A 96 0.16 2.24 -12.10
CA GLN A 96 -0.15 2.60 -13.48
C GLN A 96 0.03 1.40 -14.42
N GLU A 97 1.08 0.61 -14.17
CA GLU A 97 1.36 -0.57 -15.01
C GLU A 97 0.22 -1.58 -14.94
N MET A 98 -0.23 -1.91 -13.74
CA MET A 98 -1.31 -2.86 -13.56
C MET A 98 -2.66 -2.26 -13.97
N GLY A 99 -2.87 -1.00 -13.63
CA GLY A 99 -4.13 -0.34 -13.96
C GLY A 99 -5.04 -0.16 -12.77
N HIS A 100 -4.46 0.21 -11.62
CA HIS A 100 -5.24 0.42 -10.40
C HIS A 100 -5.93 1.78 -10.43
N ARG A 101 -7.14 1.81 -11.01
CA ARG A 101 -7.92 3.04 -11.12
C ARG A 101 -8.29 3.64 -9.77
N ARG A 102 -8.71 2.80 -8.82
CA ARG A 102 -9.09 3.27 -7.49
C ARG A 102 -7.90 3.91 -6.77
N ALA A 103 -6.75 3.26 -6.92
CA ALA A 103 -5.52 3.74 -6.29
C ALA A 103 -5.16 5.13 -6.81
N ILE A 104 -5.39 5.35 -8.10
CA ILE A 104 -5.10 6.64 -8.72
C ILE A 104 -5.94 7.75 -8.08
N HIS A 105 -7.22 7.48 -7.84
CA HIS A 105 -8.12 8.46 -7.23
C HIS A 105 -7.70 8.78 -5.79
N LEU A 106 -7.29 7.75 -5.04
CA LEU A 106 -6.89 7.94 -3.64
C LEU A 106 -5.45 8.46 -3.52
N ILE A 107 -4.63 8.24 -4.55
CA ILE A 107 -3.24 8.70 -4.53
C ILE A 107 -3.14 10.23 -4.47
N THR A 108 -4.22 10.89 -4.88
CA THR A 108 -4.27 12.36 -4.87
C THR A 108 -4.44 12.91 -3.46
N ASN A 109 -4.71 12.05 -2.49
CA ASN A 109 -4.92 12.47 -1.11
C ASN A 109 -3.59 12.49 -0.33
N TYR A 110 -2.49 12.24 -1.01
CA TYR A 110 -1.16 12.25 -0.39
C TYR A 110 -0.85 13.62 0.20
N GLY A 111 -1.05 14.67 -0.60
CA GLY A 111 -0.78 16.02 -0.13
C GLY A 111 -0.50 16.98 -1.26
N ALA A 112 -0.26 18.24 -0.91
CA ALA A 112 0.02 19.27 -1.91
C ALA A 112 1.52 19.50 -2.05
N VAL A 113 2.31 18.71 -1.34
CA VAL A 113 3.76 18.83 -1.37
C VAL A 113 4.42 17.49 -1.70
N LEU A 114 5.65 17.56 -2.22
CA LEU A 114 6.41 16.36 -2.59
C LEU A 114 6.73 15.47 -1.39
N SER A 115 7.09 16.10 -0.27
CA SER A 115 7.42 15.35 0.94
C SER A 115 6.72 15.93 2.16
N PRO A 116 6.37 15.08 3.15
CA PRO A 116 5.70 15.51 4.37
C PRO A 116 6.64 16.16 5.37
N SER A 117 7.15 17.34 5.03
CA SER A 117 8.06 18.06 5.90
C SER A 117 7.36 19.26 6.54
N GLU A 118 7.61 19.47 7.82
CA GLU A 118 7.00 20.58 8.56
C GLU A 118 8.07 21.41 9.26
N LYS A 119 7.81 22.70 9.40
CA LYS A 119 8.75 23.59 10.07
C LYS A 119 8.72 23.38 11.58
N SER A 120 9.89 23.50 12.21
CA SER A 120 9.99 23.32 13.66
C SER A 120 10.58 24.55 14.31
N TYR A 121 10.14 24.86 15.53
CA TYR A 121 10.62 26.02 16.25
C TYR A 121 11.56 25.61 17.38
N GLN A 122 12.76 25.16 17.00
CA GLN A 122 13.79 24.71 17.95
C GLN A 122 13.28 23.54 18.82
N GLU A 123 12.74 23.86 20.01
CA GLU A 123 12.23 22.84 20.91
C GLU A 123 10.76 22.55 20.65
N GLY A 124 10.13 23.38 19.83
CA GLY A 124 8.71 23.18 19.52
C GLY A 124 8.49 22.48 18.21
N SER A 1 -0.41 -23.85 8.14
CA SER A 1 0.38 -22.64 7.80
C SER A 1 0.06 -21.48 8.73
N GLU A 2 -0.95 -21.71 9.60
CA GLU A 2 -1.39 -20.71 10.58
C GLU A 2 -1.82 -19.40 9.91
N PHE A 3 -2.73 -19.49 8.95
CA PHE A 3 -3.24 -18.31 8.24
C PHE A 3 -3.99 -17.38 9.18
N GLY A 4 -4.76 -17.96 10.10
CA GLY A 4 -5.52 -17.15 11.05
C GLY A 4 -6.90 -16.80 10.54
N SER A 5 -6.94 -16.17 9.36
CA SER A 5 -8.19 -15.76 8.73
C SER A 5 -8.99 -14.78 9.60
N MET A 6 -8.28 -13.84 10.22
CA MET A 6 -8.92 -12.85 11.09
C MET A 6 -8.65 -11.44 10.57
N ALA A 7 -9.69 -10.62 10.54
CA ALA A 7 -9.57 -9.24 10.06
C ALA A 7 -10.57 -8.34 10.77
N GLY A 8 -10.25 -7.05 10.82
CA GLY A 8 -11.13 -6.09 11.47
C GLY A 8 -10.66 -4.67 11.26
N ASN A 9 -11.46 -3.71 11.76
CA ASN A 9 -11.15 -2.28 11.64
C ASN A 9 -10.91 -1.88 10.18
N CYS A 10 -11.77 -2.36 9.29
CA CYS A 10 -11.66 -2.06 7.88
C CYS A 10 -12.89 -1.32 7.37
N GLY A 11 -12.70 -0.44 6.39
CA GLY A 11 -13.80 0.32 5.85
C GLY A 11 -14.00 1.66 6.54
N ALA A 12 -13.29 1.87 7.64
CA ALA A 12 -13.39 3.11 8.40
C ALA A 12 -12.23 4.05 8.09
N ARG A 13 -11.94 4.20 6.80
CA ARG A 13 -10.85 5.07 6.35
C ARG A 13 -11.12 6.52 6.75
N GLY A 14 -12.34 6.99 6.51
CA GLY A 14 -12.71 8.35 6.88
C GLY A 14 -12.44 9.36 5.78
N ALA A 15 -13.21 10.45 5.78
CA ALA A 15 -13.04 11.52 4.81
C ALA A 15 -11.69 12.20 4.97
N LEU A 16 -11.30 12.41 6.23
CA LEU A 16 -10.02 13.04 6.56
C LEU A 16 -8.99 11.97 6.85
N SER A 17 -7.73 12.26 6.55
CA SER A 17 -6.66 11.30 6.78
C SER A 17 -6.36 11.13 8.27
N ALA A 18 -6.76 9.98 8.81
CA ALA A 18 -6.53 9.66 10.21
C ALA A 18 -5.23 8.88 10.39
N HIS A 19 -4.64 8.48 9.27
CA HIS A 19 -3.42 7.69 9.27
C HIS A 19 -2.21 8.54 8.91
N THR A 20 -2.31 9.85 9.08
CA THR A 20 -1.22 10.76 8.75
C THR A 20 -0.12 10.77 9.83
N LEU A 21 1.10 10.38 9.42
CA LEU A 21 2.25 10.36 10.32
C LEU A 21 3.54 10.53 9.52
N LEU A 22 4.66 10.71 10.22
CA LEU A 22 5.97 10.91 9.57
C LEU A 22 6.43 9.70 8.76
N PHE A 23 6.40 8.51 9.37
CA PHE A 23 6.84 7.29 8.66
C PHE A 23 5.67 6.61 7.96
N ASP A 24 4.51 6.67 8.59
CA ASP A 24 3.30 6.10 8.05
C ASP A 24 2.42 7.19 7.47
N LEU A 25 2.85 7.74 6.33
CA LEU A 25 2.13 8.80 5.64
C LEU A 25 0.63 8.51 5.54
N PRO A 26 -0.20 9.58 5.36
CA PRO A 26 -1.66 9.49 5.27
C PRO A 26 -2.19 8.29 4.48
N PRO A 27 -3.51 7.99 4.64
CA PRO A 27 -4.16 6.85 3.97
C PRO A 27 -4.00 6.84 2.46
N ALA A 28 -3.43 7.90 1.89
CA ALA A 28 -3.20 7.97 0.47
C ALA A 28 -2.38 6.77 0.01
N LEU A 29 -1.45 6.32 0.87
CA LEU A 29 -0.63 5.16 0.55
C LEU A 29 -1.06 3.92 1.34
N LEU A 30 -0.65 3.85 2.61
CA LEU A 30 -0.95 2.69 3.45
C LEU A 30 -2.45 2.48 3.69
N GLY A 31 -3.16 3.56 4.01
CA GLY A 31 -4.59 3.43 4.31
C GLY A 31 -5.43 2.87 3.17
N GLU A 32 -5.34 3.50 2.00
CA GLU A 32 -6.11 3.08 0.85
C GLU A 32 -5.61 1.78 0.22
N LEU A 33 -4.29 1.63 0.09
CA LEU A 33 -3.74 0.44 -0.53
C LEU A 33 -3.95 -0.83 0.29
N CYS A 34 -3.86 -0.73 1.62
CA CYS A 34 -4.06 -1.93 2.45
C CYS A 34 -5.55 -2.26 2.63
N ALA A 35 -6.40 -1.24 2.65
CA ALA A 35 -7.83 -1.45 2.84
C ALA A 35 -8.58 -1.76 1.53
N VAL A 36 -8.45 -0.87 0.55
CA VAL A 36 -9.14 -1.02 -0.73
C VAL A 36 -8.65 -2.26 -1.51
N LEU A 37 -7.34 -2.46 -1.57
CA LEU A 37 -6.79 -3.60 -2.31
C LEU A 37 -7.05 -4.92 -1.57
N ASP A 38 -7.32 -4.83 -0.27
CA ASP A 38 -7.60 -6.02 0.54
C ASP A 38 -8.83 -6.76 0.02
N SER A 39 -9.82 -6.00 -0.46
CA SER A 39 -11.05 -6.58 -0.99
C SER A 39 -10.89 -6.93 -2.48
N CYS A 40 -9.68 -6.75 -2.99
CA CYS A 40 -9.38 -7.04 -4.39
C CYS A 40 -9.53 -8.53 -4.71
N ASP A 41 -10.05 -8.81 -5.88
CA ASP A 41 -10.27 -10.18 -6.34
C ASP A 41 -9.68 -10.37 -7.72
N GLY A 42 -8.48 -9.85 -7.92
CA GLY A 42 -7.81 -9.96 -9.20
C GLY A 42 -8.04 -8.77 -10.12
N ALA A 43 -9.01 -7.92 -9.77
CA ALA A 43 -9.31 -6.73 -10.57
C ALA A 43 -8.13 -5.76 -10.60
N LEU A 44 -7.52 -5.56 -9.45
CA LEU A 44 -6.35 -4.68 -9.34
C LEU A 44 -5.11 -5.50 -9.02
N GLY A 45 -5.35 -6.67 -8.43
CA GLY A 45 -4.27 -7.56 -8.06
C GLY A 45 -3.61 -7.10 -6.76
N TRP A 46 -3.80 -7.86 -5.68
CA TRP A 46 -3.18 -7.51 -4.40
C TRP A 46 -1.66 -7.32 -4.57
N ARG A 47 -1.02 -8.27 -5.24
CA ARG A 47 0.42 -8.21 -5.51
C ARG A 47 0.70 -7.38 -6.76
N GLY A 48 -0.33 -6.84 -7.40
CA GLY A 48 -0.15 -6.08 -8.62
C GLY A 48 0.79 -4.90 -8.45
N LEU A 49 0.65 -4.17 -7.36
CA LEU A 49 1.52 -3.03 -7.10
C LEU A 49 2.86 -3.49 -6.53
N ALA A 50 2.81 -4.45 -5.61
CA ALA A 50 4.02 -4.98 -4.97
C ALA A 50 4.96 -5.67 -5.96
N GLU A 51 4.38 -6.44 -6.87
CA GLU A 51 5.14 -7.20 -7.86
C GLU A 51 5.97 -6.26 -8.74
N ARG A 52 5.34 -5.19 -9.23
CA ARG A 52 6.03 -4.21 -10.07
C ARG A 52 7.09 -3.44 -9.31
N LEU A 53 6.79 -3.09 -8.06
CA LEU A 53 7.72 -2.33 -7.22
C LEU A 53 8.99 -3.13 -6.91
N SER A 54 8.84 -4.41 -6.58
CA SER A 54 9.99 -5.25 -6.26
C SER A 54 9.70 -6.72 -6.52
N SER A 55 10.70 -7.43 -7.02
CA SER A 55 10.55 -8.86 -7.30
C SER A 55 11.55 -9.67 -6.51
N SER A 56 11.10 -10.79 -5.95
CA SER A 56 11.96 -11.65 -5.15
C SER A 56 11.40 -13.07 -5.13
N TRP A 57 12.27 -14.05 -4.93
CA TRP A 57 11.85 -15.45 -4.90
C TRP A 57 11.06 -15.75 -3.63
N LEU A 58 9.96 -16.50 -3.80
CA LEU A 58 9.07 -16.87 -2.69
C LEU A 58 8.39 -15.67 -2.05
N ASP A 59 8.44 -14.53 -2.74
CA ASP A 59 7.83 -13.29 -2.23
C ASP A 59 6.31 -13.42 -2.15
N VAL A 60 5.73 -14.09 -3.13
CA VAL A 60 4.29 -14.28 -3.19
C VAL A 60 3.78 -15.21 -2.09
N ASP A 61 4.70 -15.99 -1.49
CA ASP A 61 4.33 -16.94 -0.44
C ASP A 61 3.70 -16.23 0.75
N HIS A 62 4.35 -15.16 1.20
CA HIS A 62 3.83 -14.40 2.33
C HIS A 62 2.68 -13.49 1.90
N ILE A 63 2.60 -13.18 0.60
CA ILE A 63 1.54 -12.34 0.07
C ILE A 63 0.18 -12.99 0.31
N GLU A 64 0.13 -14.30 0.07
CA GLU A 64 -1.09 -15.06 0.28
C GLU A 64 -1.42 -15.16 1.78
N LYS A 65 -0.36 -15.23 2.59
CA LYS A 65 -0.51 -15.38 4.05
C LYS A 65 -1.22 -14.20 4.74
N GLU A 66 -0.83 -12.95 4.46
CA GLU A 66 -1.47 -11.81 5.13
C GLU A 66 -2.68 -11.28 4.37
N VAL A 67 -2.97 -11.84 3.18
CA VAL A 67 -4.12 -11.37 2.40
C VAL A 67 -5.43 -11.48 3.20
N ASP A 68 -5.52 -12.50 4.05
CA ASP A 68 -6.71 -12.69 4.89
C ASP A 68 -6.56 -11.94 6.22
N GLN A 69 -5.38 -11.34 6.42
CA GLN A 69 -5.06 -10.61 7.64
C GLN A 69 -5.04 -9.10 7.41
N GLY A 70 -5.72 -8.64 6.36
CA GLY A 70 -5.75 -7.21 6.09
C GLY A 70 -4.88 -6.77 4.92
N LYS A 71 -4.41 -7.75 4.11
CA LYS A 71 -3.60 -7.53 2.90
C LYS A 71 -2.11 -7.81 3.14
N SER A 72 -1.47 -8.35 2.12
CA SER A 72 -0.04 -8.66 2.16
C SER A 72 0.65 -8.10 0.92
N GLY A 73 -0.06 -8.05 -0.20
CA GLY A 73 0.54 -7.53 -1.40
C GLY A 73 1.11 -6.14 -1.18
N THR A 74 0.25 -5.19 -0.86
CA THR A 74 0.68 -3.83 -0.61
C THR A 74 1.05 -3.60 0.86
N ARG A 75 0.26 -4.18 1.77
CA ARG A 75 0.48 -4.00 3.21
C ARG A 75 1.83 -4.55 3.68
N GLU A 76 2.15 -5.78 3.28
CA GLU A 76 3.40 -6.42 3.67
C GLU A 76 4.60 -5.65 3.12
N LEU A 77 4.46 -5.18 1.88
CA LEU A 77 5.52 -4.43 1.22
C LEU A 77 5.85 -3.14 1.98
N LEU A 78 4.81 -2.41 2.37
CA LEU A 78 5.00 -1.15 3.11
C LEU A 78 5.54 -1.42 4.53
N TRP A 79 5.03 -2.48 5.16
CA TRP A 79 5.43 -2.85 6.52
C TRP A 79 6.79 -3.55 6.58
N SER A 80 7.39 -3.84 5.42
CA SER A 80 8.68 -4.54 5.37
C SER A 80 9.78 -3.77 6.13
N TRP A 81 9.81 -2.45 6.01
CA TRP A 81 10.81 -1.65 6.71
C TRP A 81 10.35 -1.32 8.13
N ALA A 82 9.67 -0.19 8.28
CA ALA A 82 9.14 0.22 9.58
C ALA A 82 7.63 0.05 9.60
N GLN A 83 6.92 1.06 9.13
CA GLN A 83 5.47 1.02 9.04
C GLN A 83 5.07 1.07 7.57
N LYS A 84 5.55 2.10 6.87
CA LYS A 84 5.32 2.22 5.44
C LYS A 84 6.64 2.53 4.76
N ASN A 85 7.39 3.48 5.36
CA ASN A 85 8.71 3.91 4.88
C ASN A 85 8.72 4.16 3.36
N LYS A 86 7.62 4.69 2.86
CA LYS A 86 7.49 4.96 1.43
C LYS A 86 6.81 6.30 1.23
N THR A 87 6.94 6.86 0.03
CA THR A 87 6.31 8.13 -0.25
C THR A 87 5.24 7.97 -1.33
N ILE A 88 4.28 8.87 -1.33
CA ILE A 88 3.18 8.84 -2.28
C ILE A 88 3.70 8.95 -3.71
N GLY A 89 4.71 9.78 -3.92
CA GLY A 89 5.28 9.96 -5.25
C GLY A 89 5.86 8.67 -5.81
N ASP A 90 6.52 7.90 -4.94
CA ASP A 90 7.13 6.62 -5.35
C ASP A 90 6.08 5.62 -5.82
N LEU A 91 4.99 5.51 -5.05
CA LEU A 91 3.91 4.57 -5.40
C LEU A 91 3.10 5.05 -6.59
N LEU A 92 3.08 6.36 -6.83
CA LEU A 92 2.34 6.93 -7.96
C LEU A 92 2.83 6.38 -9.30
N GLN A 93 4.15 6.19 -9.41
CA GLN A 93 4.73 5.66 -10.64
C GLN A 93 4.20 4.26 -10.91
N VAL A 94 4.12 3.45 -9.84
CA VAL A 94 3.61 2.10 -9.91
C VAL A 94 2.09 2.10 -10.17
N LEU A 95 1.40 3.02 -9.49
CA LEU A 95 -0.05 3.17 -9.61
C LEU A 95 -0.47 3.48 -11.04
N GLN A 96 0.32 4.30 -11.73
CA GLN A 96 0.02 4.66 -13.11
C GLN A 96 0.05 3.43 -14.02
N GLU A 97 1.01 2.54 -13.78
CA GLU A 97 1.13 1.32 -14.57
C GLU A 97 -0.06 0.40 -14.34
N MET A 98 -0.49 0.28 -13.09
CA MET A 98 -1.63 -0.56 -12.74
C MET A 98 -2.95 0.05 -13.24
N GLY A 99 -3.07 1.37 -13.15
CA GLY A 99 -4.27 2.04 -13.59
C GLY A 99 -5.38 2.02 -12.55
N HIS A 100 -5.02 2.00 -11.27
CA HIS A 100 -6.00 1.96 -10.20
C HIS A 100 -6.58 3.36 -9.95
N ARG A 101 -7.83 3.55 -10.36
CA ARG A 101 -8.52 4.83 -10.22
C ARG A 101 -8.76 5.24 -8.77
N ARG A 102 -9.14 4.28 -7.93
CA ARG A 102 -9.43 4.56 -6.52
C ARG A 102 -8.19 5.10 -5.80
N ALA A 103 -7.04 4.52 -6.12
CA ALA A 103 -5.78 4.93 -5.51
C ALA A 103 -5.49 6.39 -5.85
N ILE A 104 -5.78 6.78 -7.08
CA ILE A 104 -5.58 8.15 -7.54
C ILE A 104 -6.45 9.13 -6.75
N HIS A 105 -7.72 8.77 -6.54
CA HIS A 105 -8.64 9.63 -5.81
C HIS A 105 -8.22 9.82 -4.35
N LEU A 106 -7.76 8.75 -3.70
CA LEU A 106 -7.35 8.83 -2.30
C LEU A 106 -5.94 9.39 -2.13
N ILE A 107 -5.13 9.30 -3.19
CA ILE A 107 -3.75 9.80 -3.14
C ILE A 107 -3.72 11.32 -2.88
N THR A 108 -4.84 11.98 -3.16
CA THR A 108 -4.96 13.42 -2.97
C THR A 108 -5.02 13.79 -1.49
N ASN A 109 -5.20 12.79 -0.62
CA ASN A 109 -5.28 13.01 0.82
C ASN A 109 -3.88 13.10 1.45
N TYR A 110 -2.86 13.28 0.62
CA TYR A 110 -1.49 13.39 1.09
C TYR A 110 -1.09 14.86 1.28
N GLY A 111 -0.64 15.19 2.49
CA GLY A 111 -0.23 16.55 2.78
C GLY A 111 0.99 16.60 3.69
N ALA A 112 2.15 16.26 3.14
CA ALA A 112 3.39 16.27 3.91
C ALA A 112 4.58 16.62 3.03
N VAL A 113 5.64 17.15 3.64
CA VAL A 113 6.83 17.54 2.91
C VAL A 113 8.09 17.06 3.66
N LEU A 114 9.11 16.68 2.88
CA LEU A 114 10.39 16.20 3.43
C LEU A 114 10.20 14.92 4.24
N SER A 115 9.34 14.03 3.75
CA SER A 115 9.06 12.77 4.42
C SER A 115 10.19 11.75 4.18
N PRO A 116 10.35 10.76 5.08
CA PRO A 116 11.38 9.73 4.97
C PRO A 116 11.25 8.90 3.69
N SER A 117 12.38 8.51 3.12
CA SER A 117 12.40 7.71 1.90
C SER A 117 13.08 6.38 2.15
N GLU A 118 12.66 5.35 1.40
CA GLU A 118 13.23 4.01 1.55
C GLU A 118 14.68 3.97 1.07
N LYS A 119 15.46 3.06 1.64
CA LYS A 119 16.87 2.93 1.29
C LYS A 119 17.04 2.09 0.03
N SER A 120 15.96 1.43 -0.41
CA SER A 120 15.97 0.59 -1.61
C SER A 120 17.03 -0.52 -1.51
N TYR A 121 17.13 -1.11 -0.32
CA TYR A 121 18.10 -2.17 -0.07
C TYR A 121 17.39 -3.51 0.14
N GLN A 122 17.79 -4.51 -0.64
CA GLN A 122 17.19 -5.86 -0.57
C GLN A 122 15.72 -5.84 -1.02
N GLU A 123 14.80 -5.83 -0.05
CA GLU A 123 13.39 -5.83 -0.36
C GLU A 123 12.71 -4.57 0.19
N GLY A 124 11.80 -3.99 -0.59
CA GLY A 124 11.11 -2.80 -0.16
C GLY A 124 11.73 -1.54 -0.71
#